data_2H95
# 
_entry.id   2H95 
# 
_audit_conform.dict_name       mmcif_pdbx.dic 
_audit_conform.dict_version    5.392 
_audit_conform.dict_location   http://mmcif.pdb.org/dictionaries/ascii/mmcif_pdbx.dic 
# 
loop_
_database_2.database_id 
_database_2.database_code 
_database_2.pdbx_database_accession 
_database_2.pdbx_DOI 
PDB   2H95         pdb_00002h95 10.2210/pdb2h95/pdb 
RCSB  RCSB038085   ?            ?                   
WWPDB D_1000038085 ?            ?                   
# 
loop_
_pdbx_audit_revision_history.ordinal 
_pdbx_audit_revision_history.data_content_type 
_pdbx_audit_revision_history.major_revision 
_pdbx_audit_revision_history.minor_revision 
_pdbx_audit_revision_history.revision_date 
1 'Structure model' 1 0 2007-04-24 
2 'Structure model' 1 1 2008-05-01 
3 'Structure model' 1 2 2011-07-13 
4 'Structure model' 1 3 2022-03-09 
5 'Structure model' 1 4 2024-05-29 
# 
_pdbx_audit_revision_details.ordinal             1 
_pdbx_audit_revision_details.revision_ordinal    1 
_pdbx_audit_revision_details.data_content_type   'Structure model' 
_pdbx_audit_revision_details.provider            repository 
_pdbx_audit_revision_details.type                'Initial release' 
_pdbx_audit_revision_details.description         ? 
_pdbx_audit_revision_details.details             ? 
# 
loop_
_pdbx_audit_revision_group.ordinal 
_pdbx_audit_revision_group.revision_ordinal 
_pdbx_audit_revision_group.data_content_type 
_pdbx_audit_revision_group.group 
1 2 'Structure model' 'Version format compliance' 
2 3 'Structure model' 'Version format compliance' 
3 4 'Structure model' 'Data collection'           
4 4 'Structure model' 'Database references'       
5 4 'Structure model' 'Derived calculations'      
6 5 'Structure model' 'Data collection'           
# 
loop_
_pdbx_audit_revision_category.ordinal 
_pdbx_audit_revision_category.revision_ordinal 
_pdbx_audit_revision_category.data_content_type 
_pdbx_audit_revision_category.category 
1 4 'Structure model' database_2            
2 4 'Structure model' pdbx_nmr_spectrometer 
3 4 'Structure model' pdbx_struct_assembly  
4 4 'Structure model' pdbx_struct_oper_list 
5 5 'Structure model' chem_comp_atom        
6 5 'Structure model' chem_comp_bond        
# 
loop_
_pdbx_audit_revision_item.ordinal 
_pdbx_audit_revision_item.revision_ordinal 
_pdbx_audit_revision_item.data_content_type 
_pdbx_audit_revision_item.item 
1 4 'Structure model' '_database_2.pdbx_DOI'                
2 4 'Structure model' '_database_2.pdbx_database_accession' 
3 4 'Structure model' '_pdbx_nmr_spectrometer.model'        
# 
_pdbx_database_status.status_code                     REL 
_pdbx_database_status.entry_id                        2H95 
_pdbx_database_status.recvd_initial_deposition_date   2006-06-08 
_pdbx_database_status.deposit_site                    RCSB 
_pdbx_database_status.process_site                    RCSB 
_pdbx_database_status.status_code_sf                  ? 
_pdbx_database_status.status_code_mr                  REL 
_pdbx_database_status.SG_entry                        ? 
_pdbx_database_status.pdb_format_compatible           Y 
_pdbx_database_status.status_code_cs                  ? 
_pdbx_database_status.status_code_nmr_data            ? 
_pdbx_database_status.methods_development_category    ? 
# 
loop_
_audit_author.name 
_audit_author.pdbx_ordinal 
'Hu, J.'      1 
'Asbury, T.'  2 
'Cross, T.A.' 3 
# 
_citation.id                        primary 
_citation.title                     
'Backbone structure of the amantadine-blocked trans-membrane domain m2 proton channel from influenza a virus.' 
_citation.journal_abbrev            Biophys.J. 
_citation.journal_volume            92 
_citation.page_first                4335 
_citation.page_last                 4343 
_citation.year                      2007 
_citation.journal_id_ASTM           BIOJAU 
_citation.country                   US 
_citation.journal_id_ISSN           0006-3495 
_citation.journal_id_CSD            0030 
_citation.book_publisher            ? 
_citation.pdbx_database_id_PubMed   17384070 
_citation.pdbx_database_id_DOI      10.1529/biophysj.106.090183 
# 
loop_
_citation_author.citation_id 
_citation_author.name 
_citation_author.ordinal 
_citation_author.identifier_ORCID 
primary 'Hu, J.'       1 ? 
primary 'Asbury, T.'   2 ? 
primary 'Achuthan, S.' 3 ? 
primary 'Li, C.'       4 ? 
primary 'Bertram, R.'  5 ? 
primary 'Quine, J.R.'  6 ? 
primary 'Fu, R.'       7 ? 
primary 'Cross, T.A.'  8 ? 
# 
_entity.id                         1 
_entity.type                       polymer 
_entity.src_method                 syn 
_entity.pdbx_description           'Matrix protein 2' 
_entity.formula_weight             1958.496 
_entity.pdbx_number_of_molecules   4 
_entity.pdbx_ec                    ? 
_entity.pdbx_mutation              ? 
_entity.pdbx_fragment              'TRANSMEMBRANE DOMAIN (RESIDUES 26-43)' 
_entity.details                    ? 
# 
_entity_poly.entity_id                      1 
_entity_poly.type                           'polypeptide(L)' 
_entity_poly.nstd_linkage                   no 
_entity_poly.nstd_monomer                   no 
_entity_poly.pdbx_seq_one_letter_code       LVVAASIIGILHLILWIL 
_entity_poly.pdbx_seq_one_letter_code_can   LVVAASIIGILHLILWIL 
_entity_poly.pdbx_strand_id                 A,B,C,D 
_entity_poly.pdbx_target_identifier         ? 
# 
loop_
_entity_poly_seq.entity_id 
_entity_poly_seq.num 
_entity_poly_seq.mon_id 
_entity_poly_seq.hetero 
1 1  LEU n 
1 2  VAL n 
1 3  VAL n 
1 4  ALA n 
1 5  ALA n 
1 6  SER n 
1 7  ILE n 
1 8  ILE n 
1 9  GLY n 
1 10 ILE n 
1 11 LEU n 
1 12 HIS n 
1 13 LEU n 
1 14 ILE n 
1 15 LEU n 
1 16 TRP n 
1 17 ILE n 
1 18 LEU n 
# 
_pdbx_entity_src_syn.entity_id              1 
_pdbx_entity_src_syn.pdbx_src_id            1 
_pdbx_entity_src_syn.pdbx_alt_source_flag   sample 
_pdbx_entity_src_syn.pdbx_beg_seq_num       ? 
_pdbx_entity_src_syn.pdbx_end_seq_num       ? 
_pdbx_entity_src_syn.organism_scientific    ? 
_pdbx_entity_src_syn.organism_common_name   ? 
_pdbx_entity_src_syn.ncbi_taxonomy_id       ? 
_pdbx_entity_src_syn.details                
;THE PEPTIDE WAS SYNTHESIZED USING SOLID PHASE PEPTIDE SYNTHESIS. THIS SEQUENCE OCCURS NATURALLY IN THE INFLUENZA A VIRUS (UDORN/72).
;
# 
loop_
_chem_comp.id 
_chem_comp.type 
_chem_comp.mon_nstd_flag 
_chem_comp.name 
_chem_comp.pdbx_synonyms 
_chem_comp.formula 
_chem_comp.formula_weight 
ALA 'L-peptide linking' y ALANINE    ? 'C3 H7 N O2'     89.093  
GLY 'peptide linking'   y GLYCINE    ? 'C2 H5 N O2'     75.067  
HIS 'L-peptide linking' y HISTIDINE  ? 'C6 H10 N3 O2 1' 156.162 
ILE 'L-peptide linking' y ISOLEUCINE ? 'C6 H13 N O2'    131.173 
LEU 'L-peptide linking' y LEUCINE    ? 'C6 H13 N O2'    131.173 
SER 'L-peptide linking' y SERINE     ? 'C3 H7 N O3'     105.093 
TRP 'L-peptide linking' y TRYPTOPHAN ? 'C11 H12 N2 O2'  204.225 
VAL 'L-peptide linking' y VALINE     ? 'C5 H11 N O2'    117.146 
# 
loop_
_pdbx_poly_seq_scheme.asym_id 
_pdbx_poly_seq_scheme.entity_id 
_pdbx_poly_seq_scheme.seq_id 
_pdbx_poly_seq_scheme.mon_id 
_pdbx_poly_seq_scheme.ndb_seq_num 
_pdbx_poly_seq_scheme.pdb_seq_num 
_pdbx_poly_seq_scheme.auth_seq_num 
_pdbx_poly_seq_scheme.pdb_mon_id 
_pdbx_poly_seq_scheme.auth_mon_id 
_pdbx_poly_seq_scheme.pdb_strand_id 
_pdbx_poly_seq_scheme.pdb_ins_code 
_pdbx_poly_seq_scheme.hetero 
A 1 1  LEU 1  26 26 LEU LEU A . n 
A 1 2  VAL 2  27 27 VAL VAL A . n 
A 1 3  VAL 3  28 28 VAL VAL A . n 
A 1 4  ALA 4  29 29 ALA ALA A . n 
A 1 5  ALA 5  30 30 ALA ALA A . n 
A 1 6  SER 6  31 31 SER SER A . n 
A 1 7  ILE 7  32 32 ILE ILE A . n 
A 1 8  ILE 8  33 33 ILE ILE A . n 
A 1 9  GLY 9  34 34 GLY GLY A . n 
A 1 10 ILE 10 35 35 ILE ILE A . n 
A 1 11 LEU 11 36 36 LEU LEU A . n 
A 1 12 HIS 12 37 37 HIS HIS A . n 
A 1 13 LEU 13 38 38 LEU LEU A . n 
A 1 14 ILE 14 39 39 ILE ILE A . n 
A 1 15 LEU 15 40 40 LEU LEU A . n 
A 1 16 TRP 16 41 41 TRP TRP A . n 
A 1 17 ILE 17 42 42 ILE ILE A . n 
A 1 18 LEU 18 43 43 LEU LEU A . n 
B 1 1  LEU 1  26 26 LEU LEU B . n 
B 1 2  VAL 2  27 27 VAL VAL B . n 
B 1 3  VAL 3  28 28 VAL VAL B . n 
B 1 4  ALA 4  29 29 ALA ALA B . n 
B 1 5  ALA 5  30 30 ALA ALA B . n 
B 1 6  SER 6  31 31 SER SER B . n 
B 1 7  ILE 7  32 32 ILE ILE B . n 
B 1 8  ILE 8  33 33 ILE ILE B . n 
B 1 9  GLY 9  34 34 GLY GLY B . n 
B 1 10 ILE 10 35 35 ILE ILE B . n 
B 1 11 LEU 11 36 36 LEU LEU B . n 
B 1 12 HIS 12 37 37 HIS HIS B . n 
B 1 13 LEU 13 38 38 LEU LEU B . n 
B 1 14 ILE 14 39 39 ILE ILE B . n 
B 1 15 LEU 15 40 40 LEU LEU B . n 
B 1 16 TRP 16 41 41 TRP TRP B . n 
B 1 17 ILE 17 42 42 ILE ILE B . n 
B 1 18 LEU 18 43 43 LEU LEU B . n 
C 1 1  LEU 1  26 26 LEU LEU C . n 
C 1 2  VAL 2  27 27 VAL VAL C . n 
C 1 3  VAL 3  28 28 VAL VAL C . n 
C 1 4  ALA 4  29 29 ALA ALA C . n 
C 1 5  ALA 5  30 30 ALA ALA C . n 
C 1 6  SER 6  31 31 SER SER C . n 
C 1 7  ILE 7  32 32 ILE ILE C . n 
C 1 8  ILE 8  33 33 ILE ILE C . n 
C 1 9  GLY 9  34 34 GLY GLY C . n 
C 1 10 ILE 10 35 35 ILE ILE C . n 
C 1 11 LEU 11 36 36 LEU LEU C . n 
C 1 12 HIS 12 37 37 HIS HIS C . n 
C 1 13 LEU 13 38 38 LEU LEU C . n 
C 1 14 ILE 14 39 39 ILE ILE C . n 
C 1 15 LEU 15 40 40 LEU LEU C . n 
C 1 16 TRP 16 41 41 TRP TRP C . n 
C 1 17 ILE 17 42 42 ILE ILE C . n 
C 1 18 LEU 18 43 43 LEU LEU C . n 
D 1 1  LEU 1  26 26 LEU LEU D . n 
D 1 2  VAL 2  27 27 VAL VAL D . n 
D 1 3  VAL 3  28 28 VAL VAL D . n 
D 1 4  ALA 4  29 29 ALA ALA D . n 
D 1 5  ALA 5  30 30 ALA ALA D . n 
D 1 6  SER 6  31 31 SER SER D . n 
D 1 7  ILE 7  32 32 ILE ILE D . n 
D 1 8  ILE 8  33 33 ILE ILE D . n 
D 1 9  GLY 9  34 34 GLY GLY D . n 
D 1 10 ILE 10 35 35 ILE ILE D . n 
D 1 11 LEU 11 36 36 LEU LEU D . n 
D 1 12 HIS 12 37 37 HIS HIS D . n 
D 1 13 LEU 13 38 38 LEU LEU D . n 
D 1 14 ILE 14 39 39 ILE ILE D . n 
D 1 15 LEU 15 40 40 LEU LEU D . n 
D 1 16 TRP 16 41 41 TRP TRP D . n 
D 1 17 ILE 17 42 42 ILE ILE D . n 
D 1 18 LEU 18 43 43 LEU LEU D . n 
# 
_cell.entry_id           2H95 
_cell.length_a           1.000 
_cell.length_b           1.000 
_cell.length_c           1.000 
_cell.angle_alpha        90.00 
_cell.angle_beta         90.00 
_cell.angle_gamma        90.00 
_cell.Z_PDB              1 
_cell.pdbx_unique_axis   ? 
# 
_symmetry.entry_id                         2H95 
_symmetry.space_group_name_H-M             'P 1' 
_symmetry.pdbx_full_space_group_name_H-M   ? 
_symmetry.cell_setting                     ? 
_symmetry.Int_Tables_number                1 
# 
_exptl.entry_id          2H95 
_exptl.method            'SOLID-STATE NMR' 
_exptl.crystals_number   ? 
# 
_exptl_crystal.id                    1 
_exptl_crystal.density_meas          ? 
_exptl_crystal.density_Matthews      ? 
_exptl_crystal.density_percent_sol   ? 
_exptl_crystal.description           ? 
# 
_diffrn.id                     1 
_diffrn.ambient_temp           ? 
_diffrn.ambient_temp_details   ? 
_diffrn.crystal_id             1 
# 
_diffrn_radiation.diffrn_id                        1 
_diffrn_radiation.wavelength_id                    1 
_diffrn_radiation.monochromator                    ? 
_diffrn_radiation.pdbx_monochromatic_or_laue_m_l   M 
_diffrn_radiation.pdbx_diffrn_protocol             'SINGLE WAVELENGTH' 
_diffrn_radiation.pdbx_scattering_type             ? 
# 
_diffrn_radiation_wavelength.id           1 
_diffrn_radiation_wavelength.wavelength   . 
_diffrn_radiation_wavelength.wt           1.0 
# 
_struct.entry_id                  2H95 
_struct.title                     
'Structure of the Amantadine-Blocked Influenza A M2 Proton Channel Trans-membrane Domain by Solid-state NMR spectroscopy' 
_struct.pdbx_model_details        ? 
_struct.pdbx_CASP_flag            ? 
_struct.pdbx_model_type_details   ? 
# 
_struct_keywords.entry_id        2H95 
_struct_keywords.pdbx_keywords   'MEMBRANE PROTEIN' 
_struct_keywords.text            'ALPHA HELIX, PROTEIN-LIGAND, MEMBRANE PROTEIN' 
# 
loop_
_struct_asym.id 
_struct_asym.pdbx_blank_PDB_chainid_flag 
_struct_asym.pdbx_modified 
_struct_asym.entity_id 
_struct_asym.details 
A N N 1 ? 
B N N 1 ? 
C N N 1 ? 
D N N 1 ? 
# 
_struct_ref.id                         1 
_struct_ref.db_name                    UNP 
_struct_ref.db_code                    M2_IAUSS 
_struct_ref.pdbx_db_accession          P35938 
_struct_ref.entity_id                  1 
_struct_ref.pdbx_seq_one_letter_code   LVVAASIIGILHLILWIL 
_struct_ref.pdbx_align_begin           26 
_struct_ref.pdbx_db_isoform            ? 
# 
loop_
_struct_ref_seq.align_id 
_struct_ref_seq.ref_id 
_struct_ref_seq.pdbx_PDB_id_code 
_struct_ref_seq.pdbx_strand_id 
_struct_ref_seq.seq_align_beg 
_struct_ref_seq.pdbx_seq_align_beg_ins_code 
_struct_ref_seq.seq_align_end 
_struct_ref_seq.pdbx_seq_align_end_ins_code 
_struct_ref_seq.pdbx_db_accession 
_struct_ref_seq.db_align_beg 
_struct_ref_seq.pdbx_db_align_beg_ins_code 
_struct_ref_seq.db_align_end 
_struct_ref_seq.pdbx_db_align_end_ins_code 
_struct_ref_seq.pdbx_auth_seq_align_beg 
_struct_ref_seq.pdbx_auth_seq_align_end 
1 1 2H95 A 1 ? 18 ? P35938 26 ? 43 ? 26 43 
2 1 2H95 B 1 ? 18 ? P35938 26 ? 43 ? 26 43 
3 1 2H95 C 1 ? 18 ? P35938 26 ? 43 ? 26 43 
4 1 2H95 D 1 ? 18 ? P35938 26 ? 43 ? 26 43 
# 
_pdbx_struct_assembly.id                   1 
_pdbx_struct_assembly.details              author_defined_assembly 
_pdbx_struct_assembly.method_details       ? 
_pdbx_struct_assembly.oligomeric_details   tetrameric 
_pdbx_struct_assembly.oligomeric_count     4 
# 
_pdbx_struct_assembly_gen.assembly_id       1 
_pdbx_struct_assembly_gen.oper_expression   1 
_pdbx_struct_assembly_gen.asym_id_list      A,B,C,D 
# 
_pdbx_struct_oper_list.id                   1 
_pdbx_struct_oper_list.type                 'identity operation' 
_pdbx_struct_oper_list.name                 1_555 
_pdbx_struct_oper_list.symmetry_operation   x,y,z 
_pdbx_struct_oper_list.matrix[1][1]         1.0000000000 
_pdbx_struct_oper_list.matrix[1][2]         0.0000000000 
_pdbx_struct_oper_list.matrix[1][3]         0.0000000000 
_pdbx_struct_oper_list.vector[1]            0.0000000000 
_pdbx_struct_oper_list.matrix[2][1]         0.0000000000 
_pdbx_struct_oper_list.matrix[2][2]         1.0000000000 
_pdbx_struct_oper_list.matrix[2][3]         0.0000000000 
_pdbx_struct_oper_list.vector[2]            0.0000000000 
_pdbx_struct_oper_list.matrix[3][1]         0.0000000000 
_pdbx_struct_oper_list.matrix[3][2]         0.0000000000 
_pdbx_struct_oper_list.matrix[3][3]         1.0000000000 
_pdbx_struct_oper_list.vector[3]            0.0000000000 
# 
_struct_biol.id   1 
# 
loop_
_struct_conf.conf_type_id 
_struct_conf.id 
_struct_conf.pdbx_PDB_helix_id 
_struct_conf.beg_label_comp_id 
_struct_conf.beg_label_asym_id 
_struct_conf.beg_label_seq_id 
_struct_conf.pdbx_beg_PDB_ins_code 
_struct_conf.end_label_comp_id 
_struct_conf.end_label_asym_id 
_struct_conf.end_label_seq_id 
_struct_conf.pdbx_end_PDB_ins_code 
_struct_conf.beg_auth_comp_id 
_struct_conf.beg_auth_asym_id 
_struct_conf.beg_auth_seq_id 
_struct_conf.end_auth_comp_id 
_struct_conf.end_auth_asym_id 
_struct_conf.end_auth_seq_id 
_struct_conf.pdbx_PDB_helix_class 
_struct_conf.details 
_struct_conf.pdbx_PDB_helix_length 
HELX_P HELX_P1 1 LEU A 1 ? LEU A 18 ? LEU A 26 LEU A 43 1 ? 18 
HELX_P HELX_P2 2 LEU B 1 ? LEU B 18 ? LEU B 26 LEU B 43 1 ? 18 
HELX_P HELX_P3 3 LEU C 1 ? LEU C 18 ? LEU C 26 LEU C 43 1 ? 18 
HELX_P HELX_P4 4 LEU D 1 ? LEU D 18 ? LEU D 26 LEU D 43 1 ? 18 
# 
_struct_conf_type.id          HELX_P 
_struct_conf_type.criteria    ? 
_struct_conf_type.reference   ? 
# 
_pdbx_nmr_ensemble.entry_id                                      2H95 
_pdbx_nmr_ensemble.conformers_calculated_total_number            72 
_pdbx_nmr_ensemble.conformers_submitted_total_number             1 
_pdbx_nmr_ensemble.conformer_selection_criteria                  'structures with the lowest energy' 
_pdbx_nmr_ensemble.average_constraints_per_residue               ? 
_pdbx_nmr_ensemble.average_constraint_violations_per_residue     ? 
_pdbx_nmr_ensemble.maximum_distance_constraint_violation         ? 
_pdbx_nmr_ensemble.average_distance_constraint_violation         ? 
_pdbx_nmr_ensemble.maximum_upper_distance_constraint_violation   ? 
_pdbx_nmr_ensemble.maximum_lower_distance_constraint_violation   ? 
_pdbx_nmr_ensemble.distance_constraint_violation_method          ? 
_pdbx_nmr_ensemble.maximum_torsion_angle_constraint_violation    ? 
_pdbx_nmr_ensemble.average_torsion_angle_constraint_violation    ? 
_pdbx_nmr_ensemble.torsion_angle_constraint_violation_method     ? 
# 
_pdbx_nmr_representative.entry_id             2H95 
_pdbx_nmr_representative.conformer_id         1 
_pdbx_nmr_representative.selection_criteria   'lowest energy' 
# 
_pdbx_nmr_sample_details.solution_id      1 
_pdbx_nmr_sample_details.contents         
;M2-TMD (~120 mg) and DMPC (~75 mg) were first co-dissolved in 10 ml TFE, followed by the removal of the solvent under vacuum. The peptide/lipid mixture was rehydrated and sonicated to make liposomes in a citrate-borate-phosphate (CBP) buffer (pH 8.8) with 1 mM EDTA and 10 mM amantadine at 310 K. The liposomes were pelleted by ultracentrifugation . Then the pellet was spread on glass slides and dehydrated in a 75% humidity chamber. The dehydrated slides were rehydrated with 1.5 microl liter CBP buffer per slide followed by being stacked into a glass tube and incubated at 316 K for 24 hours in 96% relative humidity. Finally, the glass tube was sealed at both ends with epoxy and two glasscaps.
;
_pdbx_nmr_sample_details.solvent_system   'oriented peptide/lipid bilayer of M2_TMD and DMPC' 
# 
_pdbx_nmr_exptl_sample_conditions.conditions_id       1 
_pdbx_nmr_exptl_sample_conditions.temperature         308 
_pdbx_nmr_exptl_sample_conditions.pressure            AMBIENT 
_pdbx_nmr_exptl_sample_conditions.pH                  8.8 
_pdbx_nmr_exptl_sample_conditions.ionic_strength      ? 
_pdbx_nmr_exptl_sample_conditions.pressure_units      . 
_pdbx_nmr_exptl_sample_conditions.temperature_units   K 
# 
_pdbx_nmr_exptl.experiment_id   1 
_pdbx_nmr_exptl.conditions_id   1 
_pdbx_nmr_exptl.type            'solid-State NMR PISEMA' 
_pdbx_nmr_exptl.solution_id     1 
# 
_pdbx_nmr_refine.entry_id           2H95 
_pdbx_nmr_refine.method             'ENERGY MINIMIZATION WITH ORIENTATIONAL CONSTRAINTS' 
_pdbx_nmr_refine.details            
;REFINEMENT WAS CARRIED OUT IN VACUO ON INITIAL MONOMER COORDINATES CONSISTING OF TWO ALPHA-HELICAL FRAGMENTS (3.6 RESIDUES PER TURN) HAVING TILT AND ROTATIONAL ORIENTATIONS WITH RESPECT TO THE BILAYER DERIVED FROM PISEMA DIPOLAR WAVE ANALYSIS.  ENERGY MINIMIZATION USED A GLOBAL PENALTY FUNCTION INCORPORATING ORIENTATIONAL RESTRAINTS, HYDROGEN BONDING AND THE CHARMM EMPIRICAL FUNCTION. THE ORIENTATIONAL RESTRAINTS IMPOSED ON THE STRUCTURE DURING REFINEMENT ARE 16 15N CHEMICAL SHIFTS AND 16 15N-1H DIPOLAR COUPLINGS FROM PISEMA EXPERIMENTS.  A SYMMETRIC, TETRAMERIC BUNDLE MODEL OF M2-TMD WAS CONSTRUCTED BY A SERIES OF RIGID-BODY TRANSFORMATIONS OF THE REFINED M2-TMD MONOMER. THE RESULTING HOMO-TETRAMER IS THE LOWEST FREE ENERGY CONFORMER BASED ON ROTATIONAL CONFORMATIONAL SEARCH.  NOTE THAT THE HIS37 AND TRP41 SIDECHAIN POSITIONS ARE CONSISTENT WITH MEASURED ORIENTATIONAL CONSTRAINTS. THE ROTAMERIC STATES OF OTHER RESIDUES ARE TAKEN FROM A BACKBONE DEPENDENT SIDECHAIN ROTAMER LIBRARY (SCRWL).
;
_pdbx_nmr_refine.software_ordinal   1 
# 
_pdbx_nmr_software.classification   refinement 
_pdbx_nmr_software.name             XPLOR-NIH 
_pdbx_nmr_software.version          2.9.9 
_pdbx_nmr_software.authors          'Schwieters, Kuszewski, Tjandra, Clore' 
_pdbx_nmr_software.ordinal          1 
# 
loop_
_chem_comp_atom.comp_id 
_chem_comp_atom.atom_id 
_chem_comp_atom.type_symbol 
_chem_comp_atom.pdbx_aromatic_flag 
_chem_comp_atom.pdbx_stereo_config 
_chem_comp_atom.pdbx_ordinal 
ALA N    N N N 1   
ALA CA   C N S 2   
ALA C    C N N 3   
ALA O    O N N 4   
ALA CB   C N N 5   
ALA OXT  O N N 6   
ALA H    H N N 7   
ALA H2   H N N 8   
ALA HA   H N N 9   
ALA HB1  H N N 10  
ALA HB2  H N N 11  
ALA HB3  H N N 12  
ALA HXT  H N N 13  
GLY N    N N N 14  
GLY CA   C N N 15  
GLY C    C N N 16  
GLY O    O N N 17  
GLY OXT  O N N 18  
GLY H    H N N 19  
GLY H2   H N N 20  
GLY HA2  H N N 21  
GLY HA3  H N N 22  
GLY HXT  H N N 23  
HIS N    N N N 24  
HIS CA   C N S 25  
HIS C    C N N 26  
HIS O    O N N 27  
HIS CB   C N N 28  
HIS CG   C Y N 29  
HIS ND1  N Y N 30  
HIS CD2  C Y N 31  
HIS CE1  C Y N 32  
HIS NE2  N Y N 33  
HIS OXT  O N N 34  
HIS H    H N N 35  
HIS H2   H N N 36  
HIS HA   H N N 37  
HIS HB2  H N N 38  
HIS HB3  H N N 39  
HIS HD1  H N N 40  
HIS HD2  H N N 41  
HIS HE1  H N N 42  
HIS HE2  H N N 43  
HIS HXT  H N N 44  
ILE N    N N N 45  
ILE CA   C N S 46  
ILE C    C N N 47  
ILE O    O N N 48  
ILE CB   C N S 49  
ILE CG1  C N N 50  
ILE CG2  C N N 51  
ILE CD1  C N N 52  
ILE OXT  O N N 53  
ILE H    H N N 54  
ILE H2   H N N 55  
ILE HA   H N N 56  
ILE HB   H N N 57  
ILE HG12 H N N 58  
ILE HG13 H N N 59  
ILE HG21 H N N 60  
ILE HG22 H N N 61  
ILE HG23 H N N 62  
ILE HD11 H N N 63  
ILE HD12 H N N 64  
ILE HD13 H N N 65  
ILE HXT  H N N 66  
LEU N    N N N 67  
LEU CA   C N S 68  
LEU C    C N N 69  
LEU O    O N N 70  
LEU CB   C N N 71  
LEU CG   C N N 72  
LEU CD1  C N N 73  
LEU CD2  C N N 74  
LEU OXT  O N N 75  
LEU H    H N N 76  
LEU H2   H N N 77  
LEU HA   H N N 78  
LEU HB2  H N N 79  
LEU HB3  H N N 80  
LEU HG   H N N 81  
LEU HD11 H N N 82  
LEU HD12 H N N 83  
LEU HD13 H N N 84  
LEU HD21 H N N 85  
LEU HD22 H N N 86  
LEU HD23 H N N 87  
LEU HXT  H N N 88  
SER N    N N N 89  
SER CA   C N S 90  
SER C    C N N 91  
SER O    O N N 92  
SER CB   C N N 93  
SER OG   O N N 94  
SER OXT  O N N 95  
SER H    H N N 96  
SER H2   H N N 97  
SER HA   H N N 98  
SER HB2  H N N 99  
SER HB3  H N N 100 
SER HG   H N N 101 
SER HXT  H N N 102 
TRP N    N N N 103 
TRP CA   C N S 104 
TRP C    C N N 105 
TRP O    O N N 106 
TRP CB   C N N 107 
TRP CG   C Y N 108 
TRP CD1  C Y N 109 
TRP CD2  C Y N 110 
TRP NE1  N Y N 111 
TRP CE2  C Y N 112 
TRP CE3  C Y N 113 
TRP CZ2  C Y N 114 
TRP CZ3  C Y N 115 
TRP CH2  C Y N 116 
TRP OXT  O N N 117 
TRP H    H N N 118 
TRP H2   H N N 119 
TRP HA   H N N 120 
TRP HB2  H N N 121 
TRP HB3  H N N 122 
TRP HD1  H N N 123 
TRP HE1  H N N 124 
TRP HE3  H N N 125 
TRP HZ2  H N N 126 
TRP HZ3  H N N 127 
TRP HH2  H N N 128 
TRP HXT  H N N 129 
VAL N    N N N 130 
VAL CA   C N S 131 
VAL C    C N N 132 
VAL O    O N N 133 
VAL CB   C N N 134 
VAL CG1  C N N 135 
VAL CG2  C N N 136 
VAL OXT  O N N 137 
VAL H    H N N 138 
VAL H2   H N N 139 
VAL HA   H N N 140 
VAL HB   H N N 141 
VAL HG11 H N N 142 
VAL HG12 H N N 143 
VAL HG13 H N N 144 
VAL HG21 H N N 145 
VAL HG22 H N N 146 
VAL HG23 H N N 147 
VAL HXT  H N N 148 
# 
loop_
_chem_comp_bond.comp_id 
_chem_comp_bond.atom_id_1 
_chem_comp_bond.atom_id_2 
_chem_comp_bond.value_order 
_chem_comp_bond.pdbx_aromatic_flag 
_chem_comp_bond.pdbx_stereo_config 
_chem_comp_bond.pdbx_ordinal 
ALA N   CA   sing N N 1   
ALA N   H    sing N N 2   
ALA N   H2   sing N N 3   
ALA CA  C    sing N N 4   
ALA CA  CB   sing N N 5   
ALA CA  HA   sing N N 6   
ALA C   O    doub N N 7   
ALA C   OXT  sing N N 8   
ALA CB  HB1  sing N N 9   
ALA CB  HB2  sing N N 10  
ALA CB  HB3  sing N N 11  
ALA OXT HXT  sing N N 12  
GLY N   CA   sing N N 13  
GLY N   H    sing N N 14  
GLY N   H2   sing N N 15  
GLY CA  C    sing N N 16  
GLY CA  HA2  sing N N 17  
GLY CA  HA3  sing N N 18  
GLY C   O    doub N N 19  
GLY C   OXT  sing N N 20  
GLY OXT HXT  sing N N 21  
HIS N   CA   sing N N 22  
HIS N   H    sing N N 23  
HIS N   H2   sing N N 24  
HIS CA  C    sing N N 25  
HIS CA  CB   sing N N 26  
HIS CA  HA   sing N N 27  
HIS C   O    doub N N 28  
HIS C   OXT  sing N N 29  
HIS CB  CG   sing N N 30  
HIS CB  HB2  sing N N 31  
HIS CB  HB3  sing N N 32  
HIS CG  ND1  sing Y N 33  
HIS CG  CD2  doub Y N 34  
HIS ND1 CE1  doub Y N 35  
HIS ND1 HD1  sing N N 36  
HIS CD2 NE2  sing Y N 37  
HIS CD2 HD2  sing N N 38  
HIS CE1 NE2  sing Y N 39  
HIS CE1 HE1  sing N N 40  
HIS NE2 HE2  sing N N 41  
HIS OXT HXT  sing N N 42  
ILE N   CA   sing N N 43  
ILE N   H    sing N N 44  
ILE N   H2   sing N N 45  
ILE CA  C    sing N N 46  
ILE CA  CB   sing N N 47  
ILE CA  HA   sing N N 48  
ILE C   O    doub N N 49  
ILE C   OXT  sing N N 50  
ILE CB  CG1  sing N N 51  
ILE CB  CG2  sing N N 52  
ILE CB  HB   sing N N 53  
ILE CG1 CD1  sing N N 54  
ILE CG1 HG12 sing N N 55  
ILE CG1 HG13 sing N N 56  
ILE CG2 HG21 sing N N 57  
ILE CG2 HG22 sing N N 58  
ILE CG2 HG23 sing N N 59  
ILE CD1 HD11 sing N N 60  
ILE CD1 HD12 sing N N 61  
ILE CD1 HD13 sing N N 62  
ILE OXT HXT  sing N N 63  
LEU N   CA   sing N N 64  
LEU N   H    sing N N 65  
LEU N   H2   sing N N 66  
LEU CA  C    sing N N 67  
LEU CA  CB   sing N N 68  
LEU CA  HA   sing N N 69  
LEU C   O    doub N N 70  
LEU C   OXT  sing N N 71  
LEU CB  CG   sing N N 72  
LEU CB  HB2  sing N N 73  
LEU CB  HB3  sing N N 74  
LEU CG  CD1  sing N N 75  
LEU CG  CD2  sing N N 76  
LEU CG  HG   sing N N 77  
LEU CD1 HD11 sing N N 78  
LEU CD1 HD12 sing N N 79  
LEU CD1 HD13 sing N N 80  
LEU CD2 HD21 sing N N 81  
LEU CD2 HD22 sing N N 82  
LEU CD2 HD23 sing N N 83  
LEU OXT HXT  sing N N 84  
SER N   CA   sing N N 85  
SER N   H    sing N N 86  
SER N   H2   sing N N 87  
SER CA  C    sing N N 88  
SER CA  CB   sing N N 89  
SER CA  HA   sing N N 90  
SER C   O    doub N N 91  
SER C   OXT  sing N N 92  
SER CB  OG   sing N N 93  
SER CB  HB2  sing N N 94  
SER CB  HB3  sing N N 95  
SER OG  HG   sing N N 96  
SER OXT HXT  sing N N 97  
TRP N   CA   sing N N 98  
TRP N   H    sing N N 99  
TRP N   H2   sing N N 100 
TRP CA  C    sing N N 101 
TRP CA  CB   sing N N 102 
TRP CA  HA   sing N N 103 
TRP C   O    doub N N 104 
TRP C   OXT  sing N N 105 
TRP CB  CG   sing N N 106 
TRP CB  HB2  sing N N 107 
TRP CB  HB3  sing N N 108 
TRP CG  CD1  doub Y N 109 
TRP CG  CD2  sing Y N 110 
TRP CD1 NE1  sing Y N 111 
TRP CD1 HD1  sing N N 112 
TRP CD2 CE2  doub Y N 113 
TRP CD2 CE3  sing Y N 114 
TRP NE1 CE2  sing Y N 115 
TRP NE1 HE1  sing N N 116 
TRP CE2 CZ2  sing Y N 117 
TRP CE3 CZ3  doub Y N 118 
TRP CE3 HE3  sing N N 119 
TRP CZ2 CH2  doub Y N 120 
TRP CZ2 HZ2  sing N N 121 
TRP CZ3 CH2  sing Y N 122 
TRP CZ3 HZ3  sing N N 123 
TRP CH2 HH2  sing N N 124 
TRP OXT HXT  sing N N 125 
VAL N   CA   sing N N 126 
VAL N   H    sing N N 127 
VAL N   H2   sing N N 128 
VAL CA  C    sing N N 129 
VAL CA  CB   sing N N 130 
VAL CA  HA   sing N N 131 
VAL C   O    doub N N 132 
VAL C   OXT  sing N N 133 
VAL CB  CG1  sing N N 134 
VAL CB  CG2  sing N N 135 
VAL CB  HB   sing N N 136 
VAL CG1 HG11 sing N N 137 
VAL CG1 HG12 sing N N 138 
VAL CG1 HG13 sing N N 139 
VAL CG2 HG21 sing N N 140 
VAL CG2 HG22 sing N N 141 
VAL CG2 HG23 sing N N 142 
VAL OXT HXT  sing N N 143 
# 
_pdbx_nmr_spectrometer.spectrometer_id   1 
_pdbx_nmr_spectrometer.model             AVANCE 
_pdbx_nmr_spectrometer.manufacturer      Bruker 
_pdbx_nmr_spectrometer.field_strength    400 
_pdbx_nmr_spectrometer.type              ? 
# 
_atom_sites.entry_id                    2H95 
_atom_sites.fract_transf_matrix[1][1]   1.000000 
_atom_sites.fract_transf_matrix[1][2]   0.000000 
_atom_sites.fract_transf_matrix[1][3]   0.000000 
_atom_sites.fract_transf_matrix[2][1]   0.000000 
_atom_sites.fract_transf_matrix[2][2]   1.000000 
_atom_sites.fract_transf_matrix[2][3]   0.000000 
_atom_sites.fract_transf_matrix[3][1]   0.000000 
_atom_sites.fract_transf_matrix[3][2]   0.000000 
_atom_sites.fract_transf_matrix[3][3]   1.000000 
_atom_sites.fract_transf_vector[1]      0.00000 
_atom_sites.fract_transf_vector[2]      0.00000 
_atom_sites.fract_transf_vector[3]      0.00000 
# 
loop_
_atom_type.symbol 
C 
H 
N 
O 
# 
loop_
_atom_site.group_PDB 
_atom_site.id 
_atom_site.type_symbol 
_atom_site.label_atom_id 
_atom_site.label_alt_id 
_atom_site.label_comp_id 
_atom_site.label_asym_id 
_atom_site.label_entity_id 
_atom_site.label_seq_id 
_atom_site.pdbx_PDB_ins_code 
_atom_site.Cartn_x 
_atom_site.Cartn_y 
_atom_site.Cartn_z 
_atom_site.occupancy 
_atom_site.B_iso_or_equiv 
_atom_site.pdbx_formal_charge 
_atom_site.auth_seq_id 
_atom_site.auth_comp_id 
_atom_site.auth_asym_id 
_atom_site.auth_atom_id 
_atom_site.pdbx_PDB_model_num 
ATOM 1    N N    . LEU A 1 1  ? -7.628  5.168   10.736  1.00 0.00 ? 26 LEU A N    1 
ATOM 2    C CA   . LEU A 1 1  ? -6.861  4.248   9.849   1.00 0.00 ? 26 LEU A CA   1 
ATOM 3    C C    . LEU A 1 1  ? -6.226  5.060   8.717   1.00 0.00 ? 26 LEU A C    1 
ATOM 4    O O    . LEU A 1 1  ? -5.082  4.861   8.364   1.00 0.00 ? 26 LEU A O    1 
ATOM 5    C CB   . LEU A 1 1  ? -7.813  3.209   9.254   1.00 0.00 ? 26 LEU A CB   1 
ATOM 6    C CG   . LEU A 1 1  ? -8.554  2.486   10.380  1.00 0.00 ? 26 LEU A CG   1 
ATOM 7    C CD1  . LEU A 1 1  ? -9.476  1.422   9.783   1.00 0.00 ? 26 LEU A CD1  1 
ATOM 8    C CD2  . LEU A 1 1  ? -7.541  1.817   11.312  1.00 0.00 ? 26 LEU A CD2  1 
ATOM 9    H HA   . LEU A 1 1  ? -6.088  3.752   10.416  1.00 0.00 ? 26 LEU A HA   1 
ATOM 10   H HB2  . LEU A 1 1  ? -8.528  3.704   8.613   1.00 0.00 ? 26 LEU A HB2  1 
ATOM 11   H HB3  . LEU A 1 1  ? -7.249  2.491   8.677   1.00 0.00 ? 26 LEU A HB3  1 
ATOM 12   H HG   . LEU A 1 1  ? -9.143  3.200   10.938  1.00 0.00 ? 26 LEU A HG   1 
ATOM 13   H HD11 . LEU A 1 1  ? -9.630  1.627   8.734   1.00 0.00 ? 26 LEU A HD11 1 
ATOM 14   H HD12 . LEU A 1 1  ? -10.427 1.440   10.296  1.00 0.00 ? 26 LEU A HD12 1 
ATOM 15   H HD13 . LEU A 1 1  ? -9.023  0.447   9.898   1.00 0.00 ? 26 LEU A HD13 1 
ATOM 16   H HD21 . LEU A 1 1  ? -7.748  0.759   11.369  1.00 0.00 ? 26 LEU A HD21 1 
ATOM 17   H HD22 . LEU A 1 1  ? -7.617  2.252   12.297  1.00 0.00 ? 26 LEU A HD22 1 
ATOM 18   H HD23 . LEU A 1 1  ? -6.542  1.969   10.928  1.00 0.00 ? 26 LEU A HD23 1 
ATOM 19   N N    . VAL A 1 2  ? -6.956  5.979   8.148   1.00 0.00 ? 27 VAL A N    1 
ATOM 20   C CA   . VAL A 1 2  ? -6.396  6.806   7.041   1.00 0.00 ? 27 VAL A CA   1 
ATOM 21   C C    . VAL A 1 2  ? -5.257  7.677   7.575   1.00 0.00 ? 27 VAL A C    1 
ATOM 22   O O    . VAL A 1 2  ? -4.242  7.856   6.932   1.00 0.00 ? 27 VAL A O    1 
ATOM 23   C CB   . VAL A 1 2  ? -7.508  7.710   6.506   1.00 0.00 ? 27 VAL A CB   1 
ATOM 24   C CG1  . VAL A 1 2  ? -6.956  8.631   5.415   1.00 0.00 ? 27 VAL A CG1  1 
ATOM 25   C CG2  . VAL A 1 2  ? -8.632  6.849   5.926   1.00 0.00 ? 27 VAL A CG2  1 
ATOM 26   H H    . VAL A 1 2  ? -7.878  6.145   8.435   1.00 0.00 ? 27 VAL A H    1 
ATOM 27   H HA   . VAL A 1 2  ? -6.034  6.168   6.249   1.00 0.00 ? 27 VAL A HA   1 
ATOM 28   H HB   . VAL A 1 2  ? -7.896  8.308   7.316   1.00 0.00 ? 27 VAL A HB   1 
ATOM 29   H HG11 . VAL A 1 2  ? -7.326  8.311   4.452   1.00 0.00 ? 27 VAL A HG11 1 
ATOM 30   H HG12 . VAL A 1 2  ? -5.877  8.592   5.418   1.00 0.00 ? 27 VAL A HG12 1 
ATOM 31   H HG13 . VAL A 1 2  ? -7.279  9.644   5.606   1.00 0.00 ? 27 VAL A HG13 1 
ATOM 32   H HG21 . VAL A 1 2  ? -8.578  6.863   4.847   1.00 0.00 ? 27 VAL A HG21 1 
ATOM 33   H HG22 . VAL A 1 2  ? -9.586  7.243   6.244   1.00 0.00 ? 27 VAL A HG22 1 
ATOM 34   H HG23 . VAL A 1 2  ? -8.527  5.833   6.278   1.00 0.00 ? 27 VAL A HG23 1 
ATOM 35   N N    . VAL A 1 3  ? -5.421  8.217   8.752   1.00 0.00 ? 28 VAL A N    1 
ATOM 36   C CA   . VAL A 1 3  ? -4.354  9.082   9.330   1.00 0.00 ? 28 VAL A CA   1 
ATOM 37   C C    . VAL A 1 3  ? -3.106  8.232   9.577   1.00 0.00 ? 28 VAL A C    1 
ATOM 38   O O    . VAL A 1 3  ? -2.002  8.615   9.243   1.00 0.00 ? 28 VAL A O    1 
ATOM 39   C CB   . VAL A 1 3  ? -4.830  9.678   10.656  1.00 0.00 ? 28 VAL A CB   1 
ATOM 40   C CG1  . VAL A 1 3  ? -3.662  10.385  11.342  1.00 0.00 ? 28 VAL A CG1  1 
ATOM 41   C CG2  . VAL A 1 3  ? -5.951  10.686  10.390  1.00 0.00 ? 28 VAL A CG2  1 
ATOM 42   H H    . VAL A 1 3  ? -6.250  8.049   9.247   1.00 0.00 ? 28 VAL A H    1 
ATOM 43   H HA   . VAL A 1 3  ? -4.120  9.877   8.638   1.00 0.00 ? 28 VAL A HA   1 
ATOM 44   H HB   . VAL A 1 3  ? -5.198  8.887   11.295  1.00 0.00 ? 28 VAL A HB   1 
ATOM 45   H HG11 . VAL A 1 3  ? -3.026  10.837  10.595  1.00 0.00 ? 28 VAL A HG11 1 
ATOM 46   H HG12 . VAL A 1 3  ? -3.091  9.667   11.913  1.00 0.00 ? 28 VAL A HG12 1 
ATOM 47   H HG13 . VAL A 1 3  ? -4.040  11.152  12.002  1.00 0.00 ? 28 VAL A HG13 1 
ATOM 48   H HG21 . VAL A 1 3  ? -5.528  11.592  9.978   1.00 0.00 ? 28 VAL A HG21 1 
ATOM 49   H HG22 . VAL A 1 3  ? -6.457  10.914  11.316  1.00 0.00 ? 28 VAL A HG22 1 
ATOM 50   H HG23 . VAL A 1 3  ? -6.655  10.266  9.689   1.00 0.00 ? 28 VAL A HG23 1 
ATOM 51   N N    . ALA A 1 4  ? -3.277  7.079   10.166  1.00 0.00 ? 29 ALA A N    1 
ATOM 52   C CA   . ALA A 1 4  ? -2.107  6.198   10.443  1.00 0.00 ? 29 ALA A CA   1 
ATOM 53   C C    . ALA A 1 4  ? -1.519  5.687   9.127   1.00 0.00 ? 29 ALA A C    1 
ATOM 54   O O    . ALA A 1 4  ? -0.329  5.771   8.895   1.00 0.00 ? 29 ALA A O    1 
ATOM 55   C CB   . ALA A 1 4  ? -2.556  5.005   11.290  1.00 0.00 ? 29 ALA A CB   1 
ATOM 56   H H    . ALA A 1 4  ? -4.178  6.799   10.431  1.00 0.00 ? 29 ALA A H    1 
ATOM 57   H HA   . ALA A 1 4  ? -1.355  6.756   10.980  1.00 0.00 ? 29 ALA A HA   1 
ATOM 58   H HB1  . ALA A 1 4  ? -3.522  5.214   11.725  1.00 0.00 ? 29 ALA A HB1  1 
ATOM 59   H HB2  . ALA A 1 4  ? -1.837  4.831   12.077  1.00 0.00 ? 29 ALA A HB2  1 
ATOM 60   H HB3  . ALA A 1 4  ? -2.625  4.127   10.665  1.00 0.00 ? 29 ALA A HB3  1 
ATOM 61   N N    . ALA A 1 5  ? -2.339  5.163   8.258   1.00 0.00 ? 30 ALA A N    1 
ATOM 62   C CA   . ALA A 1 5  ? -1.819  4.650   6.959   1.00 0.00 ? 30 ALA A CA   1 
ATOM 63   C C    . ALA A 1 5  ? -1.100  5.783   6.222   1.00 0.00 ? 30 ALA A C    1 
ATOM 64   O O    . ALA A 1 5  ? -0.102  5.574   5.561   1.00 0.00 ? 30 ALA A O    1 
ATOM 65   C CB   . ALA A 1 5  ? -2.990  4.155   6.108   1.00 0.00 ? 30 ALA A CB   1 
ATOM 66   H H    . ALA A 1 5  ? -3.299  5.114   8.449   1.00 0.00 ? 30 ALA A H    1 
ATOM 67   H HA   . ALA A 1 5  ? -1.131  3.837   7.137   1.00 0.00 ? 30 ALA A HA   1 
ATOM 68   H HB1  . ALA A 1 5  ? -3.598  4.997   5.809   1.00 0.00 ? 30 ALA A HB1  1 
ATOM 69   H HB2  . ALA A 1 5  ? -3.589  3.466   6.685   1.00 0.00 ? 30 ALA A HB2  1 
ATOM 70   H HB3  . ALA A 1 5  ? -2.612  3.655   5.229   1.00 0.00 ? 30 ALA A HB3  1 
ATOM 71   N N    . SER A 1 6  ? -1.600  6.982   6.333   1.00 0.00 ? 31 SER A N    1 
ATOM 72   C CA   . SER A 1 6  ? -0.951  8.131   5.641   1.00 0.00 ? 31 SER A CA   1 
ATOM 73   C C    . SER A 1 6  ? 0.437   8.372   6.240   1.00 0.00 ? 31 SER A C    1 
ATOM 74   O O    . SER A 1 6  ? 1.394   8.620   5.533   1.00 0.00 ? 31 SER A O    1 
ATOM 75   C CB   . SER A 1 6  ? -1.806  9.384   5.826   1.00 0.00 ? 31 SER A CB   1 
ATOM 76   O OG   . SER A 1 6  ? -1.802  9.756   7.197   1.00 0.00 ? 31 SER A OG   1 
ATOM 77   H H    . SER A 1 6  ? -2.406  7.128   6.871   1.00 0.00 ? 31 SER A H    1 
ATOM 78   H HA   . SER A 1 6  ? -0.856  7.912   4.588   1.00 0.00 ? 31 SER A HA   1 
ATOM 79   H HB2  . SER A 1 6  ? -1.399  10.191  5.239   1.00 0.00 ? 31 SER A HB2  1 
ATOM 80   H HB3  . SER A 1 6  ? -2.818  9.180   5.500   1.00 0.00 ? 31 SER A HB3  1 
ATOM 81   H HG   . SER A 1 6  ? -2.625  10.214  7.385   1.00 0.00 ? 31 SER A HG   1 
ATOM 82   N N    . ILE A 1 7  ? 0.553   8.301   7.539   1.00 0.00 ? 32 ILE A N    1 
ATOM 83   C CA   . ILE A 1 7  ? 1.879   8.527   8.179   1.00 0.00 ? 32 ILE A CA   1 
ATOM 84   C C    . ILE A 1 7  ? 2.818   7.370   7.831   1.00 0.00 ? 32 ILE A C    1 
ATOM 85   O O    . ILE A 1 7  ? 3.935   7.573   7.396   1.00 0.00 ? 32 ILE A O    1 
ATOM 86   C CB   . ILE A 1 7  ? 1.706   8.599   9.698   1.00 0.00 ? 32 ILE A CB   1 
ATOM 87   C CG1  . ILE A 1 7  ? 0.772   9.760   10.050  1.00 0.00 ? 32 ILE A CG1  1 
ATOM 88   C CG2  . ILE A 1 7  ? 3.068   8.824   10.357  1.00 0.00 ? 32 ILE A CG2  1 
ATOM 89   C CD1  . ILE A 1 7  ? 0.295   9.611   11.496  1.00 0.00 ? 32 ILE A CD1  1 
ATOM 90   H H    . ILE A 1 7  ? -0.232  8.096   8.089   1.00 0.00 ? 32 ILE A H    1 
ATOM 91   H HA   . ILE A 1 7  ? 2.300   9.455   7.821   1.00 0.00 ? 32 ILE A HA   1 
ATOM 92   H HB   . ILE A 1 7  ? 1.282   7.672   10.055  1.00 0.00 ? 32 ILE A HB   1 
ATOM 93   H HG12 . ILE A 1 7  ? 1.304   10.695  9.941   1.00 0.00 ? 32 ILE A HG12 1 
ATOM 94   H HG13 . ILE A 1 7  ? -0.080  9.751   9.388   1.00 0.00 ? 32 ILE A HG13 1 
ATOM 95   H HG21 . ILE A 1 7  ? 3.505   7.869   10.613  1.00 0.00 ? 32 ILE A HG21 1 
ATOM 96   H HG22 . ILE A 1 7  ? 2.941   9.413   11.253  1.00 0.00 ? 32 ILE A HG22 1 
ATOM 97   H HG23 . ILE A 1 7  ? 3.719   9.346   9.670   1.00 0.00 ? 32 ILE A HG23 1 
ATOM 98   H HD11 . ILE A 1 7  ? -0.695  9.178   11.505  1.00 0.00 ? 32 ILE A HD11 1 
ATOM 99   H HD12 . ILE A 1 7  ? 0.267   10.582  11.968  1.00 0.00 ? 32 ILE A HD12 1 
ATOM 100  H HD13 . ILE A 1 7  ? 0.974   8.966   12.035  1.00 0.00 ? 32 ILE A HD13 1 
ATOM 101  N N    . ILE A 1 8  ? 2.374   6.158   8.018   1.00 0.00 ? 33 ILE A N    1 
ATOM 102  C CA   . ILE A 1 8  ? 3.240   4.987   7.702   1.00 0.00 ? 33 ILE A CA   1 
ATOM 103  C C    . ILE A 1 8  ? 3.505   4.926   6.196   1.00 0.00 ? 33 ILE A C    1 
ATOM 104  O O    . ILE A 1 8  ? 4.608   4.657   5.763   1.00 0.00 ? 33 ILE A O    1 
ATOM 105  C CB   . ILE A 1 8  ? 2.542   3.702   8.147   1.00 0.00 ? 33 ILE A CB   1 
ATOM 106  C CG1  . ILE A 1 8  ? 2.196   3.799   9.636   1.00 0.00 ? 33 ILE A CG1  1 
ATOM 107  C CG2  . ILE A 1 8  ? 3.472   2.509   7.918   1.00 0.00 ? 33 ILE A CG2  1 
ATOM 108  C CD1  . ILE A 1 8  ? 1.249   2.659   10.014  1.00 0.00 ? 33 ILE A CD1  1 
ATOM 109  H H    . ILE A 1 8  ? 1.471   6.015   8.373   1.00 0.00 ? 33 ILE A H    1 
ATOM 110  H HA   . ILE A 1 8  ? 4.180   5.084   8.226   1.00 0.00 ? 33 ILE A HA   1 
ATOM 111  H HB   . ILE A 1 8  ? 1.637   3.568   7.573   1.00 0.00 ? 33 ILE A HB   1 
ATOM 112  H HG12 . ILE A 1 8  ? 3.102   3.726   10.220  1.00 0.00 ? 33 ILE A HG12 1 
ATOM 113  H HG13 . ILE A 1 8  ? 1.715   4.745   9.834   1.00 0.00 ? 33 ILE A HG13 1 
ATOM 114  H HG21 . ILE A 1 8  ? 2.973   1.601   8.221   1.00 0.00 ? 33 ILE A HG21 1 
ATOM 115  H HG22 . ILE A 1 8  ? 4.372   2.637   8.500   1.00 0.00 ? 33 ILE A HG22 1 
ATOM 116  H HG23 . ILE A 1 8  ? 3.726   2.448   6.870   1.00 0.00 ? 33 ILE A HG23 1 
ATOM 117  H HD11 . ILE A 1 8  ? 0.755   2.292   9.127   1.00 0.00 ? 33 ILE A HD11 1 
ATOM 118  H HD12 . ILE A 1 8  ? 0.511   3.023   10.713  1.00 0.00 ? 33 ILE A HD12 1 
ATOM 119  H HD13 . ILE A 1 8  ? 1.814   1.859   10.470  1.00 0.00 ? 33 ILE A HD13 1 
ATOM 120  N N    . GLY A 1 9  ? 2.510   5.172   5.388   1.00 0.00 ? 34 GLY A N    1 
ATOM 121  C CA   . GLY A 1 9  ? 2.721   5.120   3.915   1.00 0.00 ? 34 GLY A CA   1 
ATOM 122  C C    . GLY A 1 9  ? 3.729   6.195   3.500   1.00 0.00 ? 34 GLY A C    1 
ATOM 123  O O    . GLY A 1 9  ? 4.604   5.958   2.690   1.00 0.00 ? 34 GLY A O    1 
ATOM 124  H H    . GLY A 1 9  ? 1.623   5.392   5.741   1.00 0.00 ? 34 GLY A H    1 
ATOM 125  H HA2  . GLY A 1 9  ? 3.099   4.146   3.639   1.00 0.00 ? 34 GLY A HA2  1 
ATOM 126  H HA3  . GLY A 1 9  ? 1.784   5.299   3.411   1.00 0.00 ? 34 GLY A HA3  1 
ATOM 127  N N    . ILE A 1 10 ? 3.617   7.374   4.046   1.00 0.00 ? 35 ILE A N    1 
ATOM 128  C CA   . ILE A 1 10 ? 4.572   8.459   3.680   1.00 0.00 ? 35 ILE A CA   1 
ATOM 129  C C    . ILE A 1 10 ? 5.989   8.057   4.095   1.00 0.00 ? 35 ILE A C    1 
ATOM 130  O O    . ILE A 1 10 ? 6.867   7.899   3.270   1.00 0.00 ? 35 ILE A O    1 
ATOM 131  C CB   . ILE A 1 10 ? 4.172   9.746   4.403   1.00 0.00 ? 35 ILE A CB   1 
ATOM 132  C CG1  . ILE A 1 10 ? 2.793   10.194  3.912   1.00 0.00 ? 35 ILE A CG1  1 
ATOM 133  C CG2  . ILE A 1 10 ? 5.197   10.843  4.110   1.00 0.00 ? 35 ILE A CG2  1 
ATOM 134  C CD1  . ILE A 1 10 ? 2.194   11.188  4.909   1.00 0.00 ? 35 ILE A CD1  1 
ATOM 135  H H    . ILE A 1 10 ? 2.906   7.552   4.697   1.00 0.00 ? 35 ILE A H    1 
ATOM 136  H HA   . ILE A 1 10 ? 4.540   8.621   2.612   1.00 0.00 ? 35 ILE A HA   1 
ATOM 137  H HB   . ILE A 1 10 ? 4.136   9.563   5.468   1.00 0.00 ? 35 ILE A HB   1 
ATOM 138  H HG12 . ILE A 1 10 ? 2.891   10.666  2.946   1.00 0.00 ? 35 ILE A HG12 1 
ATOM 139  H HG13 . ILE A 1 10 ? 2.144   9.335   3.831   1.00 0.00 ? 35 ILE A HG13 1 
ATOM 140  H HG21 . ILE A 1 10 ? 6.161   10.395  3.918   1.00 0.00 ? 35 ILE A HG21 1 
ATOM 141  H HG22 . ILE A 1 10 ? 5.270   11.503  4.961   1.00 0.00 ? 35 ILE A HG22 1 
ATOM 142  H HG23 . ILE A 1 10 ? 4.884   11.406  3.243   1.00 0.00 ? 35 ILE A HG23 1 
ATOM 143  H HD11 . ILE A 1 10 ? 2.697   12.139  4.816   1.00 0.00 ? 35 ILE A HD11 1 
ATOM 144  H HD12 . ILE A 1 10 ? 2.318   10.812  5.914   1.00 0.00 ? 35 ILE A HD12 1 
ATOM 145  H HD13 . ILE A 1 10 ? 1.142   11.316  4.702   1.00 0.00 ? 35 ILE A HD13 1 
ATOM 146  N N    . LEU A 1 11 ? 6.219   7.896   5.369   1.00 0.00 ? 36 LEU A N    1 
ATOM 147  C CA   . LEU A 1 11 ? 7.580   7.512   5.838   1.00 0.00 ? 36 LEU A CA   1 
ATOM 148  C C    . LEU A 1 11 ? 7.971   6.162   5.232   1.00 0.00 ? 36 LEU A C    1 
ATOM 149  O O    . LEU A 1 11 ? 9.099   5.953   4.832   1.00 0.00 ? 36 LEU A O    1 
ATOM 150  C CB   . LEU A 1 11 ? 7.587   7.404   7.364   1.00 0.00 ? 36 LEU A CB   1 
ATOM 151  C CG   . LEU A 1 11 ? 6.989   8.676   7.970   1.00 0.00 ? 36 LEU A CG   1 
ATOM 152  C CD1  . LEU A 1 11 ? 6.918   8.533   9.490   1.00 0.00 ? 36 LEU A CD1  1 
ATOM 153  C CD2  . LEU A 1 11 ? 7.870   9.874   7.611   1.00 0.00 ? 36 LEU A CD2  1 
ATOM 154  H H    . LEU A 1 11 ? 5.497   8.041   6.015   1.00 0.00 ? 36 LEU A H    1 
ATOM 155  H HA   . LEU A 1 11 ? 8.290   8.263   5.527   1.00 0.00 ? 36 LEU A HA   1 
ATOM 156  H HB2  . LEU A 1 11 ? 7.002   6.550   7.668   1.00 0.00 ? 36 LEU A HB2  1 
ATOM 157  H HB3  . LEU A 1 11 ? 8.603   7.288   7.712   1.00 0.00 ? 36 LEU A HB3  1 
ATOM 158  H HG   . LEU A 1 11 ? 5.993   8.827   7.576   1.00 0.00 ? 36 LEU A HG   1 
ATOM 159  H HD11 . LEU A 1 11 ? 6.127   9.158   9.875   1.00 0.00 ? 36 LEU A HD11 1 
ATOM 160  H HD12 . LEU A 1 11 ? 7.859   8.837   9.923   1.00 0.00 ? 36 LEU A HD12 1 
ATOM 161  H HD13 . LEU A 1 11 ? 6.721   7.503   9.746   1.00 0.00 ? 36 LEU A HD13 1 
ATOM 162  H HD21 . LEU A 1 11 ? 8.447   9.645   6.727   1.00 0.00 ? 36 LEU A HD21 1 
ATOM 163  H HD22 . LEU A 1 11 ? 8.538   10.088  8.432   1.00 0.00 ? 36 LEU A HD22 1 
ATOM 164  H HD23 . LEU A 1 11 ? 7.247   10.735  7.420   1.00 0.00 ? 36 LEU A HD23 1 
ATOM 165  N N    . HIS A 1 12 ? 7.048   5.242   5.161   1.00 0.00 ? 37 HIS A N    1 
ATOM 166  C CA   . HIS A 1 12 ? 7.365   3.904   4.584   1.00 0.00 ? 37 HIS A CA   1 
ATOM 167  C C    . HIS A 1 12 ? 7.794   4.064   3.124   1.00 0.00 ? 37 HIS A C    1 
ATOM 168  O O    . HIS A 1 12 ? 8.721   3.422   2.666   1.00 0.00 ? 37 HIS A O    1 
ATOM 169  C CB   . HIS A 1 12 ? 6.121   3.020   4.667   1.00 0.00 ? 37 HIS A CB   1 
ATOM 170  C CG   . HIS A 1 12 ? 6.291   1.784   3.825   1.00 0.00 ? 37 HIS A CG   1 
ATOM 171  N ND1  . HIS A 1 12 ? 5.255   1.295   3.051   1.00 0.00 ? 37 HIS A ND1  1 
ATOM 172  C CD2  . HIS A 1 12 ? 7.333   0.895   3.665   1.00 0.00 ? 37 HIS A CD2  1 
ATOM 173  C CE1  . HIS A 1 12 ? 5.679   0.167   2.467   1.00 0.00 ? 37 HIS A CE1  1 
ATOM 174  N NE2  . HIS A 1 12 ? 6.933   -0.138  2.813   1.00 0.00 ? 37 HIS A NE2  1 
ATOM 175  H H    . HIS A 1 12 ? 6.144   5.429   5.490   1.00 0.00 ? 37 HIS A H    1 
ATOM 176  H HA   . HIS A 1 12 ? 8.169   3.452   5.147   1.00 0.00 ? 37 HIS A HA   1 
ATOM 177  H HB2  . HIS A 1 12 ? 5.954   2.730   5.693   1.00 0.00 ? 37 HIS A HB2  1 
ATOM 178  H HB3  . HIS A 1 12 ? 5.266   3.574   4.310   1.00 0.00 ? 37 HIS A HB3  1 
ATOM 179  H HD2  . HIS A 1 12 ? 8.312   0.998   4.110   1.00 0.00 ? 37 HIS A HD2  1 
ATOM 180  H HE1  . HIS A 1 12 ? 5.079   -0.427  1.795   1.00 0.00 ? 37 HIS A HE1  1 
ATOM 181  H HE2  . HIS A 1 12 ? 7.339   -1.013  2.688   1.00 0.00 ? 37 HIS A HE2  1 
ATOM 182  N N    . LEU A 1 13 ? 7.127   4.905   2.382   1.00 0.00 ? 38 LEU A N    1 
ATOM 183  C CA   . LEU A 1 13 ? 7.499   5.097   0.952   1.00 0.00 ? 38 LEU A CA   1 
ATOM 184  C C    . LEU A 1 13 ? 8.859   5.790   0.857   1.00 0.00 ? 38 LEU A C    1 
ATOM 185  O O    . LEU A 1 13 ? 9.676   5.462   0.021   1.00 0.00 ? 38 LEU A O    1 
ATOM 186  C CB   . LEU A 1 13 ? 6.446   5.977   0.275   1.00 0.00 ? 38 LEU A CB   1 
ATOM 187  C CG   . LEU A 1 13 ? 5.090   5.270   0.290   1.00 0.00 ? 38 LEU A CG   1 
ATOM 188  C CD1  . LEU A 1 13 ? 4.049   6.155   -0.397  1.00 0.00 ? 38 LEU A CD1  1 
ATOM 189  C CD2  . LEU A 1 13 ? 5.198   3.939   -0.457  1.00 0.00 ? 38 LEU A CD2  1 
ATOM 190  H H    . LEU A 1 13 ? 6.377   5.415   2.753   1.00 0.00 ? 38 LEU A H    1 
ATOM 191  H HA   . LEU A 1 13 ? 7.541   4.139   0.455   1.00 0.00 ? 38 LEU A HA   1 
ATOM 192  H HB2  . LEU A 1 13 ? 6.369   6.914   0.808   1.00 0.00 ? 38 LEU A HB2  1 
ATOM 193  H HB3  . LEU A 1 13 ? 6.739   6.169   -0.746  1.00 0.00 ? 38 LEU A HB3  1 
ATOM 194  H HG   . LEU A 1 13 ? 4.790   5.090   1.313   1.00 0.00 ? 38 LEU A HG   1 
ATOM 195  H HD11 . LEU A 1 13 ? 4.333   6.310   -1.427  1.00 0.00 ? 38 LEU A HD11 1 
ATOM 196  H HD12 . LEU A 1 13 ? 3.997   7.108   0.109   1.00 0.00 ? 38 LEU A HD12 1 
ATOM 197  H HD13 . LEU A 1 13 ? 3.083   5.673   -0.358  1.00 0.00 ? 38 LEU A HD13 1 
ATOM 198  H HD21 . LEU A 1 13 ? 4.235   3.449   -0.459  1.00 0.00 ? 38 LEU A HD21 1 
ATOM 199  H HD22 . LEU A 1 13 ? 5.922   3.307   0.036   1.00 0.00 ? 38 LEU A HD22 1 
ATOM 200  H HD23 . LEU A 1 13 ? 5.511   4.120   -1.474  1.00 0.00 ? 38 LEU A HD23 1 
ATOM 201  N N    . ILE A 1 14 ? 9.106   6.743   1.714   1.00 0.00 ? 39 ILE A N    1 
ATOM 202  C CA   . ILE A 1 14 ? 10.411  7.461   1.671   1.00 0.00 ? 39 ILE A CA   1 
ATOM 203  C C    . ILE A 1 14 ? 11.543  6.459   1.903   1.00 0.00 ? 39 ILE A C    1 
ATOM 204  O O    . ILE A 1 14 ? 12.531  6.448   1.196   1.00 0.00 ? 39 ILE A O    1 
ATOM 205  C CB   . ILE A 1 14 ? 10.453  8.530   2.763   1.00 0.00 ? 39 ILE A CB   1 
ATOM 206  C CG1  . ILE A 1 14 ? 9.380   9.587   2.489   1.00 0.00 ? 39 ILE A CG1  1 
ATOM 207  C CG2  . ILE A 1 14 ? 11.831  9.195   2.768   1.00 0.00 ? 39 ILE A CG2  1 
ATOM 208  C CD1  . ILE A 1 14 ? 9.311   10.560  3.667   1.00 0.00 ? 39 ILE A CD1  1 
ATOM 209  H H    . ILE A 1 14 ? 8.432   6.979   2.384   1.00 0.00 ? 39 ILE A H    1 
ATOM 210  H HA   . ILE A 1 14 ? 10.534  7.926   0.704   1.00 0.00 ? 39 ILE A HA   1 
ATOM 211  H HB   . ILE A 1 14 ? 10.272  8.070   3.724   1.00 0.00 ? 39 ILE A HB   1 
ATOM 212  H HG12 . ILE A 1 14 ? 9.629   10.127  1.588   1.00 0.00 ? 39 ILE A HG12 1 
ATOM 213  H HG13 . ILE A 1 14 ? 8.422   9.104   2.367   1.00 0.00 ? 39 ILE A HG13 1 
ATOM 214  H HG21 . ILE A 1 14 ? 12.144  9.379   1.750   1.00 0.00 ? 39 ILE A HG21 1 
ATOM 215  H HG22 . ILE A 1 14 ? 12.543  8.541   3.251   1.00 0.00 ? 39 ILE A HG22 1 
ATOM 216  H HG23 . ILE A 1 14 ? 11.778  10.130  3.304   1.00 0.00 ? 39 ILE A HG23 1 
ATOM 217  H HD11 . ILE A 1 14 ? 10.071  11.319  3.552   1.00 0.00 ? 39 ILE A HD11 1 
ATOM 218  H HD12 . ILE A 1 14 ? 9.477   10.022  4.588   1.00 0.00 ? 39 ILE A HD12 1 
ATOM 219  H HD13 . ILE A 1 14 ? 8.338   11.026  3.692   1.00 0.00 ? 39 ILE A HD13 1 
ATOM 220  N N    . LEU A 1 15 ? 11.408  5.618   2.892   1.00 0.00 ? 40 LEU A N    1 
ATOM 221  C CA   . LEU A 1 15 ? 12.474  4.618   3.181   1.00 0.00 ? 40 LEU A CA   1 
ATOM 222  C C    . LEU A 1 15 ? 12.774  3.778   1.938   1.00 0.00 ? 40 LEU A C    1 
ATOM 223  O O    . LEU A 1 15 ? 13.911  3.433   1.679   1.00 0.00 ? 40 LEU A O    1 
ATOM 224  C CB   . LEU A 1 15 ? 12.003  3.690   4.304   1.00 0.00 ? 40 LEU A CB   1 
ATOM 225  C CG   . LEU A 1 15 ? 11.647  4.517   5.541   1.00 0.00 ? 40 LEU A CG   1 
ATOM 226  C CD1  . LEU A 1 15 ? 11.263  3.577   6.685   1.00 0.00 ? 40 LEU A CD1  1 
ATOM 227  C CD2  . LEU A 1 15 ? 12.855  5.358   5.958   1.00 0.00 ? 40 LEU A CD2  1 
ATOM 228  H H    . LEU A 1 15 ? 10.605  5.639   3.455   1.00 0.00 ? 40 LEU A H    1 
ATOM 229  H HA   . LEU A 1 15 ? 13.373  5.127   3.494   1.00 0.00 ? 40 LEU A HA   1 
ATOM 230  H HB2  . LEU A 1 15 ? 11.131  3.145   3.974   1.00 0.00 ? 40 LEU A HB2  1 
ATOM 231  H HB3  . LEU A 1 15 ? 12.791  2.996   4.551   1.00 0.00 ? 40 LEU A HB3  1 
ATOM 232  H HG   . LEU A 1 15 ? 10.815  5.166   5.313   1.00 0.00 ? 40 LEU A HG   1 
ATOM 233  H HD11 . LEU A 1 15 ? 10.336  3.910   7.129   1.00 0.00 ? 40 LEU A HD11 1 
ATOM 234  H HD12 . LEU A 1 15 ? 12.042  3.581   7.433   1.00 0.00 ? 40 LEU A HD12 1 
ATOM 235  H HD13 . LEU A 1 15 ? 11.138  2.575   6.301   1.00 0.00 ? 40 LEU A HD13 1 
ATOM 236  H HD21 . LEU A 1 15 ? 13.269  5.852   5.092   1.00 0.00 ? 40 LEU A HD21 1 
ATOM 237  H HD22 . LEU A 1 15 ? 13.606  4.717   6.399   1.00 0.00 ? 40 LEU A HD22 1 
ATOM 238  H HD23 . LEU A 1 15 ? 12.545  6.098   6.682   1.00 0.00 ? 40 LEU A HD23 1 
ATOM 239  N N    . TRP A 1 16 ? 11.785  3.447   1.154   1.00 0.00 ? 41 TRP A N    1 
ATOM 240  C CA   . TRP A 1 16 ? 12.045  2.629   -0.064  1.00 0.00 ? 41 TRP A CA   1 
ATOM 241  C C    . TRP A 1 16 ? 12.915  3.421   -1.042  1.00 0.00 ? 41 TRP A C    1 
ATOM 242  O O    . TRP A 1 16 ? 13.856  2.903   -1.608  1.00 0.00 ? 41 TRP A O    1 
ATOM 243  C CB   . TRP A 1 16 ? 10.706  2.289   -0.721  1.00 0.00 ? 41 TRP A CB   1 
ATOM 244  C CG   . TRP A 1 16 ? 10.256  0.945   -0.245  1.00 0.00 ? 41 TRP A CG   1 
ATOM 245  C CD1  . TRP A 1 16 ? 9.067   0.681   0.362   1.00 0.00 ? 41 TRP A CD1  1 
ATOM 246  C CD2  . TRP A 1 16 ? 10.969  -0.327  -0.323  1.00 0.00 ? 41 TRP A CD2  1 
ATOM 247  N NE1  . TRP A 1 16 ? 9.018   -0.673  0.657   1.00 0.00 ? 41 TRP A NE1  1 
ATOM 248  C CE2  . TRP A 1 16 ? 10.160  -1.325  0.257   1.00 0.00 ? 41 TRP A CE2  1 
ATOM 249  C CE3  . TRP A 1 16 ? 12.227  -0.712  -0.832  1.00 0.00 ? 41 TRP A CE3  1 
ATOM 250  C CZ2  . TRP A 1 16 ? 10.572  -2.652  0.333   1.00 0.00 ? 41 TRP A CZ2  1 
ATOM 251  C CZ3  . TRP A 1 16 ? 12.644  -2.054  -0.757  1.00 0.00 ? 41 TRP A CZ3  1 
ATOM 252  C CH2  . TRP A 1 16 ? 11.815  -3.021  -0.174  1.00 0.00 ? 41 TRP A CH2  1 
ATOM 253  H H    . TRP A 1 16 ? 10.865  3.735   1.332   1.00 0.00 ? 41 TRP A H    1 
ATOM 254  H HA   . TRP A 1 16 ? 12.552  1.716   0.211   1.00 0.00 ? 41 TRP A HA   1 
ATOM 255  H HB2  . TRP A 1 16 ? 9.974   3.035   -0.448  1.00 0.00 ? 41 TRP A HB2  1 
ATOM 256  H HB3  . TRP A 1 16 ? 10.821  2.272   -1.796  1.00 0.00 ? 41 TRP A HB3  1 
ATOM 257  H HD1  . TRP A 1 16 ? 8.294   1.404   0.575   1.00 0.00 ? 41 TRP A HD1  1 
ATOM 258  H HE1  . TRP A 1 16 ? 8.295   -1.162  1.102   1.00 0.00 ? 41 TRP A HE1  1 
ATOM 259  H HE3  . TRP A 1 16 ? 12.874  0.025   -1.284  1.00 0.00 ? 41 TRP A HE3  1 
ATOM 260  H HZ2  . TRP A 1 16 ? 9.927   -3.394  0.782   1.00 0.00 ? 41 TRP A HZ2  1 
ATOM 261  H HZ3  . TRP A 1 16 ? 13.609  -2.341  -1.149  1.00 0.00 ? 41 TRP A HZ3  1 
ATOM 262  H HH2  . TRP A 1 16 ? 12.138  -4.050  -0.117  1.00 0.00 ? 41 TRP A HH2  1 
ATOM 263  N N    . ILE A 1 17 ? 12.609  4.673   -1.253  1.00 0.00 ? 42 ILE A N    1 
ATOM 264  C CA   . ILE A 1 17 ? 13.421  5.490   -2.198  1.00 0.00 ? 42 ILE A CA   1 
ATOM 265  C C    . ILE A 1 17 ? 14.880  5.514   -1.737  1.00 0.00 ? 42 ILE A C    1 
ATOM 266  O O    . ILE A 1 17 ? 15.792  5.451   -2.538  1.00 0.00 ? 42 ILE A O    1 
ATOM 267  C CB   . ILE A 1 17 ? 12.866  6.915   -2.227  1.00 0.00 ? 42 ILE A CB   1 
ATOM 268  C CG1  . ILE A 1 17 ? 11.356  6.861   -2.469  1.00 0.00 ? 42 ILE A CG1  1 
ATOM 269  C CG2  . ILE A 1 17 ? 13.533  7.707   -3.353  1.00 0.00 ? 42 ILE A CG2  1 
ATOM 270  C CD1  . ILE A 1 17 ? 10.757  8.259   -2.308  1.00 0.00 ? 42 ILE A CD1  1 
ATOM 271  H H    . ILE A 1 17 ? 11.844  5.083   -0.798  1.00 0.00 ? 42 ILE A H    1 
ATOM 272  H HA   . ILE A 1 17 ? 13.362  5.061   -3.187  1.00 0.00 ? 42 ILE A HA   1 
ATOM 273  H HB   . ILE A 1 17 ? 13.063  7.399   -1.282  1.00 0.00 ? 42 ILE A HB   1 
ATOM 274  H HG12 . ILE A 1 17 ? 11.165  6.499   -3.468  1.00 0.00 ? 42 ILE A HG12 1 
ATOM 275  H HG13 . ILE A 1 17 ? 10.901  6.193   -1.752  1.00 0.00 ? 42 ILE A HG13 1 
ATOM 276  H HG21 . ILE A 1 17 ? 13.109  7.412   -4.302  1.00 0.00 ? 42 ILE A HG21 1 
ATOM 277  H HG22 . ILE A 1 17 ? 14.594  7.509   -3.355  1.00 0.00 ? 42 ILE A HG22 1 
ATOM 278  H HG23 . ILE A 1 17 ? 13.365  8.763   -3.197  1.00 0.00 ? 42 ILE A HG23 1 
ATOM 279  H HD11 . ILE A 1 17 ? 10.958  8.841   -3.196  1.00 0.00 ? 42 ILE A HD11 1 
ATOM 280  H HD12 . ILE A 1 17 ? 11.201  8.745   -1.452  1.00 0.00 ? 42 ILE A HD12 1 
ATOM 281  H HD13 . ILE A 1 17 ? 9.690   8.178   -2.164  1.00 0.00 ? 42 ILE A HD13 1 
ATOM 282  N N    . LEU A 1 18 ? 15.109  5.614   -0.457  1.00 0.00 ? 43 LEU A N    1 
ATOM 283  C CA   . LEU A 1 18 ? 16.510  5.646   0.049   1.00 0.00 ? 43 LEU A CA   1 
ATOM 284  C C    . LEU A 1 18 ? 17.168  4.281   -0.163  1.00 0.00 ? 43 LEU A C    1 
ATOM 285  O O    . LEU A 1 18 ? 18.281  4.186   -0.641  1.00 0.00 ? 43 LEU A O    1 
ATOM 286  C CB   . LEU A 1 18 ? 16.507  5.985   1.541   1.00 0.00 ? 43 LEU A CB   1 
ATOM 287  C CG   . LEU A 1 18 ? 15.734  7.285   1.768   1.00 0.00 ? 43 LEU A CG   1 
ATOM 288  C CD1  . LEU A 1 18 ? 15.892  7.728   3.223   1.00 0.00 ? 43 LEU A CD1  1 
ATOM 289  C CD2  . LEU A 1 18 ? 16.285  8.373   0.842   1.00 0.00 ? 43 LEU A CD2  1 
ATOM 290  H H    . LEU A 1 18 ? 14.360  5.672   0.173   1.00 0.00 ? 43 LEU A H    1 
ATOM 291  H HA   . LEU A 1 18 ? 17.067  6.400   -0.490  1.00 0.00 ? 43 LEU A HA   1 
ATOM 292  H HB2  . LEU A 1 18 ? 16.036  5.184   2.091   1.00 0.00 ? 43 LEU A HB2  1 
ATOM 293  H HB3  . LEU A 1 18 ? 17.523  6.108   1.884   1.00 0.00 ? 43 LEU A HB3  1 
ATOM 294  H HG   . LEU A 1 18 ? 14.687  7.124   1.552   1.00 0.00 ? 43 LEU A HG   1 
ATOM 295  H HD11 . LEU A 1 18 ? 16.125  8.782   3.255   1.00 0.00 ? 43 LEU A HD11 1 
ATOM 296  H HD12 . LEU A 1 18 ? 16.693  7.169   3.683   1.00 0.00 ? 43 LEU A HD12 1 
ATOM 297  H HD13 . LEU A 1 18 ? 14.971  7.545   3.757   1.00 0.00 ? 43 LEU A HD13 1 
ATOM 298  H HD21 . LEU A 1 18 ? 15.932  8.203   -0.164  1.00 0.00 ? 43 LEU A HD21 1 
ATOM 299  H HD22 . LEU A 1 18 ? 17.365  8.342   0.853   1.00 0.00 ? 43 LEU A HD22 1 
ATOM 300  H HD23 . LEU A 1 18 ? 15.949  9.340   1.183   1.00 0.00 ? 43 LEU A HD23 1 
ATOM 301  N N    . LEU B 1 1  ? -13.459 -2.678  3.442   1.00 0.00 ? 26 LEU B N    1 
ATOM 302  C CA   . LEU B 1 1  ? -12.157 -2.638  2.719   1.00 0.00 ? 26 LEU B CA   1 
ATOM 303  C C    . LEU B 1 1  ? -11.106 -1.980  3.618   1.00 0.00 ? 26 LEU B C    1 
ATOM 304  O O    . LEU B 1 1  ? -9.984  -2.435  3.713   1.00 0.00 ? 26 LEU B O    1 
ATOM 305  C CB   . LEU B 1 1  ? -12.313 -1.815  1.439   1.00 0.00 ? 26 LEU B CB   1 
ATOM 306  C CG   . LEU B 1 1  ? -13.456 -2.385  0.597   1.00 0.00 ? 26 LEU B CG   1 
ATOM 307  C CD1  . LEU B 1 1  ? -13.585 -1.583  -0.699  1.00 0.00 ? 26 LEU B CD1  1 
ATOM 308  C CD2  . LEU B 1 1  ? -13.162 -3.849  0.263   1.00 0.00 ? 26 LEU B CD2  1 
ATOM 309  H HA   . LEU B 1 1  ? -11.844 -3.641  2.471   1.00 0.00 ? 26 LEU B HA   1 
ATOM 310  H HB2  . LEU B 1 1  ? -12.535 -0.789  1.698   1.00 0.00 ? 26 LEU B HB2  1 
ATOM 311  H HB3  . LEU B 1 1  ? -11.395 -1.852  0.871   1.00 0.00 ? 26 LEU B HB3  1 
ATOM 312  H HG   . LEU B 1 1  ? -14.380 -2.318  1.154   1.00 0.00 ? 26 LEU B HG   1 
ATOM 313  H HD11 . LEU B 1 1  ? -13.073 -0.638  -0.589  1.00 0.00 ? 26 LEU B HD11 1 
ATOM 314  H HD12 . LEU B 1 1  ? -14.629 -1.405  -0.910  1.00 0.00 ? 26 LEU B HD12 1 
ATOM 315  H HD13 . LEU B 1 1  ? -13.142 -2.140  -1.512  1.00 0.00 ? 26 LEU B HD13 1 
ATOM 316  H HD21 . LEU B 1 1  ? -13.166 -3.981  -0.808  1.00 0.00 ? 26 LEU B HD21 1 
ATOM 317  H HD22 . LEU B 1 1  ? -13.920 -4.478  0.706   1.00 0.00 ? 26 LEU B HD22 1 
ATOM 318  H HD23 . LEU B 1 1  ? -12.193 -4.122  0.656   1.00 0.00 ? 26 LEU B HD23 1 
ATOM 319  N N    . VAL B 1 2  ? -11.459 -0.916  4.285   1.00 0.00 ? 27 VAL B N    1 
ATOM 320  C CA   . VAL B 1 2  ? -10.484 -0.231  5.180   1.00 0.00 ? 27 VAL B CA   1 
ATOM 321  C C    . VAL B 1 2  ? -10.118 -1.154  6.344   1.00 0.00 ? 27 VAL B C    1 
ATOM 322  O O    . VAL B 1 2  ? -8.978  -1.230  6.757   1.00 0.00 ? 27 VAL B O    1 
ATOM 323  C CB   . VAL B 1 2  ? -11.145 1.033   5.732   1.00 0.00 ? 27 VAL B CB   1 
ATOM 324  C CG1  . VAL B 1 2  ? -10.203 1.730   6.717   1.00 0.00 ? 27 VAL B CG1  1 
ATOM 325  C CG2  . VAL B 1 2  ? -11.473 1.984   4.579   1.00 0.00 ? 27 VAL B CG2  1 
ATOM 326  H H    . VAL B 1 2  ? -12.366 -0.551  4.214   1.00 0.00 ? 27 VAL B H    1 
ATOM 327  H HA   . VAL B 1 2  ? -9.597  0.035   4.626   1.00 0.00 ? 27 VAL B HA   1 
ATOM 328  H HB   . VAL B 1 2  ? -12.057 0.760   6.243   1.00 0.00 ? 27 VAL B HB   1 
ATOM 329  H HG11 . VAL B 1 2  ? -9.816  2.633   6.268   1.00 0.00 ? 27 VAL B HG11 1 
ATOM 330  H HG12 . VAL B 1 2  ? -9.384  1.071   6.964   1.00 0.00 ? 27 VAL B HG12 1 
ATOM 331  H HG13 . VAL B 1 2  ? -10.747 1.980   7.616   1.00 0.00 ? 27 VAL B HG13 1 
ATOM 332  H HG21 . VAL B 1 2  ? -10.752 2.789   4.560   1.00 0.00 ? 27 VAL B HG21 1 
ATOM 333  H HG22 . VAL B 1 2  ? -12.463 2.391   4.721   1.00 0.00 ? 27 VAL B HG22 1 
ATOM 334  H HG23 . VAL B 1 2  ? -11.436 1.444   3.645   1.00 0.00 ? 27 VAL B HG23 1 
ATOM 335  N N    . VAL B 1 3  ? -11.082 -1.856  6.874   1.00 0.00 ? 28 VAL B N    1 
ATOM 336  C CA   . VAL B 1 3  ? -10.796 -2.771  8.015   1.00 0.00 ? 28 VAL B CA   1 
ATOM 337  C C    . VAL B 1 3  ? -9.861  -3.883  7.538   1.00 0.00 ? 28 VAL B C    1 
ATOM 338  O O    . VAL B 1 3  ? -8.885  -4.212  8.183   1.00 0.00 ? 28 VAL B O    1 
ATOM 339  C CB   . VAL B 1 3  ? -12.100 -3.391  8.523   1.00 0.00 ? 28 VAL B CB   1 
ATOM 340  C CG1  . VAL B 1 3  ? -11.778 -4.481  9.545   1.00 0.00 ? 28 VAL B CG1  1 
ATOM 341  C CG2  . VAL B 1 3  ? -12.955 -2.308  9.186   1.00 0.00 ? 28 VAL B CG2  1 
ATOM 342  H H    . VAL B 1 3  ? -11.990 -1.775  6.515   1.00 0.00 ? 28 VAL B H    1 
ATOM 343  H HA   . VAL B 1 3  ? -10.324 -2.217  8.812   1.00 0.00 ? 28 VAL B HA   1 
ATOM 344  H HB   . VAL B 1 3  ? -12.641 -3.823  7.693   1.00 0.00 ? 28 VAL B HB   1 
ATOM 345  H HG11 . VAL B 1 3  ? -10.906 -4.195  10.114  1.00 0.00 ? 28 VAL B HG11 1 
ATOM 346  H HG12 . VAL B 1 3  ? -11.581 -5.410  9.029   1.00 0.00 ? 28 VAL B HG12 1 
ATOM 347  H HG13 . VAL B 1 3  ? -12.617 -4.610  10.212  1.00 0.00 ? 28 VAL B HG13 1 
ATOM 348  H HG21 . VAL B 1 3  ? -12.537 -2.061  10.151  1.00 0.00 ? 28 VAL B HG21 1 
ATOM 349  H HG22 . VAL B 1 3  ? -13.963 -2.674  9.313   1.00 0.00 ? 28 VAL B HG22 1 
ATOM 350  H HG23 . VAL B 1 3  ? -12.969 -1.427  8.563   1.00 0.00 ? 28 VAL B HG23 1 
ATOM 351  N N    . ALA B 1 4  ? -10.157 -4.468  6.409   1.00 0.00 ? 29 ALA B N    1 
ATOM 352  C CA   . ALA B 1 4  ? -9.294  -5.563  5.881   1.00 0.00 ? 29 ALA B CA   1 
ATOM 353  C C    . ALA B 1 4  ? -7.927  -5.002  5.486   1.00 0.00 ? 29 ALA B C    1 
ATOM 354  O O    . ALA B 1 4  ? -6.899  -5.521  5.871   1.00 0.00 ? 29 ALA B O    1 
ATOM 355  C CB   . ALA B 1 4  ? -9.956  -6.188  4.652   1.00 0.00 ? 29 ALA B CB   1 
ATOM 356  H H    . ALA B 1 4  ? -10.954 -4.187  5.912   1.00 0.00 ? 29 ALA B H    1 
ATOM 357  H HA   . ALA B 1 4  ? -9.166  -6.318  6.642   1.00 0.00 ? 29 ALA B HA   1 
ATOM 358  H HB1  . ALA B 1 4  ? -10.997 -5.902  4.617   1.00 0.00 ? 29 ALA B HB1  1 
ATOM 359  H HB2  . ALA B 1 4  ? -9.880  -7.264  4.710   1.00 0.00 ? 29 ALA B HB2  1 
ATOM 360  H HB3  . ALA B 1 4  ? -9.457  -5.840  3.760   1.00 0.00 ? 29 ALA B HB3  1 
ATOM 361  N N    . ALA B 1 5  ? -7.903  -3.942  4.725   1.00 0.00 ? 30 ALA B N    1 
ATOM 362  C CA   . ALA B 1 5  ? -6.599  -3.353  4.310   1.00 0.00 ? 30 ALA B CA   1 
ATOM 363  C C    . ALA B 1 5  ? -5.791  -2.988  5.559   1.00 0.00 ? 30 ALA B C    1 
ATOM 364  O O    . ALA B 1 5  ? -4.584  -3.118  5.592   1.00 0.00 ? 30 ALA B O    1 
ATOM 365  C CB   . ALA B 1 5  ? -6.855  -2.091  3.485   1.00 0.00 ? 30 ALA B CB   1 
ATOM 366  H H    . ALA B 1 5  ? -8.738  -3.522  4.432   1.00 0.00 ? 30 ALA B H    1 
ATOM 367  H HA   . ALA B 1 5  ? -6.047  -4.067  3.718   1.00 0.00 ? 30 ALA B HA   1 
ATOM 368  H HB1  . ALA B 1 5  ? -7.274  -1.325  4.122   1.00 0.00 ? 30 ALA B HB1  1 
ATOM 369  H HB2  . ALA B 1 5  ? -7.550  -2.315  2.689   1.00 0.00 ? 30 ALA B HB2  1 
ATOM 370  H HB3  . ALA B 1 5  ? -5.925  -1.739  3.064   1.00 0.00 ? 30 ALA B HB3  1 
ATOM 371  N N    . SER B 1 6  ? -6.452  -2.532  6.587   1.00 0.00 ? 31 SER B N    1 
ATOM 372  C CA   . SER B 1 6  ? -5.729  -2.156  7.835   1.00 0.00 ? 31 SER B CA   1 
ATOM 373  C C    . SER B 1 6  ? -5.104  -3.404  8.461   1.00 0.00 ? 31 SER B C    1 
ATOM 374  O O    . SER B 1 6  ? -3.979  -3.384  8.920   1.00 0.00 ? 31 SER B O    1 
ATOM 375  C CB   . SER B 1 6  ? -6.713  -1.532  8.824   1.00 0.00 ? 31 SER B CB   1 
ATOM 376  O OG   . SER B 1 6  ? -7.643  -2.521  9.245   1.00 0.00 ? 31 SER B OG   1 
ATOM 377  H H    . SER B 1 6  ? -7.425  -2.434  6.538   1.00 0.00 ? 31 SER B H    1 
ATOM 378  H HA   . SER B 1 6  ? -4.952  -1.442  7.602   1.00 0.00 ? 31 SER B HA   1 
ATOM 379  H HB2  . SER B 1 6  ? -6.179  -1.161  9.682   1.00 0.00 ? 31 SER B HB2  1 
ATOM 380  H HB3  . SER B 1 6  ? -7.234  -0.713  8.345   1.00 0.00 ? 31 SER B HB3  1 
ATOM 381  H HG   . SER B 1 6  ? -8.464  -2.079  9.476   1.00 0.00 ? 31 SER B HG   1 
ATOM 382  N N    . ILE B 1 7  ? -5.825  -4.493  8.481   1.00 0.00 ? 32 ILE B N    1 
ATOM 383  C CA   . ILE B 1 7  ? -5.271  -5.740  9.078   1.00 0.00 ? 32 ILE B CA   1 
ATOM 384  C C    . ILE B 1 7  ? -4.137  -6.268  8.197   1.00 0.00 ? 32 ILE B C    1 
ATOM 385  O O    . ILE B 1 7  ? -3.056  -6.562  8.668   1.00 0.00 ? 32 ILE B O    1 
ATOM 386  C CB   . ILE B 1 7  ? -6.374  -6.796  9.170   1.00 0.00 ? 32 ILE B CB   1 
ATOM 387  C CG1  . ILE B 1 7  ? -7.507  -6.274  10.057  1.00 0.00 ? 32 ILE B CG1  1 
ATOM 388  C CG2  . ILE B 1 7  ? -5.804  -8.080  9.777   1.00 0.00 ? 32 ILE B CG2  1 
ATOM 389  C CD1  . ILE B 1 7  ? -8.755  -7.135  9.852   1.00 0.00 ? 32 ILE B CD1  1 
ATOM 390  H H    . ILE B 1 7  ? -6.728  -4.488  8.101   1.00 0.00 ? 32 ILE B H    1 
ATOM 391  H HA   . ILE B 1 7  ? -4.891  -5.530  10.068  1.00 0.00 ? 32 ILE B HA   1 
ATOM 392  H HB   . ILE B 1 7  ? -6.755  -7.004  8.181   1.00 0.00 ? 32 ILE B HB   1 
ATOM 393  H HG12 . ILE B 1 7  ? -7.203  -6.321  11.094  1.00 0.00 ? 32 ILE B HG12 1 
ATOM 394  H HG13 . ILE B 1 7  ? -7.730  -5.251  9.793   1.00 0.00 ? 32 ILE B HG13 1 
ATOM 395  H HG21 . ILE B 1 7  ? -5.466  -8.733  8.984   1.00 0.00 ? 32 ILE B HG21 1 
ATOM 396  H HG22 . ILE B 1 7  ? -6.571  -8.577  10.351  1.00 0.00 ? 32 ILE B HG22 1 
ATOM 397  H HG23 . ILE B 1 7  ? -4.971  -7.834  10.420  1.00 0.00 ? 32 ILE B HG23 1 
ATOM 398  H HD11 . ILE B 1 7  ? -9.430  -6.634  9.174   1.00 0.00 ? 32 ILE B HD11 1 
ATOM 399  H HD12 . ILE B 1 7  ? -9.247  -7.289  10.801  1.00 0.00 ? 32 ILE B HD12 1 
ATOM 400  H HD13 . ILE B 1 7  ? -8.469  -8.090  9.435   1.00 0.00 ? 32 ILE B HD13 1 
ATOM 401  N N    . ILE B 1 8  ? -4.374  -6.390  6.920   1.00 0.00 ? 33 ILE B N    1 
ATOM 402  C CA   . ILE B 1 8  ? -3.313  -6.901  6.007   1.00 0.00 ? 33 ILE B CA   1 
ATOM 403  C C    . ILE B 1 8  ? -2.151  -5.908  5.951   1.00 0.00 ? 33 ILE B C    1 
ATOM 404  O O    . ILE B 1 8  ? -0.997  -6.290  5.964   1.00 0.00 ? 33 ILE B O    1 
ATOM 405  C CB   . ILE B 1 8  ? -3.893  -7.084  4.605   1.00 0.00 ? 33 ILE B CB   1 
ATOM 406  C CG1  . ILE B 1 8  ? -5.112  -8.008  4.673   1.00 0.00 ? 33 ILE B CG1  1 
ATOM 407  C CG2  . ILE B 1 8  ? -2.835  -7.706  3.691   1.00 0.00 ? 33 ILE B CG2  1 
ATOM 408  C CD1  . ILE B 1 8  ? -5.864  -7.961  3.342   1.00 0.00 ? 33 ILE B CD1  1 
ATOM 409  H H    . ILE B 1 8  ? -5.254  -6.150  6.559   1.00 0.00 ? 33 ILE B H    1 
ATOM 410  H HA   . ILE B 1 8  ? -2.953  -7.852  6.372   1.00 0.00 ? 33 ILE B HA   1 
ATOM 411  H HB   . ILE B 1 8  ? -4.189  -6.123  4.210   1.00 0.00 ? 33 ILE B HB   1 
ATOM 412  H HG12 . ILE B 1 8  ? -4.786  -9.019  4.868   1.00 0.00 ? 33 ILE B HG12 1 
ATOM 413  H HG13 . ILE B 1 8  ? -5.768  -7.681  5.467   1.00 0.00 ? 33 ILE B HG13 1 
ATOM 414  H HG21 . ILE B 1 8  ? -3.241  -7.824  2.699   1.00 0.00 ? 33 ILE B HG21 1 
ATOM 415  H HG22 . ILE B 1 8  ? -2.547  -8.673  4.079   1.00 0.00 ? 33 ILE B HG22 1 
ATOM 416  H HG23 . ILE B 1 8  ? -1.970  -7.061  3.652   1.00 0.00 ? 33 ILE B HG23 1 
ATOM 417  H HD11 . ILE B 1 8  ? -5.610  -7.052  2.817   1.00 0.00 ? 33 ILE B HD11 1 
ATOM 418  H HD12 . ILE B 1 8  ? -6.927  -7.984  3.527   1.00 0.00 ? 33 ILE B HD12 1 
ATOM 419  H HD13 . ILE B 1 8  ? -5.584  -8.814  2.740   1.00 0.00 ? 33 ILE B HD13 1 
ATOM 420  N N    . GLY B 1 9  ? -2.434  -4.636  5.888   1.00 0.00 ? 34 GLY B N    1 
ATOM 421  C CA   . GLY B 1 9  ? -1.333  -3.634  5.828   1.00 0.00 ? 34 GLY B CA   1 
ATOM 422  C C    . GLY B 1 9  ? -0.502  -3.703  7.111   1.00 0.00 ? 34 GLY B C    1 
ATOM 423  O O    . GLY B 1 9  ? 0.712   -3.650  7.078   1.00 0.00 ? 34 GLY B O    1 
ATOM 424  H H    . GLY B 1 9  ? -3.365  -4.331  5.881   1.00 0.00 ? 34 GLY B H    1 
ATOM 425  H HA2  . GLY B 1 9  ? -0.701  -3.843  4.977   1.00 0.00 ? 34 GLY B HA2  1 
ATOM 426  H HA3  . GLY B 1 9  ? -1.754  -2.645  5.730   1.00 0.00 ? 34 GLY B HA3  1 
ATOM 427  N N    . ILE B 1 10 ? -1.141  -3.821  8.243   1.00 0.00 ? 35 ILE B N    1 
ATOM 428  C CA   . ILE B 1 10 ? -0.382  -3.893  9.524   1.00 0.00 ? 35 ILE B CA   1 
ATOM 429  C C    . ILE B 1 10 ? 0.495   -5.147  9.529   1.00 0.00 ? 35 ILE B C    1 
ATOM 430  O O    . ILE B 1 10 ? 1.707   -5.069  9.573   1.00 0.00 ? 35 ILE B O    1 
ATOM 431  C CB   . ILE B 1 10 ? -1.369  -3.953  10.690  1.00 0.00 ? 35 ILE B CB   1 
ATOM 432  C CG1  . ILE B 1 10 ? -2.179  -2.654  10.734  1.00 0.00 ? 35 ILE B CG1  1 
ATOM 433  C CG2  . ILE B 1 10 ? -0.606  -4.122  12.005  1.00 0.00 ? 35 ILE B CG2  1 
ATOM 434  C CD1  . ILE B 1 10 ? -3.438  -2.866  11.579  1.00 0.00 ? 35 ILE B CD1  1 
ATOM 435  H H    . ILE B 1 10 ? -2.120  -3.861  8.255   1.00 0.00 ? 35 ILE B H    1 
ATOM 436  H HA   . ILE B 1 10 ? 0.240   -3.016  9.623   1.00 0.00 ? 35 ILE B HA   1 
ATOM 437  H HB   . ILE B 1 10 ? -2.038  -4.792  10.552  1.00 0.00 ? 35 ILE B HB   1 
ATOM 438  H HG12 . ILE B 1 10 ? -1.578  -1.871  11.172  1.00 0.00 ? 35 ILE B HG12 1 
ATOM 439  H HG13 . ILE B 1 10 ? -2.464  -2.374  9.732   1.00 0.00 ? 35 ILE B HG13 1 
ATOM 440  H HG21 . ILE B 1 10 ? 0.321   -4.643  11.819  1.00 0.00 ? 35 ILE B HG21 1 
ATOM 441  H HG22 . ILE B 1 10 ? -1.207  -4.692  12.698  1.00 0.00 ? 35 ILE B HG22 1 
ATOM 442  H HG23 . ILE B 1 10 ? -0.394  -3.149  12.426  1.00 0.00 ? 35 ILE B HG23 1 
ATOM 443  H HD11 . ILE B 1 10 ? -3.168  -2.904  12.623  1.00 0.00 ? 35 ILE B HD11 1 
ATOM 444  H HD12 . ILE B 1 10 ? -3.912  -3.793  11.294  1.00 0.00 ? 35 ILE B HD12 1 
ATOM 445  H HD13 . ILE B 1 10 ? -4.122  -2.047  11.414  1.00 0.00 ? 35 ILE B HD13 1 
ATOM 446  N N    . LEU B 1 11 ? -0.109  -6.303  9.492   1.00 0.00 ? 36 LEU B N    1 
ATOM 447  C CA   . LEU B 1 11 ? 0.689   -7.561  9.503   1.00 0.00 ? 36 LEU B CA   1 
ATOM 448  C C    . LEU B 1 11 ? 1.607   -7.599  8.279   1.00 0.00 ? 36 LEU B C    1 
ATOM 449  O O    . LEU B 1 11 ? 2.748   -8.010  8.359   1.00 0.00 ? 36 LEU B O    1 
ATOM 450  C CB   . LEU B 1 11 ? -0.251  -8.767  9.470   1.00 0.00 ? 36 LEU B CB   1 
ATOM 451  C CG   . LEU B 1 11 ? -1.311  -8.620  10.564  1.00 0.00 ? 36 LEU B CG   1 
ATOM 452  C CD1  . LEU B 1 11 ? -2.300  -9.782  10.476  1.00 0.00 ? 36 LEU B CD1  1 
ATOM 453  C CD2  . LEU B 1 11 ? -0.633  -8.632  11.936  1.00 0.00 ? 36 LEU B CD2  1 
ATOM 454  H H    . LEU B 1 11 ? -1.088  -6.339  9.470   1.00 0.00 ? 36 LEU B H    1 
ATOM 455  H HA   . LEU B 1 11 ? 1.288   -7.596  10.401  1.00 0.00 ? 36 LEU B HA   1 
ATOM 456  H HB2  . LEU B 1 11 ? -0.733  -8.823  8.506   1.00 0.00 ? 36 LEU B HB2  1 
ATOM 457  H HB3  . LEU B 1 11 ? 0.316   -9.670  9.643   1.00 0.00 ? 36 LEU B HB3  1 
ATOM 458  H HG   . LEU B 1 11 ? -1.840  -7.687  10.429  1.00 0.00 ? 36 LEU B HG   1 
ATOM 459  H HD11 . LEU B 1 11 ? -3.252  -9.479  10.886  1.00 0.00 ? 36 LEU B HD11 1 
ATOM 460  H HD12 . LEU B 1 11 ? -1.919  -10.622 11.037  1.00 0.00 ? 36 LEU B HD12 1 
ATOM 461  H HD13 . LEU B 1 11 ? -2.429  -10.069 9.443   1.00 0.00 ? 36 LEU B HD13 1 
ATOM 462  H HD21 . LEU B 1 11 ? 0.402   -8.341  11.828  1.00 0.00 ? 36 LEU B HD21 1 
ATOM 463  H HD22 . LEU B 1 11 ? -0.686  -9.625  12.355  1.00 0.00 ? 36 LEU B HD22 1 
ATOM 464  H HD23 . LEU B 1 11 ? -1.135  -7.936  12.592  1.00 0.00 ? 36 LEU B HD23 1 
ATOM 465  N N    . HIS B 1 12 ? 1.119   -7.174  7.146   1.00 0.00 ? 37 HIS B N    1 
ATOM 466  C CA   . HIS B 1 12 ? 1.962   -7.188  5.916   1.00 0.00 ? 37 HIS B CA   1 
ATOM 467  C C    . HIS B 1 12 ? 3.180   -6.284  6.117   1.00 0.00 ? 37 HIS B C    1 
ATOM 468  O O    . HIS B 1 12 ? 4.281   -6.617  5.724   1.00 0.00 ? 37 HIS B O    1 
ATOM 469  C CB   . HIS B 1 12 ? 1.128   -6.682  4.738   1.00 0.00 ? 37 HIS B CB   1 
ATOM 470  C CG   . HIS B 1 12 ? 2.008   -6.382  3.555   1.00 0.00 ? 37 HIS B CG   1 
ATOM 471  N ND1  . HIS B 1 12 ? 1.803   -5.258  2.775   1.00 0.00 ? 37 HIS B ND1  1 
ATOM 472  C CD2  . HIS B 1 12 ? 3.052   -7.063  2.967   1.00 0.00 ? 37 HIS B CD2  1 
ATOM 473  C CE1  . HIS B 1 12 ? 2.692   -5.289  1.775   1.00 0.00 ? 37 HIS B CE1  1 
ATOM 474  N NE2  . HIS B 1 12 ? 3.473   -6.371  1.828   1.00 0.00 ? 37 HIS B NE2  1 
ATOM 475  H H    . HIS B 1 12 ? 0.197   -6.847  7.102   1.00 0.00 ? 37 HIS B H    1 
ATOM 476  H HA   . HIS B 1 12 ? 2.291   -8.197  5.718   1.00 0.00 ? 37 HIS B HA   1 
ATOM 477  H HB2  . HIS B 1 12 ? 0.404   -7.433  4.461   1.00 0.00 ? 37 HIS B HB2  1 
ATOM 478  H HB3  . HIS B 1 12 ? 0.610   -5.780  5.030   1.00 0.00 ? 37 HIS B HB3  1 
ATOM 479  H HD2  . HIS B 1 12 ? 3.491   -7.976  3.345   1.00 0.00 ? 37 HIS B HD2  1 
ATOM 480  H HE1  . HIS B 1 12 ? 2.771   -4.528  1.012   1.00 0.00 ? 37 HIS B HE1  1 
ATOM 481  H HE2  . HIS B 1 12 ? 4.014   -6.695  1.086   1.00 0.00 ? 37 HIS B HE2  1 
ATOM 482  N N    . LEU B 1 13 ? 2.997   -5.140  6.717   1.00 0.00 ? 38 LEU B N    1 
ATOM 483  C CA   . LEU B 1 13 ? 4.147   -4.219  6.938   1.00 0.00 ? 38 LEU B CA   1 
ATOM 484  C C    . LEU B 1 13 ? 5.110   -4.824  7.960   1.00 0.00 ? 38 LEU B C    1 
ATOM 485  O O    . LEU B 1 13 ? 6.312   -4.735  7.824   1.00 0.00 ? 38 LEU B O    1 
ATOM 486  C CB   . LEU B 1 13 ? 3.625   -2.886  7.475   1.00 0.00 ? 38 LEU B CB   1 
ATOM 487  C CG   . LEU B 1 13 ? 2.718   -2.225  6.436   1.00 0.00 ? 38 LEU B CG   1 
ATOM 488  C CD1  . LEU B 1 13 ? 2.211   -0.889  6.983   1.00 0.00 ? 38 LEU B CD1  1 
ATOM 489  C CD2  . LEU B 1 13 ? 3.509   -1.980  5.149   1.00 0.00 ? 38 LEU B CD2  1 
ATOM 490  H H    . LEU B 1 13 ? 2.105   -4.874  7.027   1.00 0.00 ? 38 LEU B H    1 
ATOM 491  H HA   . LEU B 1 13 ? 4.663   -4.053  6.003   1.00 0.00 ? 38 LEU B HA   1 
ATOM 492  H HB2  . LEU B 1 13 ? 3.064   -3.063  8.382   1.00 0.00 ? 38 LEU B HB2  1 
ATOM 493  H HB3  . LEU B 1 13 ? 4.457   -2.233  7.692   1.00 0.00 ? 38 LEU B HB3  1 
ATOM 494  H HG   . LEU B 1 13 ? 1.877   -2.872  6.229   1.00 0.00 ? 38 LEU B HG   1 
ATOM 495  H HD11 . LEU B 1 13 ? 3.049   -0.232  7.161   1.00 0.00 ? 38 LEU B HD11 1 
ATOM 496  H HD12 . LEU B 1 13 ? 1.682   -1.058  7.910   1.00 0.00 ? 38 LEU B HD12 1 
ATOM 497  H HD13 . LEU B 1 13 ? 1.543   -0.437  6.265   1.00 0.00 ? 38 LEU B HD13 1 
ATOM 498  H HD21 . LEU B 1 13 ? 2.871   -1.498  4.422   1.00 0.00 ? 38 LEU B HD21 1 
ATOM 499  H HD22 . LEU B 1 13 ? 3.855   -2.923  4.754   1.00 0.00 ? 38 LEU B HD22 1 
ATOM 500  H HD23 . LEU B 1 13 ? 4.356   -1.345  5.361   1.00 0.00 ? 38 LEU B HD23 1 
ATOM 501  N N    . ILE B 1 14 ? 4.585   -5.443  8.983   1.00 0.00 ? 39 ILE B N    1 
ATOM 502  C CA   . ILE B 1 14 ? 5.468   -6.051  10.016  1.00 0.00 ? 39 ILE B CA   1 
ATOM 503  C C    . ILE B 1 14 ? 6.353   -7.112  9.361   1.00 0.00 ? 39 ILE B C    1 
ATOM 504  O O    . ILE B 1 14 ? 7.547   -7.161  9.581   1.00 0.00 ? 39 ILE B O    1 
ATOM 505  C CB   . ILE B 1 14 ? 4.619   -6.706  11.106  1.00 0.00 ? 39 ILE B CB   1 
ATOM 506  C CG1  . ILE B 1 14 ? 3.796   -5.636  11.829  1.00 0.00 ? 39 ILE B CG1  1 
ATOM 507  C CG2  . ILE B 1 14 ? 5.538   -7.404  12.112  1.00 0.00 ? 39 ILE B CG2  1 
ATOM 508  C CD1  . ILE B 1 14 ? 2.826   -6.310  12.801  1.00 0.00 ? 39 ILE B CD1  1 
ATOM 509  H H    . ILE B 1 14 ? 3.610   -5.509  9.060   1.00 0.00 ? 39 ILE B H    1 
ATOM 510  H HA   . ILE B 1 14 ? 6.090   -5.283  10.454  1.00 0.00 ? 39 ILE B HA   1 
ATOM 511  H HB   . ILE B 1 14 ? 3.957   -7.432  10.659  1.00 0.00 ? 39 ILE B HB   1 
ATOM 512  H HG12 . ILE B 1 14 ? 4.458   -4.980  12.375  1.00 0.00 ? 39 ILE B HG12 1 
ATOM 513  H HG13 . ILE B 1 14 ? 3.236   -5.063  11.105  1.00 0.00 ? 39 ILE B HG13 1 
ATOM 514  H HG21 . ILE B 1 14 ? 6.384   -6.768  12.327  1.00 0.00 ? 39 ILE B HG21 1 
ATOM 515  H HG22 . ILE B 1 14 ? 5.885   -8.338  11.693  1.00 0.00 ? 39 ILE B HG22 1 
ATOM 516  H HG23 . ILE B 1 14 ? 4.992   -7.599  13.023  1.00 0.00 ? 39 ILE B HG23 1 
ATOM 517  H HD11 . ILE B 1 14 ? 3.337   -6.525  13.728  1.00 0.00 ? 39 ILE B HD11 1 
ATOM 518  H HD12 . ILE B 1 14 ? 2.464   -7.230  12.368  1.00 0.00 ? 39 ILE B HD12 1 
ATOM 519  H HD13 . ILE B 1 14 ? 1.993   -5.651  12.993  1.00 0.00 ? 39 ILE B HD13 1 
ATOM 520  N N    . LEU B 1 15 ? 5.775   -7.965  8.560   1.00 0.00 ? 40 LEU B N    1 
ATOM 521  C CA   . LEU B 1 15 ? 6.574   -9.030  7.891   1.00 0.00 ? 40 LEU B CA   1 
ATOM 522  C C    . LEU B 1 15 ? 7.736   -8.419  7.106   1.00 0.00 ? 40 LEU B C    1 
ATOM 523  O O    . LEU B 1 15 ? 8.817   -8.971  7.063   1.00 0.00 ? 40 LEU B O    1 
ATOM 524  C CB   . LEU B 1 15 ? 5.673   -9.802  6.924   1.00 0.00 ? 40 LEU B CB   1 
ATOM 525  C CG   . LEU B 1 15 ? 4.476   -10.379 7.681   1.00 0.00 ? 40 LEU B CG   1 
ATOM 526  C CD1  . LEU B 1 15 ? 3.630   -11.222 6.726   1.00 0.00 ? 40 LEU B CD1  1 
ATOM 527  C CD2  . LEU B 1 15 ? 4.973   -11.259 8.830   1.00 0.00 ? 40 LEU B CD2  1 
ATOM 528  H H    . LEU B 1 15 ? 4.811   -7.914  8.393   1.00 0.00 ? 40 LEU B H    1 
ATOM 529  H HA   . LEU B 1 15 ? 6.963   -9.711  8.634   1.00 0.00 ? 40 LEU B HA   1 
ATOM 530  H HB2  . LEU B 1 15 ? 5.321   -9.133  6.153   1.00 0.00 ? 40 LEU B HB2  1 
ATOM 531  H HB3  . LEU B 1 15 ? 6.235   -10.607 6.475   1.00 0.00 ? 40 LEU B HB3  1 
ATOM 532  H HG   . LEU B 1 15 ? 3.877   -9.572  8.076   1.00 0.00 ? 40 LEU B HG   1 
ATOM 533  H HD11 . LEU B 1 15 ? 2.591   -10.941 6.821   1.00 0.00 ? 40 LEU B HD11 1 
ATOM 534  H HD12 . LEU B 1 15 ? 3.744   -12.268 6.969   1.00 0.00 ? 40 LEU B HD12 1 
ATOM 535  H HD13 . LEU B 1 15 ? 3.957   -11.051 5.710   1.00 0.00 ? 40 LEU B HD13 1 
ATOM 536  H HD21 . LEU B 1 15 ? 5.745   -10.739 9.376   1.00 0.00 ? 40 LEU B HD21 1 
ATOM 537  H HD22 . LEU B 1 15 ? 5.375   -12.180 8.431   1.00 0.00 ? 40 LEU B HD22 1 
ATOM 538  H HD23 . LEU B 1 15 ? 4.151   -11.484 9.493   1.00 0.00 ? 40 LEU B HD23 1 
ATOM 539  N N    . TRP B 1 16 ? 7.544   -7.284  6.491   1.00 0.00 ? 41 TRP B N    1 
ATOM 540  C CA   . TRP B 1 16 ? 8.656   -6.663  5.717   1.00 0.00 ? 41 TRP B CA   1 
ATOM 541  C C    . TRP B 1 16 ? 9.789   -6.270  6.666   1.00 0.00 ? 41 TRP B C    1 
ATOM 542  O O    . TRP B 1 16 ? 10.949  -6.503  6.390   1.00 0.00 ? 41 TRP B O    1 
ATOM 543  C CB   . TRP B 1 16 ? 8.122   -5.419  5.005   1.00 0.00 ? 41 TRP B CB   1 
ATOM 544  C CG   . TRP B 1 16 ? 7.721   -5.786  3.613   1.00 0.00 ? 41 TRP B CG   1 
ATOM 545  C CD1  . TRP B 1 16 ? 6.487   -5.594  3.071   1.00 0.00 ? 41 TRP B CD1  1 
ATOM 546  C CD2  . TRP B 1 16 ? 8.533   -6.411  2.573   1.00 0.00 ? 41 TRP B CD2  1 
ATOM 547  N NE1  . TRP B 1 16 ? 6.504   -6.065  1.767   1.00 0.00 ? 41 TRP B NE1  1 
ATOM 548  C CE2  . TRP B 1 16 ? 7.734   -6.573  1.423   1.00 0.00 ? 41 TRP B CE2  1 
ATOM 549  C CE3  . TRP B 1 16 ? 9.873   -6.850  2.512   1.00 0.00 ? 41 TRP B CE3  1 
ATOM 550  C CZ2  . TRP B 1 16 ? 8.232   -7.147  0.257   1.00 0.00 ? 41 TRP B CZ2  1 
ATOM 551  C CZ3  . TRP B 1 16 ? 10.377  -7.430  1.332   1.00 0.00 ? 41 TRP B CZ3  1 
ATOM 552  C CH2  . TRP B 1 16 ? 9.555   -7.576  0.208   1.00 0.00 ? 41 TRP B CH2  1 
ATOM 553  H H    . TRP B 1 16 ? 6.687   -6.812  6.532   1.00 0.00 ? 41 TRP B H    1 
ATOM 554  H HA   . TRP B 1 16 ? 9.026   -7.364  4.983   1.00 0.00 ? 41 TRP B HA   1 
ATOM 555  H HB2  . TRP B 1 16 ? 7.265   -5.040  5.543   1.00 0.00 ? 41 TRP B HB2  1 
ATOM 556  H HB3  . TRP B 1 16 ? 8.891   -4.660  4.971   1.00 0.00 ? 41 TRP B HB3  1 
ATOM 557  H HD1  . TRP B 1 16 ? 5.641   -5.149  3.573   1.00 0.00 ? 41 TRP B HD1  1 
ATOM 558  H HE1  . TRP B 1 16 ? 5.764   -6.073  1.124   1.00 0.00 ? 41 TRP B HE1  1 
ATOM 559  H HE3  . TRP B 1 16 ? 10.515  -6.742  3.373   1.00 0.00 ? 41 TRP B HE3  1 
ATOM 560  H HZ2  . TRP B 1 16 ? 7.593   -7.256  -0.608  1.00 0.00 ? 41 TRP B HZ2  1 
ATOM 561  H HZ3  . TRP B 1 16 ? 11.404  -7.765  1.294   1.00 0.00 ? 41 TRP B HZ3  1 
ATOM 562  H HH2  . TRP B 1 16 ? 9.946   -8.022  -0.695  1.00 0.00 ? 41 TRP B HH2  1 
ATOM 563  N N    . ILE B 1 17 ? 9.470   -5.672  7.781   1.00 0.00 ? 42 ILE B N    1 
ATOM 564  C CA   . ILE B 1 17 ? 10.534  -5.265  8.741   1.00 0.00 ? 42 ILE B CA   1 
ATOM 565  C C    . ILE B 1 17 ? 11.339  -6.494  9.171   1.00 0.00 ? 42 ILE B C    1 
ATOM 566  O O    . ILE B 1 17 ? 12.544  -6.436  9.316   1.00 0.00 ? 42 ILE B O    1 
ATOM 567  C CB   . ILE B 1 17 ? 9.882   -4.621  9.966   1.00 0.00 ? 42 ILE B CB   1 
ATOM 568  C CG1  . ILE B 1 17 ? 8.905   -3.538  9.503   1.00 0.00 ? 42 ILE B CG1  1 
ATOM 569  C CG2  . ILE B 1 17 ? 10.955  -3.993  10.855  1.00 0.00 ? 42 ILE B CG2  1 
ATOM 570  C CD1  . ILE B 1 17 ? 8.104   -3.021  10.699  1.00 0.00 ? 42 ILE B CD1  1 
ATOM 571  H H    . ILE B 1 17 ? 8.532   -5.481  7.995   1.00 0.00 ? 42 ILE B H    1 
ATOM 572  H HA   . ILE B 1 17 ? 11.191  -4.551  8.267   1.00 0.00 ? 42 ILE B HA   1 
ATOM 573  H HB   . ILE B 1 17 ? 9.346   -5.374  10.526  1.00 0.00 ? 42 ILE B HB   1 
ATOM 574  H HG12 . ILE B 1 17 ? 9.457   -2.723  9.059   1.00 0.00 ? 42 ILE B HG12 1 
ATOM 575  H HG13 . ILE B 1 17 ? 8.228   -3.953  8.771   1.00 0.00 ? 42 ILE B HG13 1 
ATOM 576  H HG21 . ILE B 1 17 ? 11.288  -3.063  10.416  1.00 0.00 ? 42 ILE B HG21 1 
ATOM 577  H HG22 . ILE B 1 17 ? 11.792  -4.669  10.944  1.00 0.00 ? 42 ILE B HG22 1 
ATOM 578  H HG23 . ILE B 1 17 ? 10.543  -3.800  11.834  1.00 0.00 ? 42 ILE B HG23 1 
ATOM 579  H HD11 . ILE B 1 17 ? 8.713   -2.338  11.272  1.00 0.00 ? 42 ILE B HD11 1 
ATOM 580  H HD12 . ILE B 1 17 ? 7.810   -3.852  11.322  1.00 0.00 ? 42 ILE B HD12 1 
ATOM 581  H HD13 . ILE B 1 17 ? 7.222   -2.508  10.345  1.00 0.00 ? 42 ILE B HD13 1 
ATOM 582  N N    . LEU B 1 18 ? 10.684  -7.601  9.385   1.00 0.00 ? 43 LEU B N    1 
ATOM 583  C CA   . LEU B 1 18 ? 11.415  -8.829  9.810   1.00 0.00 ? 43 LEU B CA   1 
ATOM 584  C C    . LEU B 1 18 ? 12.287  -9.334  8.659   1.00 0.00 ? 43 LEU B C    1 
ATOM 585  O O    . LEU B 1 18 ? 13.446  -9.653  8.841   1.00 0.00 ? 43 LEU B O    1 
ATOM 586  C CB   . LEU B 1 18 ? 10.409  -9.912  10.202  1.00 0.00 ? 43 LEU B CB   1 
ATOM 587  C CG   . LEU B 1 18 ? 9.452   -9.361  11.260  1.00 0.00 ? 43 LEU B CG   1 
ATOM 588  C CD1  . LEU B 1 18 ? 8.572   -10.493 11.793  1.00 0.00 ? 43 LEU B CD1  1 
ATOM 589  C CD2  . LEU B 1 18 ? 10.260  -8.758  12.412  1.00 0.00 ? 43 LEU B CD2  1 
ATOM 590  H H    . LEU B 1 18 ? 9.711   -7.626  9.271   1.00 0.00 ? 43 LEU B H    1 
ATOM 591  H HA   . LEU B 1 18 ? 12.042  -8.595  10.659  1.00 0.00 ? 43 LEU B HA   1 
ATOM 592  H HB2  . LEU B 1 18 ? 9.848   -10.215 9.330   1.00 0.00 ? 43 LEU B HB2  1 
ATOM 593  H HB3  . LEU B 1 18 ? 10.937  -10.763 10.606  1.00 0.00 ? 43 LEU B HB3  1 
ATOM 594  H HG   . LEU B 1 18 ? 8.827   -8.598  10.818  1.00 0.00 ? 43 LEU B HG   1 
ATOM 595  H HD11 . LEU B 1 18 ? 8.540   -10.445 12.872  1.00 0.00 ? 43 LEU B HD11 1 
ATOM 596  H HD12 . LEU B 1 18 ? 8.984   -11.443 11.488  1.00 0.00 ? 43 LEU B HD12 1 
ATOM 597  H HD13 . LEU B 1 18 ? 7.573   -10.389 11.398  1.00 0.00 ? 43 LEU B HD13 1 
ATOM 598  H HD21 . LEU B 1 18 ? 10.659  -7.801  12.110  1.00 0.00 ? 43 LEU B HD21 1 
ATOM 599  H HD22 . LEU B 1 18 ? 11.072  -9.422  12.669  1.00 0.00 ? 43 LEU B HD22 1 
ATOM 600  H HD23 . LEU B 1 18 ? 9.618   -8.626  13.271  1.00 0.00 ? 43 LEU B HD23 1 
ATOM 601  N N    . LEU C 1 1  ? -11.849 4.891   -5.986  1.00 0.00 ? 26 LEU C N    1 
ATOM 602  C CA   . LEU C 1 1  ? -10.417 4.675   -5.635  1.00 0.00 ? 26 LEU C CA   1 
ATOM 603  C C    . LEU C 1 1  ? -10.311 3.480   -4.685  1.00 0.00 ? 26 LEU C C    1 
ATOM 604  O O    . LEU C 1 1  ? -9.444  2.641   -4.821  1.00 0.00 ? 26 LEU C O    1 
ATOM 605  C CB   . LEU C 1 1  ? -9.872  5.925   -4.941  1.00 0.00 ? 26 LEU C CB   1 
ATOM 606  C CG   . LEU C 1 1  ? -10.100 7.148   -5.831  1.00 0.00 ? 26 LEU C CG   1 
ATOM 607  C CD1  . LEU C 1 1  ? -9.520  8.389   -5.150  1.00 0.00 ? 26 LEU C CD1  1 
ATOM 608  C CD2  . LEU C 1 1  ? -9.407  6.936   -7.178  1.00 0.00 ? 26 LEU C CD2  1 
ATOM 609  H HA   . LEU C 1 1  ? -9.846  4.477   -6.530  1.00 0.00 ? 26 LEU C HA   1 
ATOM 610  H HB2  . LEU C 1 1  ? -10.385 6.064   -4.000  1.00 0.00 ? 26 LEU C HB2  1 
ATOM 611  H HB3  . LEU C 1 1  ? -8.814  5.805   -4.760  1.00 0.00 ? 26 LEU C HB3  1 
ATOM 612  H HG   . LEU C 1 1  ? -11.160 7.286   -5.986  1.00 0.00 ? 26 LEU C HG   1 
ATOM 613  H HD11 . LEU C 1 1  ? -9.372  8.187   -4.101  1.00 0.00 ? 26 LEU C HD11 1 
ATOM 614  H HD12 . LEU C 1 1  ? -10.205 9.216   -5.264  1.00 0.00 ? 26 LEU C HD12 1 
ATOM 615  H HD13 . LEU C 1 1  ? -8.573  8.640   -5.606  1.00 0.00 ? 26 LEU C HD13 1 
ATOM 616  H HD21 . LEU C 1 1  ? -8.709  7.740   -7.355  1.00 0.00 ? 26 LEU C HD21 1 
ATOM 617  H HD22 . LEU C 1 1  ? -10.146 6.923   -7.966  1.00 0.00 ? 26 LEU C HD22 1 
ATOM 618  H HD23 . LEU C 1 1  ? -8.877  5.994   -7.168  1.00 0.00 ? 26 LEU C HD23 1 
ATOM 619  N N    . VAL C 1 2  ? -11.187 3.391   -3.723  1.00 0.00 ? 27 VAL C N    1 
ATOM 620  C CA   . VAL C 1 2  ? -11.140 2.251   -2.764  1.00 0.00 ? 27 VAL C CA   1 
ATOM 621  C C    . VAL C 1 2  ? -11.437 0.944   -3.504  1.00 0.00 ? 27 VAL C C    1 
ATOM 622  O O    . VAL C 1 2  ? -10.824 -0.075  -3.257  1.00 0.00 ? 27 VAL C O    1 
ATOM 623  C CB   . VAL C 1 2  ? -12.212 2.475   -1.697  1.00 0.00 ? 27 VAL C CB   1 
ATOM 624  C CG1  . VAL C 1 2  ? -12.248 1.288   -0.732  1.00 0.00 ? 27 VAL C CG1  1 
ATOM 625  C CG2  . VAL C 1 2  ? -11.899 3.755   -0.919  1.00 0.00 ? 27 VAL C CG2  1 
ATOM 626  H H    . VAL C 1 2  ? -11.891 4.065   -3.613  1.00 0.00 ? 27 VAL C H    1 
ATOM 627  H HA   . VAL C 1 2  ? -10.168 2.199   -2.298  1.00 0.00 ? 27 VAL C HA   1 
ATOM 628  H HB   . VAL C 1 2  ? -13.174 2.573   -2.178  1.00 0.00 ? 27 VAL C HB   1 
ATOM 629  H HG11 . VAL C 1 2  ? -11.833 1.584   0.220   1.00 0.00 ? 27 VAL C HG11 1 
ATOM 630  H HG12 . VAL C 1 2  ? -11.670 0.471   -1.139  1.00 0.00 ? 27 VAL C HG12 1 
ATOM 631  H HG13 . VAL C 1 2  ? -13.271 0.970   -0.595  1.00 0.00 ? 27 VAL C HG13 1 
ATOM 632  H HG21 . VAL C 1 2  ? -11.486 3.499   0.046   1.00 0.00 ? 27 VAL C HG21 1 
ATOM 633  H HG22 . VAL C 1 2  ? -12.807 4.322   -0.782  1.00 0.00 ? 27 VAL C HG22 1 
ATOM 634  H HG23 . VAL C 1 2  ? -11.184 4.347   -1.471  1.00 0.00 ? 27 VAL C HG23 1 
ATOM 635  N N    . VAL C 1 3  ? -12.373 0.973   -4.412  1.00 0.00 ? 28 VAL C N    1 
ATOM 636  C CA   . VAL C 1 3  ? -12.716 -0.265  -5.167  1.00 0.00 ? 28 VAL C CA   1 
ATOM 637  C C    . VAL C 1 3  ? -11.512 -0.682  -6.012  1.00 0.00 ? 28 VAL C C    1 
ATOM 638  O O    . VAL C 1 3  ? -11.126 -1.834  -6.041  1.00 0.00 ? 28 VAL C O    1 
ATOM 639  C CB   . VAL C 1 3  ? -13.911 0.001   -6.085  1.00 0.00 ? 28 VAL C CB   1 
ATOM 640  C CG1  . VAL C 1 3  ? -14.121 -1.202  -7.005  1.00 0.00 ? 28 VAL C CG1  1 
ATOM 641  C CG2  . VAL C 1 3  ? -15.168 0.221   -5.239  1.00 0.00 ? 28 VAL C CG2  1 
ATOM 642  H H    . VAL C 1 3  ? -12.845 1.813   -4.590  1.00 0.00 ? 28 VAL C H    1 
ATOM 643  H HA   . VAL C 1 3  ? -12.963 -1.054  -4.472  1.00 0.00 ? 28 VAL C HA   1 
ATOM 644  H HB   . VAL C 1 3  ? -13.717 0.881   -6.682  1.00 0.00 ? 28 VAL C HB   1 
ATOM 645  H HG11 . VAL C 1 3  ? -13.874 -2.108  -6.473  1.00 0.00 ? 28 VAL C HG11 1 
ATOM 646  H HG12 . VAL C 1 3  ? -13.481 -1.108  -7.871  1.00 0.00 ? 28 VAL C HG12 1 
ATOM 647  H HG13 . VAL C 1 3  ? -15.152 -1.240  -7.321  1.00 0.00 ? 28 VAL C HG13 1 
ATOM 648  H HG21 . VAL C 1 3  ? -15.507 -0.728  -4.848  1.00 0.00 ? 28 VAL C HG21 1 
ATOM 649  H HG22 . VAL C 1 3  ? -15.943 0.654   -5.853  1.00 0.00 ? 28 VAL C HG22 1 
ATOM 650  H HG23 . VAL C 1 3  ? -14.940 0.888   -4.422  1.00 0.00 ? 28 VAL C HG23 1 
ATOM 651  N N    . ALA C 1 4  ? -10.917 0.252   -6.705  1.00 0.00 ? 29 ALA C N    1 
ATOM 652  C CA   . ALA C 1 4  ? -9.739  -0.079  -7.554  1.00 0.00 ? 29 ALA C CA   1 
ATOM 653  C C    . ALA C 1 4  ? -8.558  -0.483  -6.669  1.00 0.00 ? 29 ALA C C    1 
ATOM 654  O O    . ALA C 1 4  ? -7.934  -1.503  -6.881  1.00 0.00 ? 29 ALA C O    1 
ATOM 655  C CB   . ALA C 1 4  ? -9.349  1.143   -8.386  1.00 0.00 ? 29 ALA C CB   1 
ATOM 656  H H    . ALA C 1 4  ? -11.254 1.171   -6.667  1.00 0.00 ? 29 ALA C H    1 
ATOM 657  H HA   . ALA C 1 4  ? -9.989  -0.897  -8.213  1.00 0.00 ? 29 ALA C HA   1 
ATOM 658  H HB1  . ALA C 1 4  ? -10.163 1.854   -8.388  1.00 0.00 ? 29 ALA C HB1  1 
ATOM 659  H HB2  . ALA C 1 4  ? -9.138  0.837   -9.401  1.00 0.00 ? 29 ALA C HB2  1 
ATOM 660  H HB3  . ALA C 1 4  ? -8.471  1.603   -7.959  1.00 0.00 ? 29 ALA C HB3  1 
ATOM 661  N N    . ALA C 1 5  ? -8.247  0.304   -5.676  1.00 0.00 ? 30 ALA C N    1 
ATOM 662  C CA   . ALA C 1 5  ? -7.106  -0.041  -4.782  1.00 0.00 ? 30 ALA C CA   1 
ATOM 663  C C    . ALA C 1 5  ? -7.351  -1.418  -4.161  1.00 0.00 ? 30 ALA C C    1 
ATOM 664  O O    . ALA C 1 5  ? -6.438  -2.196  -3.966  1.00 0.00 ? 30 ALA C O    1 
ATOM 665  C CB   . ALA C 1 5  ? -7.002  1.005   -3.671  1.00 0.00 ? 30 ALA C CB   1 
ATOM 666  H H    . ALA C 1 5  ? -8.766  1.117   -5.506  1.00 0.00 ? 30 ALA C H    1 
ATOM 667  H HA   . ALA C 1 5  ? -6.188  -0.057  -5.352  1.00 0.00 ? 30 ALA C HA   1 
ATOM 668  H HB1  . ALA C 1 5  ? -7.856  0.919   -3.016  1.00 0.00 ? 30 ALA C HB1  1 
ATOM 669  H HB2  . ALA C 1 5  ? -6.983  1.993   -4.108  1.00 0.00 ? 30 ALA C HB2  1 
ATOM 670  H HB3  . ALA C 1 5  ? -6.096  0.843   -3.105  1.00 0.00 ? 30 ALA C HB3  1 
ATOM 671  N N    . SER C 1 6  ? -8.580  -1.724  -3.850  1.00 0.00 ? 31 SER C N    1 
ATOM 672  C CA   . SER C 1 6  ? -8.891  -3.048  -3.241  1.00 0.00 ? 31 SER C CA   1 
ATOM 673  C C    . SER C 1 6  ? -8.594  -4.159  -4.250  1.00 0.00 ? 31 SER C C    1 
ATOM 674  O O    . SER C 1 6  ? -8.040  -5.187  -3.912  1.00 0.00 ? 31 SER C O    1 
ATOM 675  C CB   . SER C 1 6  ? -10.370 -3.096  -2.856  1.00 0.00 ? 31 SER C CB   1 
ATOM 676  O OG   . SER C 1 6  ? -11.161 -3.062  -4.036  1.00 0.00 ? 31 SER C OG   1 
ATOM 677  H H    . SER C 1 6  ? -9.301  -1.081  -4.016  1.00 0.00 ? 31 SER C H    1 
ATOM 678  H HA   . SER C 1 6  ? -8.285  -3.192  -2.359  1.00 0.00 ? 31 SER C HA   1 
ATOM 679  H HB2  . SER C 1 6  ? -10.575 -4.007  -2.319  1.00 0.00 ? 31 SER C HB2  1 
ATOM 680  H HB3  . SER C 1 6  ? -10.605 -2.247  -2.227  1.00 0.00 ? 31 SER C HB3  1 
ATOM 681  H HG   . SER C 1 6  ? -12.005 -2.658  -3.817  1.00 0.00 ? 31 SER C HG   1 
ATOM 682  N N    . ILE C 1 7  ? -8.957  -3.961  -5.489  1.00 0.00 ? 32 ILE C N    1 
ATOM 683  C CA   . ILE C 1 7  ? -8.695  -5.007  -6.517  1.00 0.00 ? 32 ILE C CA   1 
ATOM 684  C C    . ILE C 1 7  ? -7.189  -5.113  -6.765  1.00 0.00 ? 32 ILE C C    1 
ATOM 685  O O    . ILE C 1 7  ? -6.620  -6.187  -6.741  1.00 0.00 ? 32 ILE C O    1 
ATOM 686  C CB   . ILE C 1 7  ? -9.398  -4.627  -7.822  1.00 0.00 ? 32 ILE C CB   1 
ATOM 687  C CG1  . ILE C 1 7  ? -10.906 -4.527  -7.579  1.00 0.00 ? 32 ILE C CG1  1 
ATOM 688  C CG2  . ILE C 1 7  ? -9.124  -5.696  -8.880  1.00 0.00 ? 32 ILE C CG2  1 
ATOM 689  C CD1  . ILE C 1 7  ? -11.564 -3.791  -8.747  1.00 0.00 ? 32 ILE C CD1  1 
ATOM 690  H H    . ILE C 1 7  ? -9.398  -3.123  -5.740  1.00 0.00 ? 32 ILE C H    1 
ATOM 691  H HA   . ILE C 1 7  ? -9.072  -5.958  -6.169  1.00 0.00 ? 32 ILE C HA   1 
ATOM 692  H HB   . ILE C 1 7  ? -9.022  -3.674  -8.167  1.00 0.00 ? 32 ILE C HB   1 
ATOM 693  H HG12 . ILE C 1 7  ? -11.323 -5.520  -7.497  1.00 0.00 ? 32 ILE C HG12 1 
ATOM 694  H HG13 . ILE C 1 7  ? -11.089 -3.983  -6.664  1.00 0.00 ? 32 ILE C HG13 1 
ATOM 695  H HG21 . ILE C 1 7  ? -8.252  -5.418  -9.456  1.00 0.00 ? 32 ILE C HG21 1 
ATOM 696  H HG22 . ILE C 1 7  ? -9.976  -5.780  -9.537  1.00 0.00 ? 32 ILE C HG22 1 
ATOM 697  H HG23 . ILE C 1 7  ? -8.946  -6.645  -8.396  1.00 0.00 ? 32 ILE C HG23 1 
ATOM 698  H HD11 . ILE C 1 7  ? -11.733 -2.760  -8.474  1.00 0.00 ? 32 ILE C HD11 1 
ATOM 699  H HD12 . ILE C 1 7  ? -12.508 -4.260  -8.983  1.00 0.00 ? 32 ILE C HD12 1 
ATOM 700  H HD13 . ILE C 1 7  ? -10.915 -3.832  -9.611  1.00 0.00 ? 32 ILE C HD13 1 
ATOM 701  N N    . ILE C 1 8  ? -6.539  -4.007  -7.003  1.00 0.00 ? 33 ILE C N    1 
ATOM 702  C CA   . ILE C 1 8  ? -5.071  -4.042  -7.255  1.00 0.00 ? 33 ILE C CA   1 
ATOM 703  C C    . ILE C 1 8  ? -4.335  -4.497  -5.994  1.00 0.00 ? 33 ILE C C    1 
ATOM 704  O O    . ILE C 1 8  ? -3.406  -5.277  -6.057  1.00 0.00 ? 33 ILE C O    1 
ATOM 705  C CB   . ILE C 1 8  ? -4.588  -2.645  -7.649  1.00 0.00 ? 33 ILE C CB   1 
ATOM 706  C CG1  . ILE C 1 8  ? -5.387  -2.151  -8.857  1.00 0.00 ? 33 ILE C CG1  1 
ATOM 707  C CG2  . ILE C 1 8  ? -3.102  -2.700  -8.008  1.00 0.00 ? 33 ILE C CG2  1 
ATOM 708  C CD1  . ILE C 1 8  ? -5.121  -0.661  -9.071  1.00 0.00 ? 33 ILE C CD1  1 
ATOM 709  H H    . ILE C 1 8  ? -7.017  -3.151  -7.020  1.00 0.00 ? 33 ILE C H    1 
ATOM 710  H HA   . ILE C 1 8  ? -4.861  -4.732  -8.059  1.00 0.00 ? 33 ILE C HA   1 
ATOM 711  H HB   . ILE C 1 8  ? -4.733  -1.968  -6.819  1.00 0.00 ? 33 ILE C HB   1 
ATOM 712  H HG12 . ILE C 1 8  ? -5.085  -2.702  -9.736  1.00 0.00 ? 33 ILE C HG12 1 
ATOM 713  H HG13 . ILE C 1 8  ? -6.441  -2.304  -8.681  1.00 0.00 ? 33 ILE C HG13 1 
ATOM 714  H HG21 . ILE C 1 8  ? -2.761  -1.712  -8.274  1.00 0.00 ? 33 ILE C HG21 1 
ATOM 715  H HG22 . ILE C 1 8  ? -2.959  -3.368  -8.845  1.00 0.00 ? 33 ILE C HG22 1 
ATOM 716  H HG23 . ILE C 1 8  ? -2.540  -3.060  -7.159  1.00 0.00 ? 33 ILE C HG23 1 
ATOM 717  H HD11 . ILE C 1 8  ? -4.758  -0.224  -8.151  1.00 0.00 ? 33 ILE C HD11 1 
ATOM 718  H HD12 . ILE C 1 8  ? -6.035  -0.169  -9.366  1.00 0.00 ? 33 ILE C HD12 1 
ATOM 719  H HD13 . ILE C 1 8  ? -4.377  -0.535  -9.845  1.00 0.00 ? 33 ILE C HD13 1 
ATOM 720  N N    . GLY C 1 9  ? -4.735  -4.023  -4.846  1.00 0.00 ? 34 GLY C N    1 
ATOM 721  C CA   . GLY C 1 9  ? -4.045  -4.437  -3.593  1.00 0.00 ? 34 GLY C CA   1 
ATOM 722  C C    . GLY C 1 9  ? -4.217  -5.942  -3.381  1.00 0.00 ? 34 GLY C C    1 
ATOM 723  O O    . GLY C 1 9  ? -3.291  -6.636  -3.011  1.00 0.00 ? 34 GLY C O    1 
ATOM 724  H H    . GLY C 1 9  ? -5.487  -3.397  -4.798  1.00 0.00 ? 34 GLY C H    1 
ATOM 725  H HA2  . GLY C 1 9  ? -2.993  -4.201  -3.665  1.00 0.00 ? 34 GLY C HA2  1 
ATOM 726  H HA3  . GLY C 1 9  ? -4.476  -3.909  -2.755  1.00 0.00 ? 34 GLY C HA3  1 
ATOM 727  N N    . ILE C 1 10 ? -5.394  -6.457  -3.613  1.00 0.00 ? 35 ILE C N    1 
ATOM 728  C CA   . ILE C 1 10 ? -5.619  -7.918  -3.424  1.00 0.00 ? 35 ILE C CA   1 
ATOM 729  C C    . ILE C 1 10 ? -4.738  -8.702  -4.400  1.00 0.00 ? 35 ILE C C    1 
ATOM 730  O O    . ILE C 1 10 ? -3.866  -9.449  -4.002  1.00 0.00 ? 35 ILE C O    1 
ATOM 731  C CB   . ILE C 1 10 ? -7.090  -8.239  -3.691  1.00 0.00 ? 35 ILE C CB   1 
ATOM 732  C CG1  . ILE C 1 10 ? -7.960  -7.525  -2.652  1.00 0.00 ? 35 ILE C CG1  1 
ATOM 733  C CG2  . ILE C 1 10 ? -7.316  -9.749  -3.593  1.00 0.00 ? 35 ILE C CG2  1 
ATOM 734  C CD1  . ILE C 1 10 ? -9.405  -7.465  -3.151  1.00 0.00 ? 35 ILE C CD1  1 
ATOM 735  H H    . ILE C 1 10 ? -6.133  -5.886  -3.910  1.00 0.00 ? 35 ILE C H    1 
ATOM 736  H HA   . ILE C 1 10 ? -5.369  -8.193  -2.410  1.00 0.00 ? 35 ILE C HA   1 
ATOM 737  H HB   . ILE C 1 10 ? -7.358  -7.899  -4.682  1.00 0.00 ? 35 ILE C HB   1 
ATOM 738  H HG12 . ILE C 1 10 ? -7.922  -8.068  -1.719  1.00 0.00 ? 35 ILE C HG12 1 
ATOM 739  H HG13 . ILE C 1 10 ? -7.591  -6.523  -2.503  1.00 0.00 ? 35 ILE C HG13 1 
ATOM 740  H HG21 . ILE C 1 10 ? -6.407  -10.267 -3.858  1.00 0.00 ? 35 ILE C HG21 1 
ATOM 741  H HG22 . ILE C 1 10 ? -8.106  -10.038 -4.269  1.00 0.00 ? 35 ILE C HG22 1 
ATOM 742  H HG23 . ILE C 1 10 ? -7.595  -10.005 -2.581  1.00 0.00 ? 35 ILE C HG23 1 
ATOM 743  H HD11 . ILE C 1 10 ? -9.856  -8.442  -3.070  1.00 0.00 ? 35 ILE C HD11 1 
ATOM 744  H HD12 . ILE C 1 10 ? -9.418  -7.145  -4.182  1.00 0.00 ? 35 ILE C HD12 1 
ATOM 745  H HD13 . ILE C 1 10 ? -9.963  -6.761  -2.550  1.00 0.00 ? 35 ILE C HD13 1 
ATOM 746  N N    . LEU C 1 11 ? -4.965  -8.543  -5.675  1.00 0.00 ? 36 LEU C N    1 
ATOM 747  C CA   . LEU C 1 11 ? -4.147  -9.285  -6.675  1.00 0.00 ? 36 LEU C CA   1 
ATOM 748  C C    . LEU C 1 11 ? -2.674  -8.897  -6.524  1.00 0.00 ? 36 LEU C C    1 
ATOM 749  O O    . LEU C 1 11 ? -1.791  -9.728  -6.615  1.00 0.00 ? 36 LEU C O    1 
ATOM 750  C CB   . LEU C 1 11 ? -4.621  -8.936  -8.087  1.00 0.00 ? 36 LEU C CB   1 
ATOM 751  C CG   . LEU C 1 11 ? -6.138  -9.115  -8.177  1.00 0.00 ? 36 LEU C CG   1 
ATOM 752  C CD1  . LEU C 1 11 ? -6.622  -8.686  -9.563  1.00 0.00 ? 36 LEU C CD1  1 
ATOM 753  C CD2  . LEU C 1 11 ? -6.491  -10.586 -7.947  1.00 0.00 ? 36 LEU C CD2  1 
ATOM 754  H H    . LEU C 1 11 ? -5.683  -7.945  -5.970  1.00 0.00 ? 36 LEU C H    1 
ATOM 755  H HA   . LEU C 1 11 ? -4.256  -10.346 -6.510  1.00 0.00 ? 36 LEU C HA   1 
ATOM 756  H HB2  . LEU C 1 11 ? -4.364  -7.911  -8.312  1.00 0.00 ? 36 LEU C HB2  1 
ATOM 757  H HB3  . LEU C 1 11 ? -4.142  -9.592  -8.800  1.00 0.00 ? 36 LEU C HB3  1 
ATOM 758  H HG   . LEU C 1 11 ? -6.617  -8.505  -7.424  1.00 0.00 ? 36 LEU C HG   1 
ATOM 759  H HD11 . LEU C 1 11 ? -7.652  -8.370  -9.504  1.00 0.00 ? 36 LEU C HD11 1 
ATOM 760  H HD12 . LEU C 1 11 ? -6.540  -9.519  -10.245 1.00 0.00 ? 36 LEU C HD12 1 
ATOM 761  H HD13 . LEU C 1 11 ? -6.014  -7.868  -9.919  1.00 0.00 ? 36 LEU C HD13 1 
ATOM 762  H HD21 . LEU C 1 11 ? -5.695  -11.067 -7.399  1.00 0.00 ? 36 LEU C HD21 1 
ATOM 763  H HD22 . LEU C 1 11 ? -6.621  -11.078 -8.899  1.00 0.00 ? 36 LEU C HD22 1 
ATOM 764  H HD23 . LEU C 1 11 ? -7.409  -10.652 -7.380  1.00 0.00 ? 36 LEU C HD23 1 
ATOM 765  N N    . HIS C 1 12 ? -2.400  -7.642  -6.295  1.00 0.00 ? 37 HIS C N    1 
ATOM 766  C CA   . HIS C 1 12 ? -0.985  -7.200  -6.140  1.00 0.00 ? 37 HIS C CA   1 
ATOM 767  C C    . HIS C 1 12 ? -0.354  -7.906  -4.938  1.00 0.00 ? 37 HIS C C    1 
ATOM 768  O O    . HIS C 1 12 ? 0.784   -8.331  -4.984  1.00 0.00 ? 37 HIS C O    1 
ATOM 769  C CB   . HIS C 1 12 ? -0.958  -5.686  -5.926  1.00 0.00 ? 37 HIS C CB   1 
ATOM 770  C CG   . HIS C 1 12 ? 0.400   -5.240  -5.457  1.00 0.00 ? 37 HIS C CG   1 
ATOM 771  N ND1  . HIS C 1 12 ? 0.539   -4.287  -4.464  1.00 0.00 ? 37 HIS C ND1  1 
ATOM 772  C CD2  . HIS C 1 12 ? 1.680   -5.549  -5.864  1.00 0.00 ? 37 HIS C CD2  1 
ATOM 773  C CE1  . HIS C 1 12 ? 1.847   -4.055  -4.303  1.00 0.00 ? 37 HIS C CE1  1 
ATOM 774  N NE2  . HIS C 1 12 ? 2.595   -4.783  -5.137  1.00 0.00 ? 37 HIS C NE2  1 
ATOM 775  H H    . HIS C 1 12 ? -3.126  -6.987  -6.226  1.00 0.00 ? 37 HIS C H    1 
ATOM 776  H HA   . HIS C 1 12 ? -0.432  -7.448  -7.034  1.00 0.00 ? 37 HIS C HA   1 
ATOM 777  H HB2  . HIS C 1 12 ? -1.195  -5.187  -6.854  1.00 0.00 ? 37 HIS C HB2  1 
ATOM 778  H HB3  . HIS C 1 12 ? -1.694  -5.419  -5.181  1.00 0.00 ? 37 HIS C HB3  1 
ATOM 779  H HD2  . HIS C 1 12 ? 1.934   -6.290  -6.609  1.00 0.00 ? 37 HIS C HD2  1 
ATOM 780  H HE1  . HIS C 1 12 ? 2.253   -3.359  -3.583  1.00 0.00 ? 37 HIS C HE1  1 
ATOM 781  H HE2  . HIS C 1 12 ? 3.529   -4.600  -5.339  1.00 0.00 ? 37 HIS C HE2  1 
ATOM 782  N N    . LEU C 1 13 ? -1.075  -8.031  -3.858  1.00 0.00 ? 38 LEU C N    1 
ATOM 783  C CA   . LEU C 1 13 ? -0.511  -8.707  -2.657  1.00 0.00 ? 38 LEU C CA   1 
ATOM 784  C C    . LEU C 1 13 ? -0.324  -10.199 -2.938  1.00 0.00 ? 38 LEU C C    1 
ATOM 785  O O    . LEU C 1 13 ? 0.653   -10.798 -2.541  1.00 0.00 ? 38 LEU C O    1 
ATOM 786  C CB   . LEU C 1 13 ? -1.481  -8.541  -1.486  1.00 0.00 ? 38 LEU C CB   1 
ATOM 787  C CG   . LEU C 1 13 ? -1.625  -7.059  -1.135  1.00 0.00 ? 38 LEU C CG   1 
ATOM 788  C CD1  . LEU C 1 13 ? -2.591  -6.909  0.041   1.00 0.00 ? 38 LEU C CD1  1 
ATOM 789  C CD2  . LEU C 1 13 ? -0.259  -6.490  -0.748  1.00 0.00 ? 38 LEU C CD2  1 
ATOM 790  H H    . LEU C 1 13 ? -1.990  -7.679  -3.824  1.00 0.00 ? 38 LEU C H    1 
ATOM 791  H HA   . LEU C 1 13 ? 0.440   -8.261  -2.402  1.00 0.00 ? 38 LEU C HA   1 
ATOM 792  H HB2  . LEU C 1 13 ? -2.446  -8.940  -1.764  1.00 0.00 ? 38 LEU C HB2  1 
ATOM 793  H HB3  . LEU C 1 13 ? -1.107  -9.078  -0.627  1.00 0.00 ? 38 LEU C HB3  1 
ATOM 794  H HG   . LEU C 1 13 ? -2.013  -6.524  -1.991  1.00 0.00 ? 38 LEU C HG   1 
ATOM 795  H HD11 . LEU C 1 13 ? -2.188  -7.418  0.904   1.00 0.00 ? 38 LEU C HD11 1 
ATOM 796  H HD12 . LEU C 1 13 ? -3.546  -7.341  -0.220  1.00 0.00 ? 38 LEU C HD12 1 
ATOM 797  H HD13 . LEU C 1 13 ? -2.721  -5.861  0.268   1.00 0.00 ? 38 LEU C HD13 1 
ATOM 798  H HD21 . LEU C 1 13 ? -0.366  -5.447  -0.485  1.00 0.00 ? 38 LEU C HD21 1 
ATOM 799  H HD22 . LEU C 1 13 ? 0.420   -6.582  -1.583  1.00 0.00 ? 38 LEU C HD22 1 
ATOM 800  H HD23 . LEU C 1 13 ? 0.133   -7.035  0.097   1.00 0.00 ? 38 LEU C HD23 1 
ATOM 801  N N    . ILE C 1 14 ? -1.256  -10.797 -3.628  1.00 0.00 ? 39 ILE C N    1 
ATOM 802  C CA   . ILE C 1 14 ? -1.136  -12.251 -3.933  1.00 0.00 ? 39 ILE C CA   1 
ATOM 803  C C    . ILE C 1 14 ? 0.134   -12.490 -4.751  1.00 0.00 ? 39 ILE C C    1 
ATOM 804  O O    . ILE C 1 14 ? 0.904   -13.386 -4.473  1.00 0.00 ? 39 ILE C O    1 
ATOM 805  C CB   . ILE C 1 14 ? -2.349  -12.715 -4.740  1.00 0.00 ? 39 ILE C CB   1 
ATOM 806  C CG1  . ILE C 1 14 ? -3.617  -12.564 -3.895  1.00 0.00 ? 39 ILE C CG1  1 
ATOM 807  C CG2  . ILE C 1 14 ? -2.169  -14.186 -5.124  1.00 0.00 ? 39 ILE C CG2  1 
ATOM 808  C CD1  . ILE C 1 14 ? -4.843  -12.868 -4.757  1.00 0.00 ? 39 ILE C CD1  1 
ATOM 809  H H    . ILE C 1 14 ? -2.029  -10.285 -3.946  1.00 0.00 ? 39 ILE C H    1 
ATOM 810  H HA   . ILE C 1 14 ? -1.080  -12.809 -3.009  1.00 0.00 ? 39 ILE C HA   1 
ATOM 811  H HB   . ILE C 1 14 ? -2.436  -12.116 -5.635  1.00 0.00 ? 39 ILE C HB   1 
ATOM 812  H HG12 . ILE C 1 14 ? -3.579  -13.252 -3.063  1.00 0.00 ? 39 ILE C HG12 1 
ATOM 813  H HG13 . ILE C 1 14 ? -3.683  -11.552 -3.523  1.00 0.00 ? 39 ILE C HG13 1 
ATOM 814  H HG21 . ILE C 1 14 ? -1.779  -14.732 -4.278  1.00 0.00 ? 39 ILE C HG21 1 
ATOM 815  H HG22 . ILE C 1 14 ? -1.476  -14.258 -5.950  1.00 0.00 ? 39 ILE C HG22 1 
ATOM 816  H HG23 . ILE C 1 14 ? -3.121  -14.601 -5.415  1.00 0.00 ? 39 ILE C HG23 1 
ATOM 817  H HD11 . ILE C 1 14 ? -5.006  -13.935 -4.787  1.00 0.00 ? 39 ILE C HD11 1 
ATOM 818  H HD12 . ILE C 1 14 ? -4.679  -12.500 -5.758  1.00 0.00 ? 39 ILE C HD12 1 
ATOM 819  H HD13 . ILE C 1 14 ? -5.710  -12.383 -4.333  1.00 0.00 ? 39 ILE C HD13 1 
ATOM 820  N N    . LEU C 1 15 ? 0.356   -11.694 -5.761  1.00 0.00 ? 40 LEU C N    1 
ATOM 821  C CA   . LEU C 1 15 ? 1.571   -11.871 -6.606  1.00 0.00 ? 40 LEU C CA   1 
ATOM 822  C C    . LEU C 1 15 ? 2.835   -11.839 -5.745  1.00 0.00 ? 40 LEU C C    1 
ATOM 823  O O    . LEU C 1 15 ? 3.776   -12.568 -5.992  1.00 0.00 ? 40 LEU C O    1 
ATOM 824  C CB   . LEU C 1 15 ? 1.641   -10.737 -7.631  1.00 0.00 ? 40 LEU C CB   1 
ATOM 825  C CG   . LEU C 1 15 ? 0.362   -10.719 -8.470  1.00 0.00 ? 40 LEU C CG   1 
ATOM 826  C CD1  . LEU C 1 15 ? 0.477   -9.641  -9.548  1.00 0.00 ? 40 LEU C CD1  1 
ATOM 827  C CD2  . LEU C 1 15 ? 0.166   -12.083 -9.134  1.00 0.00 ? 40 LEU C CD2  1 
ATOM 828  H H    . LEU C 1 15 ? -0.274  -10.974 -5.974  1.00 0.00 ? 40 LEU C H    1 
ATOM 829  H HA   . LEU C 1 15 ? 1.516   -12.817 -7.125  1.00 0.00 ? 40 LEU C HA   1 
ATOM 830  H HB2  . LEU C 1 15 ? 1.744   -9.795  -7.115  1.00 0.00 ? 40 LEU C HB2  1 
ATOM 831  H HB3  . LEU C 1 15 ? 2.491   -10.889 -8.278  1.00 0.00 ? 40 LEU C HB3  1 
ATOM 832  H HG   . LEU C 1 15 ? -0.483  -10.501 -7.834  1.00 0.00 ? 40 LEU C HG   1 
ATOM 833  H HD11 . LEU C 1 15 ? -0.416  -9.034  -9.549  1.00 0.00 ? 40 LEU C HD11 1 
ATOM 834  H HD12 . LEU C 1 15 ? 0.595   -10.108 -10.515 1.00 0.00 ? 40 LEU C HD12 1 
ATOM 835  H HD13 . LEU C 1 15 ? 1.336   -9.018  -9.343  1.00 0.00 ? 40 LEU C HD13 1 
ATOM 836  H HD21 . LEU C 1 15 ? 0.310   -12.865 -8.404  1.00 0.00 ? 40 LEU C HD21 1 
ATOM 837  H HD22 . LEU C 1 15 ? 0.885   -12.201 -9.933  1.00 0.00 ? 40 LEU C HD22 1 
ATOM 838  H HD23 . LEU C 1 15 ? -0.833  -12.147 -9.538  1.00 0.00 ? 40 LEU C HD23 1 
ATOM 839  N N    . TRP C 1 16 ? 2.878   -11.020 -4.730  1.00 0.00 ? 41 TRP C N    1 
ATOM 840  C CA   . TRP C 1 16 ? 4.095   -10.966 -3.872  1.00 0.00 ? 41 TRP C CA   1 
ATOM 841  C C    . TRP C 1 16 ? 4.279   -12.302 -3.152  1.00 0.00 ? 41 TRP C C    1 
ATOM 842  O O    . TRP C 1 16 ? 5.370   -12.833 -3.081  1.00 0.00 ? 41 TRP C O    1 
ATOM 843  C CB   . TRP C 1 16 ? 3.922   -9.844  -2.846  1.00 0.00 ? 41 TRP C CB   1 
ATOM 844  C CG   . TRP C 1 16 ? 4.565   -8.599  -3.369  1.00 0.00 ? 41 TRP C CG   1 
ATOM 845  C CD1  . TRP C 1 16 ? 3.942   -7.400  -3.535  1.00 0.00 ? 41 TRP C CD1  1 
ATOM 846  C CD2  . TRP C 1 16 ? 5.946   -8.409  -3.803  1.00 0.00 ? 41 TRP C CD2  1 
ATOM 847  N NE1  . TRP C 1 16 ? 4.864   -6.497  -4.042  1.00 0.00 ? 41 TRP C NE1  1 
ATOM 848  C CE2  . TRP C 1 16 ? 6.099   -7.072  -4.222  1.00 0.00 ? 41 TRP C CE2  1 
ATOM 849  C CE3  . TRP C 1 16 ? 7.073   -9.255  -3.875  1.00 0.00 ? 41 TRP C CE3  1 
ATOM 850  C CZ2  . TRP C 1 16 ? 7.314   -6.585  -4.695  1.00 0.00 ? 41 TRP C CZ2  1 
ATOM 851  C CZ3  . TRP C 1 16 ? 8.302   -8.764  -4.352  1.00 0.00 ? 41 TRP C CZ3  1 
ATOM 852  C CH2  . TRP C 1 16 ? 8.419   -7.429  -4.761  1.00 0.00 ? 41 TRP C CH2  1 
ATOM 853  H H    . TRP C 1 16 ? 2.121   -10.442 -4.500  1.00 0.00 ? 41 TRP C H    1 
ATOM 854  H HA   . TRP C 1 16 ? 4.963   -10.762 -4.483  1.00 0.00 ? 41 TRP C HA   1 
ATOM 855  H HB2  . TRP C 1 16 ? 2.868   -9.668  -2.684  1.00 0.00 ? 41 TRP C HB2  1 
ATOM 856  H HB3  . TRP C 1 16 ? 4.389   -10.127 -1.915  1.00 0.00 ? 41 TRP C HB3  1 
ATOM 857  H HD1  . TRP C 1 16 ? 2.909   -7.190  -3.308  1.00 0.00 ? 41 TRP C HD1  1 
ATOM 858  H HE1  . TRP C 1 16 ? 4.714   -5.557  -4.274  1.00 0.00 ? 41 TRP C HE1  1 
ATOM 859  H HE3  . TRP C 1 16 ? 6.993   -10.286 -3.562  1.00 0.00 ? 41 TRP C HE3  1 
ATOM 860  H HZ2  . TRP C 1 16 ? 7.398   -5.554  -5.008  1.00 0.00 ? 41 TRP C HZ2  1 
ATOM 861  H HZ3  . TRP C 1 16 ? 9.160   -9.418  -4.405  1.00 0.00 ? 41 TRP C HZ3  1 
ATOM 862  H HH2  . TRP C 1 16 ? 9.364   -7.055  -5.128  1.00 0.00 ? 41 TRP C HH2  1 
ATOM 863  N N    . ILE C 1 17 ? 3.228   -12.851 -2.610  1.00 0.00 ? 42 ILE C N    1 
ATOM 864  C CA   . ILE C 1 17 ? 3.350   -14.152 -1.893  1.00 0.00 ? 42 ILE C CA   1 
ATOM 865  C C    . ILE C 1 17 ? 3.904   -15.216 -2.844  1.00 0.00 ? 42 ILE C C    1 
ATOM 866  O O    . ILE C 1 17 ? 4.711   -16.041 -2.463  1.00 0.00 ? 42 ILE C O    1 
ATOM 867  C CB   . ILE C 1 17 ? 1.970   -14.578 -1.392  1.00 0.00 ? 42 ILE C CB   1 
ATOM 868  C CG1  . ILE C 1 17 ? 1.334   -13.414 -0.626  1.00 0.00 ? 42 ILE C CG1  1 
ATOM 869  C CG2  . ILE C 1 17 ? 2.106   -15.784 -0.461  1.00 0.00 ? 42 ILE C CG2  1 
ATOM 870  C CD1  . ILE C 1 17 ? -0.119  -13.754 -0.286  1.00 0.00 ? 42 ILE C CD1  1 
ATOM 871  H H    . ILE C 1 17 ? 2.352   -12.415 -2.664  1.00 0.00 ? 42 ILE C H    1 
ATOM 872  H HA   . ILE C 1 17 ? 4.019   -14.037 -1.052  1.00 0.00 ? 42 ILE C HA   1 
ATOM 873  H HB   . ILE C 1 17 ? 1.346   -14.840 -2.232  1.00 0.00 ? 42 ILE C HB   1 
ATOM 874  H HG12 . ILE C 1 17 ? 1.886   -13.240 0.285   1.00 0.00 ? 42 ILE C HG12 1 
ATOM 875  H HG13 . ILE C 1 17 ? 1.360   -12.525 -1.238  1.00 0.00 ? 42 ILE C HG13 1 
ATOM 876  H HG21 . ILE C 1 17 ? 2.469   -15.457 0.502   1.00 0.00 ? 42 ILE C HG21 1 
ATOM 877  H HG22 . ILE C 1 17 ? 2.801   -16.492 -0.888  1.00 0.00 ? 42 ILE C HG22 1 
ATOM 878  H HG23 . ILE C 1 17 ? 1.141   -16.255 -0.341  1.00 0.00 ? 42 ILE C HG23 1 
ATOM 879  H HD11 . ILE C 1 17 ? -0.143  -14.426 0.559   1.00 0.00 ? 42 ILE C HD11 1 
ATOM 880  H HD12 . ILE C 1 17 ? -0.586  -14.227 -1.137  1.00 0.00 ? 42 ILE C HD12 1 
ATOM 881  H HD13 . ILE C 1 17 ? -0.651  -12.847 -0.041  1.00 0.00 ? 42 ILE C HD13 1 
ATOM 882  N N    . LEU C 1 18 ? 3.472   -15.210 -4.075  1.00 0.00 ? 43 LEU C N    1 
ATOM 883  C CA   . LEU C 1 18 ? 3.972   -16.225 -5.045  1.00 0.00 ? 43 LEU C CA   1 
ATOM 884  C C    . LEU C 1 18 ? 5.447   -15.961 -5.352  1.00 0.00 ? 43 LEU C C    1 
ATOM 885  O O    . LEU C 1 18 ? 6.263   -16.863 -5.345  1.00 0.00 ? 43 LEU C O    1 
ATOM 886  C CB   . LEU C 1 18 ? 3.158   -16.141 -6.337  1.00 0.00 ? 43 LEU C CB   1 
ATOM 887  C CG   . LEU C 1 18 ? 1.669   -16.274 -6.012  1.00 0.00 ? 43 LEU C CG   1 
ATOM 888  C CD1  . LEU C 1 18 ? 0.870   -16.385 -7.311  1.00 0.00 ? 43 LEU C CD1  1 
ATOM 889  C CD2  . LEU C 1 18 ? 1.443   -17.529 -5.165  1.00 0.00 ? 43 LEU C CD2  1 
ATOM 890  H H    . LEU C 1 18 ? 2.814   -14.542 -4.362  1.00 0.00 ? 43 LEU C H    1 
ATOM 891  H HA   . LEU C 1 18 ? 3.867   -17.211 -4.616  1.00 0.00 ? 43 LEU C HA   1 
ATOM 892  H HB2  . LEU C 1 18 ? 3.341   -15.190 -6.817  1.00 0.00 ? 43 LEU C HB2  1 
ATOM 893  H HB3  . LEU C 1 18 ? 3.452   -16.942 -7.000  1.00 0.00 ? 43 LEU C HB3  1 
ATOM 894  H HG   . LEU C 1 18 ? 1.342   -15.403 -5.463  1.00 0.00 ? 43 LEU C HG   1 
ATOM 895  H HD11 . LEU C 1 18 ? 0.155   -17.190 -7.226  1.00 0.00 ? 43 LEU C HD11 1 
ATOM 896  H HD12 . LEU C 1 18 ? 1.542   -16.586 -8.132  1.00 0.00 ? 43 LEU C HD12 1 
ATOM 897  H HD13 . LEU C 1 18 ? 0.348   -15.457 -7.493  1.00 0.00 ? 43 LEU C HD13 1 
ATOM 898  H HD21 . LEU C 1 18 ? 1.765   -17.343 -4.152  1.00 0.00 ? 43 LEU C HD21 1 
ATOM 899  H HD22 . LEU C 1 18 ? 2.011   -18.350 -5.579  1.00 0.00 ? 43 LEU C HD22 1 
ATOM 900  H HD23 . LEU C 1 18 ? 0.392   -17.781 -5.169  1.00 0.00 ? 43 LEU C HD23 1 
ATOM 901  N N    . LEU D 1 1  ? -6.018  12.737  1.308   1.00 0.00 ? 26 LEU D N    1 
ATOM 902  C CA   . LEU D 1 1  ? -5.122  11.561  1.495   1.00 0.00 ? 26 LEU D CA   1 
ATOM 903  C C    . LEU D 1 1  ? -5.431  10.521  0.415   1.00 0.00 ? 26 LEU D C    1 
ATOM 904  O O    . LEU D 1 1  ? -4.542  9.937   -0.170  1.00 0.00 ? 26 LEU D O    1 
ATOM 905  C CB   . LEU D 1 1  ? -5.372  10.948  2.874   1.00 0.00 ? 26 LEU D CB   1 
ATOM 906  C CG   . LEU D 1 1  ? -5.198  12.019  3.953   1.00 0.00 ? 26 LEU D CG   1 
ATOM 907  C CD1  . LEU D 1 1  ? -5.412  11.394  5.332   1.00 0.00 ? 26 LEU D CD1  1 
ATOM 908  C CD2  . LEU D 1 1  ? -3.786  12.602  3.871   1.00 0.00 ? 26 LEU D CD2  1 
ATOM 909  H HA   . LEU D 1 1  ? -4.090  11.870  1.415   1.00 0.00 ? 26 LEU D HA   1 
ATOM 910  H HB2  . LEU D 1 1  ? -6.378  10.557  2.914   1.00 0.00 ? 26 LEU D HB2  1 
ATOM 911  H HB3  . LEU D 1 1  ? -4.667  10.148  3.047   1.00 0.00 ? 26 LEU D HB3  1 
ATOM 912  H HG   . LEU D 1 1  ? -5.924  12.804  3.798   1.00 0.00 ? 26 LEU D HG   1 
ATOM 913  H HD11 . LEU D 1 1  ? -5.928  10.452  5.223   1.00 0.00 ? 26 LEU D HD11 1 
ATOM 914  H HD12 . LEU D 1 1  ? -6.003  12.061  5.942   1.00 0.00 ? 26 LEU D HD12 1 
ATOM 915  H HD13 . LEU D 1 1  ? -4.454  11.228  5.804   1.00 0.00 ? 26 LEU D HD13 1 
ATOM 916  H HD21 . LEU D 1 1  ? -3.291  12.481  4.822   1.00 0.00 ? 26 LEU D HD21 1 
ATOM 917  H HD22 . LEU D 1 1  ? -3.844  13.652  3.626   1.00 0.00 ? 26 LEU D HD22 1 
ATOM 918  H HD23 . LEU D 1 1  ? -3.225  12.086  3.104   1.00 0.00 ? 26 LEU D HD23 1 
ATOM 919  N N    . VAL D 1 2  ? -6.684  10.287  0.140   1.00 0.00 ? 27 VAL D N    1 
ATOM 920  C CA   . VAL D 1 2  ? -7.052  9.287   -0.903  1.00 0.00 ? 27 VAL D CA   1 
ATOM 921  C C    . VAL D 1 2  ? -6.575  9.775   -2.273  1.00 0.00 ? 27 VAL D C    1 
ATOM 922  O O    . VAL D 1 2  ? -6.088  9.011   -3.082  1.00 0.00 ? 27 VAL D O    1 
ATOM 923  C CB   . VAL D 1 2  ? -8.575  9.152   -0.923  1.00 0.00 ? 27 VAL D CB   1 
ATOM 924  C CG1  . VAL D 1 2  ? -9.001  8.188   -2.033  1.00 0.00 ? 27 VAL D CG1  1 
ATOM 925  C CG2  . VAL D 1 2  ? -9.058  8.620   0.428   1.00 0.00 ? 27 VAL D CG2  1 
ATOM 926  H H    . VAL D 1 2  ? -7.403  10.761  0.608   1.00 0.00 ? 27 VAL D H    1 
ATOM 927  H HA   . VAL D 1 2  ? -6.605  8.332   -0.674  1.00 0.00 ? 27 VAL D HA   1 
ATOM 928  H HB   . VAL D 1 2  ? -9.013  10.122  -1.104  1.00 0.00 ? 27 VAL D HB   1 
ATOM 929  H HG11 . VAL D 1 2  ? -9.343  7.262   -1.595  1.00 0.00 ? 27 VAL D HG11 1 
ATOM 930  H HG12 . VAL D 1 2  ? -8.163  7.992   -2.685  1.00 0.00 ? 27 VAL D HG12 1 
ATOM 931  H HG13 . VAL D 1 2  ? -9.803  8.633   -2.604  1.00 0.00 ? 27 VAL D HG13 1 
ATOM 932  H HG21 . VAL D 1 2  ? -9.312  7.573   0.334   1.00 0.00 ? 27 VAL D HG21 1 
ATOM 933  H HG22 . VAL D 1 2  ? -9.930  9.174   0.740   1.00 0.00 ? 27 VAL D HG22 1 
ATOM 934  H HG23 . VAL D 1 2  ? -8.275  8.736   1.163   1.00 0.00 ? 27 VAL D HG23 1 
ATOM 935  N N    . VAL D 1 3  ? -6.713  11.046  -2.534  1.00 0.00 ? 28 VAL D N    1 
ATOM 936  C CA   . VAL D 1 3  ? -6.274  11.587  -3.852  1.00 0.00 ? 28 VAL D CA   1 
ATOM 937  C C    . VAL D 1 3  ? -4.757  11.433  -3.973  1.00 0.00 ? 28 VAL D C    1 
ATOM 938  O O    . VAL D 1 3  ? -4.243  10.992  -4.982  1.00 0.00 ? 28 VAL D O    1 
ATOM 939  C CB   . VAL D 1 3  ? -6.641  13.070  -3.952  1.00 0.00 ? 28 VAL D CB   1 
ATOM 940  C CG1  . VAL D 1 3  ? -6.004  13.665  -5.208  1.00 0.00 ? 28 VAL D CG1  1 
ATOM 941  C CG2  . VAL D 1 3  ? -8.163  13.215  -4.035  1.00 0.00 ? 28 VAL D CG2  1 
ATOM 942  H H    . VAL D 1 3  ? -7.105  11.637  -1.858  1.00 0.00 ? 28 VAL D H    1 
ATOM 943  H HA   . VAL D 1 3  ? -6.759  11.040  -4.646  1.00 0.00 ? 28 VAL D HA   1 
ATOM 944  H HB   . VAL D 1 3  ? -6.274  13.592  -3.080  1.00 0.00 ? 28 VAL D HB   1 
ATOM 945  H HG11 . VAL D 1 3  ? -5.993  12.923  -5.992  1.00 0.00 ? 28 VAL D HG11 1 
ATOM 946  H HG12 . VAL D 1 3  ? -4.991  13.969  -4.987  1.00 0.00 ? 28 VAL D HG12 1 
ATOM 947  H HG13 . VAL D 1 3  ? -6.576  14.522  -5.531  1.00 0.00 ? 28 VAL D HG13 1 
ATOM 948  H HG21 . VAL D 1 3  ? -8.498  12.925  -5.021  1.00 0.00 ? 28 VAL D HG21 1 
ATOM 949  H HG22 . VAL D 1 3  ? -8.437  14.243  -3.850  1.00 0.00 ? 28 VAL D HG22 1 
ATOM 950  H HG23 . VAL D 1 3  ? -8.627  12.580  -3.296  1.00 0.00 ? 28 VAL D HG23 1 
ATOM 951  N N    . ALA D 1 4  ? -4.037  11.799  -2.947  1.00 0.00 ? 29 ALA D N    1 
ATOM 952  C CA   . ALA D 1 4  ? -2.552  11.681  -2.992  1.00 0.00 ? 29 ALA D CA   1 
ATOM 953  C C    . ALA D 1 4  ? -2.149  10.206  -3.028  1.00 0.00 ? 29 ALA D C    1 
ATOM 954  O O    . ALA D 1 4  ? -1.365  9.788   -3.856  1.00 0.00 ? 29 ALA D O    1 
ATOM 955  C CB   . ALA D 1 4  ? -1.949  12.337  -1.748  1.00 0.00 ? 29 ALA D CB   1 
ATOM 956  H H    . ALA D 1 4  ? -4.478  12.158  -2.148  1.00 0.00 ? 29 ALA D H    1 
ATOM 957  H HA   . ALA D 1 4  ? -2.179  12.177  -3.875  1.00 0.00 ? 29 ALA D HA   1 
ATOM 958  H HB1  . ALA D 1 4  ? -2.688  12.970  -1.279  1.00 0.00 ? 29 ALA D HB1  1 
ATOM 959  H HB2  . ALA D 1 4  ? -1.094  12.932  -2.033  1.00 0.00 ? 29 ALA D HB2  1 
ATOM 960  H HB3  . ALA D 1 4  ? -1.639  11.571  -1.054  1.00 0.00 ? 29 ALA D HB3  1 
ATOM 961  N N    . ALA D 1 5  ? -2.683  9.409   -2.144  1.00 0.00 ? 30 ALA D N    1 
ATOM 962  C CA   . ALA D 1 5  ? -2.326  7.962   -2.134  1.00 0.00 ? 30 ALA D CA   1 
ATOM 963  C C    . ALA D 1 5  ? -2.660  7.352   -3.498  1.00 0.00 ? 30 ALA D C    1 
ATOM 964  O O    . ALA D 1 5  ? -1.957  6.496   -3.996  1.00 0.00 ? 30 ALA D O    1 
ATOM 965  C CB   . ALA D 1 5  ? -3.136  7.251   -1.049  1.00 0.00 ? 30 ALA D CB   1 
ATOM 966  H H    . ALA D 1 5  ? -3.327  9.753   -1.490  1.00 0.00 ? 30 ALA D H    1 
ATOM 967  H HA   . ALA D 1 5  ? -1.271  7.848   -1.932  1.00 0.00 ? 30 ALA D HA   1 
ATOM 968  H HB1  . ALA D 1 5  ? -4.180  7.240   -1.329  1.00 0.00 ? 30 ALA D HB1  1 
ATOM 969  H HB2  . ALA D 1 5  ? -3.022  7.775   -0.111  1.00 0.00 ? 30 ALA D HB2  1 
ATOM 970  H HB3  . ALA D 1 5  ? -2.783  6.236   -0.940  1.00 0.00 ? 30 ALA D HB3  1 
ATOM 971  N N    . SER D 1 6  ? -3.729  7.790   -4.104  1.00 0.00 ? 31 SER D N    1 
ATOM 972  C CA   . SER D 1 6  ? -4.113  7.239   -5.434  1.00 0.00 ? 31 SER D CA   1 
ATOM 973  C C    . SER D 1 6  ? -3.053  7.617   -6.471  1.00 0.00 ? 31 SER D C    1 
ATOM 974  O O    . SER D 1 6  ? -2.667  6.816   -7.299  1.00 0.00 ? 31 SER D O    1 
ATOM 975  C CB   . SER D 1 6  ? -5.463  7.821   -5.854  1.00 0.00 ? 31 SER D CB   1 
ATOM 976  O OG   . SER D 1 6  ? -5.320  9.216   -6.083  1.00 0.00 ? 31 SER D OG   1 
ATOM 977  H H    . SER D 1 6  ? -4.282  8.480   -3.683  1.00 0.00 ? 31 SER D H    1 
ATOM 978  H HA   . SER D 1 6  ? -4.188  6.163   -5.372  1.00 0.00 ? 31 SER D HA   1 
ATOM 979  H HB2  . SER D 1 6  ? -5.796  7.346   -6.762  1.00 0.00 ? 31 SER D HB2  1 
ATOM 980  H HB3  . SER D 1 6  ? -6.189  7.645   -5.071  1.00 0.00 ? 31 SER D HB3  1 
ATOM 981  H HG   . SER D 1 6  ? -6.166  9.635   -5.908  1.00 0.00 ? 31 SER D HG   1 
ATOM 982  N N    . ILE D 1 7  ? -2.579  8.833   -6.431  1.00 0.00 ? 32 ILE D N    1 
ATOM 983  C CA   . ILE D 1 7  ? -1.546  9.261   -7.416  1.00 0.00 ? 32 ILE D CA   1 
ATOM 984  C C    . ILE D 1 7  ? -0.235  8.525   -7.131  1.00 0.00 ? 32 ILE D C    1 
ATOM 985  O O    . ILE D 1 7  ? 0.370   7.949   -8.013  1.00 0.00 ? 32 ILE D O    1 
ATOM 986  C CB   . ILE D 1 7  ? -1.318  10.769  -7.294  1.00 0.00 ? 32 ILE D CB   1 
ATOM 987  C CG1  . ILE D 1 7  ? -2.627  11.507  -7.586  1.00 0.00 ? 32 ILE D CG1  1 
ATOM 988  C CG2  . ILE D 1 7  ? -0.252  11.207  -8.300  1.00 0.00 ? 32 ILE D CG2  1 
ATOM 989  C CD1  . ILE D 1 7  ? -2.515  12.955  -7.104  1.00 0.00 ? 32 ILE D CD1  1 
ATOM 990  H H    . ILE D 1 7  ? -2.902  9.461   -5.752  1.00 0.00 ? 32 ILE D H    1 
ATOM 991  H HA   . ILE D 1 7  ? -1.881  9.027   -8.416  1.00 0.00 ? 32 ILE D HA   1 
ATOM 992  H HB   . ILE D 1 7  ? -0.986  11.002  -6.293  1.00 0.00 ? 32 ILE D HB   1 
ATOM 993  H HG12 . ILE D 1 7  ? -2.816  11.496  -8.650  1.00 0.00 ? 32 ILE D HG12 1 
ATOM 994  H HG13 . ILE D 1 7  ? -3.439  11.020  -7.069  1.00 0.00 ? 32 ILE D HG13 1 
ATOM 995  H HG21 . ILE D 1 7  ? 0.720   11.184  -7.827  1.00 0.00 ? 32 ILE D HG21 1 
ATOM 996  H HG22 . ILE D 1 7  ? -0.465  12.211  -8.635  1.00 0.00 ? 32 ILE D HG22 1 
ATOM 997  H HG23 . ILE D 1 7  ? -0.256  10.534  -9.145  1.00 0.00 ? 32 ILE D HG23 1 
ATOM 998  H HD11 . ILE D 1 7  ? -2.998  13.052  -6.143  1.00 0.00 ? 32 ILE D HD11 1 
ATOM 999  H HD12 . ILE D 1 7  ? -2.994  13.610  -7.816  1.00 0.00 ? 32 ILE D HD12 1 
ATOM 1000 H HD13 . ILE D 1 7  ? -1.472  13.224  -7.010  1.00 0.00 ? 32 ILE D HD13 1 
ATOM 1001 N N    . ILE D 1 8  ? 0.209   8.541   -5.904  1.00 0.00 ? 33 ILE D N    1 
ATOM 1002 C CA   . ILE D 1 8  ? 1.482   7.847   -5.561  1.00 0.00 ? 33 ILE D CA   1 
ATOM 1003 C C    . ILE D 1 8  ? 1.320   6.337   -5.748  1.00 0.00 ? 33 ILE D C    1 
ATOM 1004 O O    . ILE D 1 8  ? 2.199   5.670   -6.257  1.00 0.00 ? 33 ILE D O    1 
ATOM 1005 C CB   . ILE D 1 8  ? 1.846   8.141   -4.106  1.00 0.00 ? 33 ILE D CB   1 
ATOM 1006 C CG1  . ILE D 1 8  ? 1.921   9.656   -3.895  1.00 0.00 ? 33 ILE D CG1  1 
ATOM 1007 C CG2  . ILE D 1 8  ? 3.204   7.515   -3.781  1.00 0.00 ? 33 ILE D CG2  1 
ATOM 1008 C CD1  . ILE D 1 8  ? 1.992   9.960   -2.397  1.00 0.00 ? 33 ILE D CD1  1 
ATOM 1009 H H    . ILE D 1 8  ? -0.292  9.014   -5.207  1.00 0.00 ? 33 ILE D H    1 
ATOM 1010 H HA   . ILE D 1 8  ? 2.272   8.204   -6.206  1.00 0.00 ? 33 ILE D HA   1 
ATOM 1011 H HB   . ILE D 1 8  ? 1.092   7.723   -3.455  1.00 0.00 ? 33 ILE D HB   1 
ATOM 1012 H HG12 . ILE D 1 8  ? 2.803   10.044  -4.385  1.00 0.00 ? 33 ILE D HG12 1 
ATOM 1013 H HG13 . ILE D 1 8  ? 1.042   10.122  -4.314  1.00 0.00 ? 33 ILE D HG13 1 
ATOM 1014 H HG21 . ILE D 1 8  ? 3.454   7.713   -2.750  1.00 0.00 ? 33 ILE D HG21 1 
ATOM 1015 H HG22 . ILE D 1 8  ? 3.960   7.942   -4.424  1.00 0.00 ? 33 ILE D HG22 1 
ATOM 1016 H HG23 . ILE D 1 8  ? 3.156   6.448   -3.941  1.00 0.00 ? 33 ILE D HG23 1 
ATOM 1017 H HD11 . ILE D 1 8  ? 1.606   9.119   -1.841  1.00 0.00 ? 33 ILE D HD11 1 
ATOM 1018 H HD12 . ILE D 1 8  ? 1.402   10.837  -2.180  1.00 0.00 ? 33 ILE D HD12 1 
ATOM 1019 H HD13 . ILE D 1 8  ? 3.020   10.138  -2.115  1.00 0.00 ? 33 ILE D HD13 1 
ATOM 1020 N N    . GLY D 1 9  ? 0.209   5.785   -5.345  1.00 0.00 ? 34 GLY D N    1 
ATOM 1021 C CA   . GLY D 1 9  ? 0.010   4.317   -5.505  1.00 0.00 ? 34 GLY D CA   1 
ATOM 1022 C C    . GLY D 1 9  ? 0.014   3.955   -6.992  1.00 0.00 ? 34 GLY D C    1 
ATOM 1023 O O    . GLY D 1 9  ? 0.601   2.972   -7.399  1.00 0.00 ? 34 GLY D O    1 
ATOM 1024 H H    . GLY D 1 9  ? -0.500  6.326   -4.939  1.00 0.00 ? 34 GLY D H    1 
ATOM 1025 H HA2  . GLY D 1 9  ? 0.807   3.789   -5.003  1.00 0.00 ? 34 GLY D HA2  1 
ATOM 1026 H HA3  . GLY D 1 9  ? -0.939  4.035   -5.073  1.00 0.00 ? 34 GLY D HA3  1 
ATOM 1027 N N    . ILE D 1 10 ? -0.636  4.738   -7.809  1.00 0.00 ? 35 ILE D N    1 
ATOM 1028 C CA   . ILE D 1 10 ? -0.665  4.434   -9.268  1.00 0.00 ? 35 ILE D CA   1 
ATOM 1029 C C    . ILE D 1 10 ? 0.755   4.501   -9.834  1.00 0.00 ? 35 ILE D C    1 
ATOM 1030 O O    . ILE D 1 10 ? 1.294   3.519   -10.305 1.00 0.00 ? 35 ILE D O    1 
ATOM 1031 C CB   . ILE D 1 10 ? -1.548  5.460   -9.978  1.00 0.00 ? 35 ILE D CB   1 
ATOM 1032 C CG1  . ILE D 1 10 ? -2.988  5.323   -9.474  1.00 0.00 ? 35 ILE D CG1  1 
ATOM 1033 C CG2  . ILE D 1 10 ? -1.513  5.216   -11.488 1.00 0.00 ? 35 ILE D CG2  1 
ATOM 1034 C CD1  . ILE D 1 10 ? -3.773  6.589   -9.820  1.00 0.00 ? 35 ILE D CD1  1 
ATOM 1035 H H    . ILE D 1 10 ? -1.107  5.527   -7.468  1.00 0.00 ? 35 ILE D H    1 
ATOM 1036 H HA   . ILE D 1 10 ? -1.069  3.444   -9.421  1.00 0.00 ? 35 ILE D HA   1 
ATOM 1037 H HB   . ILE D 1 10 ? -1.184  6.456   -9.766  1.00 0.00 ? 35 ILE D HB   1 
ATOM 1038 H HG12 . ILE D 1 10 ? -3.454  4.469   -9.945  1.00 0.00 ? 35 ILE D HG12 1 
ATOM 1039 H HG13 . ILE D 1 10 ? -2.982  5.187   -8.404  1.00 0.00 ? 35 ILE D HG13 1 
ATOM 1040 H HG21 . ILE D 1 10 ? -0.568  4.771   -11.759 1.00 0.00 ? 35 ILE D HG21 1 
ATOM 1041 H HG22 . ILE D 1 10 ? -1.629  6.156   -12.006 1.00 0.00 ? 35 ILE D HG22 1 
ATOM 1042 H HG23 . ILE D 1 10 ? -2.317  4.550   -11.764 1.00 0.00 ? 35 ILE D HG23 1 
ATOM 1043 H HD11 . ILE D 1 10 ? -3.990  6.602   -10.877 1.00 0.00 ? 35 ILE D HD11 1 
ATOM 1044 H HD12 . ILE D 1 10 ? -3.187  7.460   -9.562  1.00 0.00 ? 35 ILE D HD12 1 
ATOM 1045 H HD13 . ILE D 1 10 ? -4.698  6.602   -9.263  1.00 0.00 ? 35 ILE D HD13 1 
ATOM 1046 N N    . LEU D 1 11 ? 1.362   5.655   -9.798  1.00 0.00 ? 36 LEU D N    1 
ATOM 1047 C CA   . LEU D 1 11 ? 2.744   5.788   -10.341 1.00 0.00 ? 36 LEU D CA   1 
ATOM 1048 C C    . LEU D 1 11 ? 3.690   4.863   -9.571  1.00 0.00 ? 36 LEU D C    1 
ATOM 1049 O O    . LEU D 1 11 ? 4.560   4.236   -10.141 1.00 0.00 ? 36 LEU D O    1 
ATOM 1050 C CB   . LEU D 1 11 ? 3.217   7.235   -10.194 1.00 0.00 ? 36 LEU D CB   1 
ATOM 1051 C CG   . LEU D 1 11 ? 2.162   8.181   -10.771 1.00 0.00 ? 36 LEU D CG   1 
ATOM 1052 C CD1  . LEU D 1 11 ? 2.597   9.629   -10.549 1.00 0.00 ? 36 LEU D CD1  1 
ATOM 1053 C CD2  . LEU D 1 11 ? 2.011   7.919   -12.272 1.00 0.00 ? 36 LEU D CD2  1 
ATOM 1054 H H    . LEU D 1 11 ? 0.902   6.435   -9.425  1.00 0.00 ? 36 LEU D H    1 
ATOM 1055 H HA   . LEU D 1 11 ? 2.746   5.513   -11.385 1.00 0.00 ? 36 LEU D HA   1 
ATOM 1056 H HB2  . LEU D 1 11 ? 3.371   7.460   -9.149  1.00 0.00 ? 36 LEU D HB2  1 
ATOM 1057 H HB3  . LEU D 1 11 ? 4.146   7.366   -10.731 1.00 0.00 ? 36 LEU D HB3  1 
ATOM 1058 H HG   . LEU D 1 11 ? 1.217   8.009   -10.276 1.00 0.00 ? 36 LEU D HG   1 
ATOM 1059 H HD11 . LEU D 1 11 ? 1.727   10.266  -10.514 1.00 0.00 ? 36 LEU D HD11 1 
ATOM 1060 H HD12 . LEU D 1 11 ? 3.239   9.941   -11.359 1.00 0.00 ? 36 LEU D HD12 1 
ATOM 1061 H HD13 . LEU D 1 11 ? 3.135   9.704   -9.615  1.00 0.00 ? 36 LEU D HD13 1 
ATOM 1062 H HD21 . LEU D 1 11 ? 2.351   6.920   -12.499 1.00 0.00 ? 36 LEU D HD21 1 
ATOM 1063 H HD22 . LEU D 1 11 ? 2.603   8.635   -12.823 1.00 0.00 ? 36 LEU D HD22 1 
ATOM 1064 H HD23 . LEU D 1 11 ? 0.973   8.019   -12.552 1.00 0.00 ? 36 LEU D HD23 1 
ATOM 1065 N N    . HIS D 1 12 ? 3.528   4.774   -8.279  1.00 0.00 ? 37 HIS D N    1 
ATOM 1066 C CA   . HIS D 1 12 ? 4.419   3.893   -7.472  1.00 0.00 ? 37 HIS D CA   1 
ATOM 1067 C C    . HIS D 1 12 ? 4.260   2.442   -7.931  1.00 0.00 ? 37 HIS D C    1 
ATOM 1068 O O    . HIS D 1 12 ? 5.223   1.708   -8.042  1.00 0.00 ? 37 HIS D O    1 
ATOM 1069 C CB   . HIS D 1 12 ? 4.035   4.016   -5.997  1.00 0.00 ? 37 HIS D CB   1 
ATOM 1070 C CG   . HIS D 1 12 ? 4.683   2.926   -5.187  1.00 0.00 ? 37 HIS D CG   1 
ATOM 1071 N ND1  . HIS D 1 12 ? 3.991   2.266   -4.188  1.00 0.00 ? 37 HIS D ND1  1 
ATOM 1072 C CD2  . HIS D 1 12 ? 5.961   2.408   -5.165  1.00 0.00 ? 37 HIS D CD2  1 
ATOM 1073 C CE1  . HIS D 1 12 ? 4.834   1.402   -3.610  1.00 0.00 ? 37 HIS D CE1  1 
ATOM 1074 N NE2  . HIS D 1 12 ? 6.054   1.451   -4.151  1.00 0.00 ? 37 HIS D NE2  1 
ATOM 1075 H H    . HIS D 1 12 ? 2.821   5.289   -7.838  1.00 0.00 ? 37 HIS D H    1 
ATOM 1076 H HA   . HIS D 1 12 ? 5.445   4.201   -7.605  1.00 0.00 ? 37 HIS D HA   1 
ATOM 1077 H HB2  . HIS D 1 12 ? 4.354   4.976   -5.621  1.00 0.00 ? 37 HIS D HB2  1 
ATOM 1078 H HB3  . HIS D 1 12 ? 2.962   3.935   -5.900  1.00 0.00 ? 37 HIS D HB3  1 
ATOM 1079 H HD2  . HIS D 1 12 ? 6.755   2.684   -5.844  1.00 0.00 ? 37 HIS D HD2  1 
ATOM 1080 H HE1  . HIS D 1 12 ? 4.561   0.741   -2.801  1.00 0.00 ? 37 HIS D HE1  1 
ATOM 1081 H HE2  . HIS D 1 12 ? 6.854   1.082   -3.737  1.00 0.00 ? 37 HIS D HE2  1 
ATOM 1082 N N    . LEU D 1 13 ? 3.055   2.015   -8.194  1.00 0.00 ? 38 LEU D N    1 
ATOM 1083 C CA   . LEU D 1 13 ? 2.842   0.611   -8.642  1.00 0.00 ? 38 LEU D CA   1 
ATOM 1084 C C    . LEU D 1 13 ? 3.426   0.416   -10.042 1.00 0.00 ? 38 LEU D C    1 
ATOM 1085 O O    . LEU D 1 13 ? 4.017   -0.600  -10.342 1.00 0.00 ? 38 LEU D O    1 
ATOM 1086 C CB   . LEU D 1 13 ? 1.340   0.322   -8.686  1.00 0.00 ? 38 LEU D CB   1 
ATOM 1087 C CG   . LEU D 1 13 ? 0.746   0.435   -7.281  1.00 0.00 ? 38 LEU D CG   1 
ATOM 1088 C CD1  . LEU D 1 13 ? -0.752  0.136   -7.339  1.00 0.00 ? 38 LEU D CD1  1 
ATOM 1089 C CD2  . LEU D 1 13 ? 1.430   -0.571  -6.354  1.00 0.00 ? 38 LEU D CD2  1 
ATOM 1090 H H    . LEU D 1 13 ? 2.281   2.609   -8.096  1.00 0.00 ? 38 LEU D H    1 
ATOM 1091 H HA   . LEU D 1 13 ? 3.318   -0.069  -7.950  1.00 0.00 ? 38 LEU D HA   1 
ATOM 1092 H HB2  . LEU D 1 13 ? 0.859   1.037   -9.339  1.00 0.00 ? 38 LEU D HB2  1 
ATOM 1093 H HB3  . LEU D 1 13 ? 1.175   -0.675  -9.066  1.00 0.00 ? 38 LEU D HB3  1 
ATOM 1094 H HG   . LEU D 1 13 ? 0.899   1.438   -6.906  1.00 0.00 ? 38 LEU D HG   1 
ATOM 1095 H HD11 . LEU D 1 13 ? -0.904  -0.875  -7.684  1.00 0.00 ? 38 LEU D HD11 1 
ATOM 1096 H HD12 . LEU D 1 13 ? -1.231  0.825   -8.020  1.00 0.00 ? 38 LEU D HD12 1 
ATOM 1097 H HD13 . LEU D 1 13 ? -1.180  0.249   -6.353  1.00 0.00 ? 38 LEU D HD13 1 
ATOM 1098 H HD21 . LEU D 1 13 ? 0.998   -0.501  -5.366  1.00 0.00 ? 38 LEU D HD21 1 
ATOM 1099 H HD22 . LEU D 1 13 ? 2.487   -0.353  -6.301  1.00 0.00 ? 38 LEU D HD22 1 
ATOM 1100 H HD23 . LEU D 1 13 ? 1.288   -1.570  -6.738  1.00 0.00 ? 38 LEU D HD23 1 
ATOM 1101 N N    . ILE D 1 14 ? 3.265   1.390   -10.896 1.00 0.00 ? 39 ILE D N    1 
ATOM 1102 C CA   . ILE D 1 14 ? 3.807   1.261   -12.279 1.00 0.00 ? 39 ILE D CA   1 
ATOM 1103 C C    . ILE D 1 14 ? 5.324   1.081   -12.209 1.00 0.00 ? 39 ILE D C    1 
ATOM 1104 O O    . ILE D 1 14 ? 5.888   0.223   -12.858 1.00 0.00 ? 39 ILE D O    1 
ATOM 1105 C CB   . ILE D 1 14 ? 3.484   2.521   -13.083 1.00 0.00 ? 39 ILE D CB   1 
ATOM 1106 C CG1  . ILE D 1 14 ? 1.968   2.660   -13.235 1.00 0.00 ? 39 ILE D CG1  1 
ATOM 1107 C CG2  . ILE D 1 14 ? 4.125   2.414   -14.469 1.00 0.00 ? 39 ILE D CG2  1 
ATOM 1108 C CD1  . ILE D 1 14 ? 1.642   4.002   -13.891 1.00 0.00 ? 39 ILE D CD1  1 
ATOM 1109 H H    . ILE D 1 14 ? 2.793   2.202   -10.622 1.00 0.00 ? 39 ILE D H    1 
ATOM 1110 H HA   . ILE D 1 14 ? 3.364   0.400   -12.760 1.00 0.00 ? 39 ILE D HA   1 
ATOM 1111 H HB   . ILE D 1 14 ? 3.879   3.386   -12.569 1.00 0.00 ? 39 ILE D HB   1 
ATOM 1112 H HG12 . ILE D 1 14 ? 1.593   1.856   -13.850 1.00 0.00 ? 39 ILE D HG12 1 
ATOM 1113 H HG13 . ILE D 1 14 ? 1.503   2.615   -12.261 1.00 0.00 ? 39 ILE D HG13 1 
ATOM 1114 H HG21 . ILE D 1 14 ? 3.981   1.415   -14.854 1.00 0.00 ? 39 ILE D HG21 1 
ATOM 1115 H HG22 . ILE D 1 14 ? 5.183   2.621   -14.392 1.00 0.00 ? 39 ILE D HG22 1 
ATOM 1116 H HG23 . ILE D 1 14 ? 3.665   3.127   -15.135 1.00 0.00 ? 39 ILE D HG23 1 
ATOM 1117 H HD11 . ILE D 1 14 ? 1.728   3.909   -14.963 1.00 0.00 ? 39 ILE D HD11 1 
ATOM 1118 H HD12 . ILE D 1 14 ? 2.334   4.752   -13.538 1.00 0.00 ? 39 ILE D HD12 1 
ATOM 1119 H HD13 . ILE D 1 14 ? 0.634   4.294   -13.634 1.00 0.00 ? 39 ILE D HD13 1 
ATOM 1120 N N    . LEU D 1 15 ? 5.989   1.889   -11.429 1.00 0.00 ? 40 LEU D N    1 
ATOM 1121 C CA   . LEU D 1 15 ? 7.471   1.777   -11.317 1.00 0.00 ? 40 LEU D CA   1 
ATOM 1122 C C    . LEU D 1 15 ? 7.874   0.357   -10.913 1.00 0.00 ? 40 LEU D C    1 
ATOM 1123 O O    . LEU D 1 15 ? 8.869   -0.164  -11.377 1.00 0.00 ? 40 LEU D O    1 
ATOM 1124 C CB   . LEU D 1 15 ? 7.970   2.756   -10.251 1.00 0.00 ? 40 LEU D CB   1 
ATOM 1125 C CG   . LEU D 1 15 ? 7.533   4.177   -10.610 1.00 0.00 ? 40 LEU D CG   1 
ATOM 1126 C CD1  . LEU D 1 15 ? 8.110   5.158   -9.589  1.00 0.00 ? 40 LEU D CD1  1 
ATOM 1127 C CD2  . LEU D 1 15 ? 8.048   4.534   -12.006 1.00 0.00 ? 40 LEU D CD2  1 
ATOM 1128 H H    . LEU D 1 15 ? 5.521   2.578   -10.912 1.00 0.00 ? 40 LEU D H    1 
ATOM 1129 H HA   . LEU D 1 15 ? 7.925   2.021   -12.265 1.00 0.00 ? 40 LEU D HA   1 
ATOM 1130 H HB2  . LEU D 1 15 ? 7.554   2.484   -9.293  1.00 0.00 ? 40 LEU D HB2  1 
ATOM 1131 H HB3  . LEU D 1 15 ? 9.048   2.714   -10.202 1.00 0.00 ? 40 LEU D HB3  1 
ATOM 1132 H HG   . LEU D 1 15 ? 6.454   4.236   -10.596 1.00 0.00 ? 40 LEU D HG   1 
ATOM 1133 H HD11 . LEU D 1 15 ? 7.329   5.818   -9.241  1.00 0.00 ? 40 LEU D HD11 1 
ATOM 1134 H HD12 . LEU D 1 15 ? 8.894   5.741   -10.051 1.00 0.00 ? 40 LEU D HD12 1 
ATOM 1135 H HD13 . LEU D 1 15 ? 8.518   4.609   -8.752  1.00 0.00 ? 40 LEU D HD13 1 
ATOM 1136 H HD21 . LEU D 1 15 ? 7.834   3.726   -12.688 1.00 0.00 ? 40 LEU D HD21 1 
ATOM 1137 H HD22 . LEU D 1 15 ? 9.116   4.696   -11.965 1.00 0.00 ? 40 LEU D HD22 1 
ATOM 1138 H HD23 . LEU D 1 15 ? 7.561   5.435   -12.350 1.00 0.00 ? 40 LEU D HD23 1 
ATOM 1139 N N    . TRP D 1 16 ? 7.119   -0.289  -10.067 1.00 0.00 ? 41 TRP D N    1 
ATOM 1140 C CA   . TRP D 1 16 ? 7.485   -1.673  -9.653  1.00 0.00 ? 41 TRP D CA   1 
ATOM 1141 C C    . TRP D 1 16 ? 7.405   -2.610  -10.860 1.00 0.00 ? 41 TRP D C    1 
ATOM 1142 O O    . TRP D 1 16 ? 8.278   -3.427  -11.079 1.00 0.00 ? 41 TRP D O    1 
ATOM 1143 C CB   . TRP D 1 16 ? 6.506   -2.136  -8.573  1.00 0.00 ? 41 TRP D CB   1 
ATOM 1144 C CG   . TRP D 1 16 ? 7.100   -1.868  -7.227  1.00 0.00 ? 41 TRP D CG   1 
ATOM 1145 C CD1  . TRP D 1 16 ? 6.523   -1.125  -6.244  1.00 0.00 ? 41 TRP D CD1  1 
ATOM 1146 C CD2  . TRP D 1 16 ? 8.382   -2.325  -6.698  1.00 0.00 ? 41 TRP D CD2  1 
ATOM 1147 N NE1  . TRP D 1 16 ? 7.378   -1.104  -5.153  1.00 0.00 ? 41 TRP D NE1  1 
ATOM 1148 C CE2  . TRP D 1 16 ? 8.525   -1.824  -5.389  1.00 0.00 ? 41 TRP D CE2  1 
ATOM 1149 C CE3  . TRP D 1 16 ? 9.427   -3.118  -7.219  1.00 0.00 ? 41 TRP D CE3  1 
ATOM 1150 C CZ2  . TRP D 1 16 ? 9.654   -2.091  -4.619  1.00 0.00 ? 41 TRP D CZ2  1 
ATOM 1151 C CZ3  . TRP D 1 16 ? 10.569  -3.388  -6.441  1.00 0.00 ? 41 TRP D CZ3  1 
ATOM 1152 C CH2  . TRP D 1 16 ? 10.678  -2.874  -5.143  1.00 0.00 ? 41 TRP D CH2  1 
ATOM 1153 H H    . TRP D 1 16 ? 6.300   0.104   -9.700  1.00 0.00 ? 41 TRP D H    1 
ATOM 1154 H HA   . TRP D 1 16 ? 8.488   -1.681  -9.255  1.00 0.00 ? 41 TRP D HA   1 
ATOM 1155 H HB2  . TRP D 1 16 ? 5.578   -1.593  -8.675  1.00 0.00 ? 41 TRP D HB2  1 
ATOM 1156 H HB3  . TRP D 1 16 ? 6.318   -3.195  -8.681  1.00 0.00 ? 41 TRP D HB3  1 
ATOM 1157 H HD1  . TRP D 1 16 ? 5.562   -0.637  -6.305  1.00 0.00 ? 41 TRP D HD1  1 
ATOM 1158 H HE1  . TRP D 1 16 ? 7.245   -0.646  -4.297  1.00 0.00 ? 41 TRP D HE1  1 
ATOM 1159 H HE3  . TRP D 1 16 ? 9.353   -3.519  -8.219  1.00 0.00 ? 41 TRP D HE3  1 
ATOM 1160 H HZ2  . TRP D 1 16 ? 9.732   -1.692  -3.618  1.00 0.00 ? 41 TRP D HZ2  1 
ATOM 1161 H HZ3  . TRP D 1 16 ? 11.365  -3.995  -6.847  1.00 0.00 ? 41 TRP D HZ3  1 
ATOM 1162 H HH2  . TRP D 1 16 ? 11.556  -3.083  -4.549  1.00 0.00 ? 41 TRP D HH2  1 
ATOM 1163 N N    . ILE D 1 17 ? 6.367   -2.507  -11.644 1.00 0.00 ? 42 ILE D N    1 
ATOM 1164 C CA   . ILE D 1 17 ? 6.237   -3.397  -12.831 1.00 0.00 ? 42 ILE D CA   1 
ATOM 1165 C C    . ILE D 1 17 ? 7.445   -3.208  -13.752 1.00 0.00 ? 42 ILE D C    1 
ATOM 1166 O O    . ILE D 1 17 ? 7.959   -4.154  -14.316 1.00 0.00 ? 42 ILE D O    1 
ATOM 1167 C CB   . ILE D 1 17 ? 4.954   -3.041  -13.585 1.00 0.00 ? 42 ILE D CB   1 
ATOM 1168 C CG1  . ILE D 1 17 ? 3.785   -3.016  -12.598 1.00 0.00 ? 42 ILE D CG1  1 
ATOM 1169 C CG2  . ILE D 1 17 ? 4.683   -4.084  -14.669 1.00 0.00 ? 42 ILE D CG2  1 
ATOM 1170 C CD1  . ILE D 1 17 ? 2.535   -2.474  -13.294 1.00 0.00 ? 42 ILE D CD1  1 
ATOM 1171 H H    . ILE D 1 17 ? 5.663   -1.851  -11.457 1.00 0.00 ? 42 ILE D H    1 
ATOM 1172 H HA   . ILE D 1 17 ? 6.189   -4.426  -12.506 1.00 0.00 ? 42 ILE D HA   1 
ATOM 1173 H HB   . ILE D 1 17 ? 5.063   -2.067  -14.040 1.00 0.00 ? 42 ILE D HB   1 
ATOM 1174 H HG12 . ILE D 1 17 ? 3.594   -4.017  -12.242 1.00 0.00 ? 42 ILE D HG12 1 
ATOM 1175 H HG13 . ILE D 1 17 ? 4.033   -2.379  -11.761 1.00 0.00 ? 42 ILE D HG13 1 
ATOM 1176 H HG21 . ILE D 1 17 ? 4.290   -4.982  -14.215 1.00 0.00 ? 42 ILE D HG21 1 
ATOM 1177 H HG22 . ILE D 1 17 ? 5.602   -4.315  -15.186 1.00 0.00 ? 42 ILE D HG22 1 
ATOM 1178 H HG23 . ILE D 1 17 ? 3.963   -3.692  -15.372 1.00 0.00 ? 42 ILE D HG23 1 
ATOM 1179 H HD11 . ILE D 1 17 ? 2.101   -3.247  -13.910 1.00 0.00 ? 42 ILE D HD11 1 
ATOM 1180 H HD12 . ILE D 1 17 ? 2.804   -1.630  -13.911 1.00 0.00 ? 42 ILE D HD12 1 
ATOM 1181 H HD13 . ILE D 1 17 ? 1.817   -2.161  -12.550 1.00 0.00 ? 42 ILE D HD13 1 
ATOM 1182 N N    . LEU D 1 18 ? 7.897   -1.995  -13.916 1.00 0.00 ? 43 LEU D N    1 
ATOM 1183 C CA   . LEU D 1 18 ? 9.067   -1.750  -14.805 1.00 0.00 ? 43 LEU D CA   1 
ATOM 1184 C C    . LEU D 1 18 ? 10.328  -2.346  -14.175 1.00 0.00 ? 43 LEU D C    1 
ATOM 1185 O O    . LEU D 1 18 ? 11.098  -3.023  -14.827 1.00 0.00 ? 43 LEU D O    1 
ATOM 1186 C CB   . LEU D 1 18 ? 9.256   -0.244  -14.998 1.00 0.00 ? 43 LEU D CB   1 
ATOM 1187 C CG   . LEU D 1 18 ? 7.951   0.373   -15.505 1.00 0.00 ? 43 LEU D CG   1 
ATOM 1188 C CD1  . LEU D 1 18 ? 8.190   1.835   -15.881 1.00 0.00 ? 43 LEU D CD1  1 
ATOM 1189 C CD2  . LEU D 1 18 ? 7.468   -0.398  -16.736 1.00 0.00 ? 43 LEU D CD2  1 
ATOM 1190 H H    . LEU D 1 18 ? 7.463   -1.243  -13.460 1.00 0.00 ? 43 LEU D H    1 
ATOM 1191 H HA   . LEU D 1 18 ? 8.892   -2.217  -15.764 1.00 0.00 ? 43 LEU D HA   1 
ATOM 1192 H HB2  . LEU D 1 18 ? 9.528   0.208   -14.056 1.00 0.00 ? 43 LEU D HB2  1 
ATOM 1193 H HB3  . LEU D 1 18 ? 10.039  -0.070  -15.721 1.00 0.00 ? 43 LEU D HB3  1 
ATOM 1194 H HG   . LEU D 1 18 ? 7.202   0.319   -14.727 1.00 0.00 ? 43 LEU D HG   1 
ATOM 1195 H HD11 . LEU D 1 18 ? 7.740   2.038   -16.842 1.00 0.00 ? 43 LEU D HD11 1 
ATOM 1196 H HD12 . LEU D 1 18 ? 9.251   2.025   -15.935 1.00 0.00 ? 43 LEU D HD12 1 
ATOM 1197 H HD13 . LEU D 1 18 ? 7.746   2.477   -15.134 1.00 0.00 ? 43 LEU D HD13 1 
ATOM 1198 H HD21 . LEU D 1 18 ? 7.037   -1.338  -16.426 1.00 0.00 ? 43 LEU D HD21 1 
ATOM 1199 H HD22 . LEU D 1 18 ? 8.304   -0.585  -17.395 1.00 0.00 ? 43 LEU D HD22 1 
ATOM 1200 H HD23 . LEU D 1 18 ? 6.723   0.185   -17.256 1.00 0.00 ? 43 LEU D HD23 1 
# 
